data_8JGA
# 
_entry.id   8JGA 
# 
_audit_conform.dict_name       mmcif_pdbx.dic 
_audit_conform.dict_version    5.397 
_audit_conform.dict_location   http://mmcif.pdb.org/dictionaries/ascii/mmcif_pdbx.dic 
# 
loop_
_database_2.database_id 
_database_2.database_code 
_database_2.pdbx_database_accession 
_database_2.pdbx_DOI 
PDB   8JGA         pdb_00008jga 10.2210/pdb8jga/pdb 
WWPDB D_1300037820 ?            ?                   
EMDB  EMD-36228    ?            ?                   
# 
loop_
_pdbx_audit_revision_history.ordinal 
_pdbx_audit_revision_history.data_content_type 
_pdbx_audit_revision_history.major_revision 
_pdbx_audit_revision_history.minor_revision 
_pdbx_audit_revision_history.revision_date 
1 'Structure model' 1 0 2024-04-24 
2 'Structure model' 1 1 2024-10-16 
# 
_pdbx_audit_revision_details.ordinal             1 
_pdbx_audit_revision_details.revision_ordinal    1 
_pdbx_audit_revision_details.data_content_type   'Structure model' 
_pdbx_audit_revision_details.provider            repository 
_pdbx_audit_revision_details.type                'Initial release' 
_pdbx_audit_revision_details.description         ? 
_pdbx_audit_revision_details.details             ? 
# 
loop_
_pdbx_audit_revision_group.ordinal 
_pdbx_audit_revision_group.revision_ordinal 
_pdbx_audit_revision_group.data_content_type 
_pdbx_audit_revision_group.group 
1 2 'Structure model' 'Data collection'   
2 2 'Structure model' 'Structure summary' 
# 
loop_
_pdbx_audit_revision_category.ordinal 
_pdbx_audit_revision_category.revision_ordinal 
_pdbx_audit_revision_category.data_content_type 
_pdbx_audit_revision_category.category 
1 2 'Structure model' em_admin                  
2 2 'Structure model' pdbx_entry_details        
3 2 'Structure model' pdbx_modification_feature 
# 
_pdbx_audit_revision_item.ordinal             1 
_pdbx_audit_revision_item.revision_ordinal    2 
_pdbx_audit_revision_item.data_content_type   'Structure model' 
_pdbx_audit_revision_item.item                '_em_admin.last_update' 
# 
_pdbx_database_status.status_code                     REL 
_pdbx_database_status.status_code_sf                  ? 
_pdbx_database_status.status_code_mr                  ? 
_pdbx_database_status.entry_id                        8JGA 
_pdbx_database_status.recvd_initial_deposition_date   2023-05-20 
_pdbx_database_status.SG_entry                        N 
_pdbx_database_status.deposit_site                    PDBJ 
_pdbx_database_status.process_site                    PDBC 
_pdbx_database_status.status_code_cs                  ? 
_pdbx_database_status.status_code_nmr_data            ? 
_pdbx_database_status.methods_development_category    ? 
_pdbx_database_status.pdb_format_compatible           Y 
# 
_pdbx_database_related.db_name        EMDB 
_pdbx_database_related.details        'Mi3 fused with FKBP' 
_pdbx_database_related.db_id          EMD-36228 
_pdbx_database_related.content_type   'associated EM volume' 
# 
_pdbx_contact_author.id                 2 
_pdbx_contact_author.email              zhanghw@sustech.edu.cn 
_pdbx_contact_author.name_first         Huawei 
_pdbx_contact_author.name_last          Zhang 
_pdbx_contact_author.name_mi            ? 
_pdbx_contact_author.role               'principal investigator/group leader' 
_pdbx_contact_author.identifier_ORCID   0000-0002-5625-5809 
# 
loop_
_audit_author.name 
_audit_author.pdbx_ordinal 
_audit_author.identifier_ORCID 
'Zhang, H.W.' 1 ? 
'Kang, W.'    2 ? 
'Xue, C.'     3 ? 
# 
_citation.abstract                  ? 
_citation.abstract_id_CAS           ? 
_citation.book_id_ISBN              ? 
_citation.book_publisher            ? 
_citation.book_publisher_city       ? 
_citation.book_title                ? 
_citation.coordinate_linkage        ? 
_citation.country                   US 
_citation.database_id_Medline       ? 
_citation.details                   ? 
_citation.id                        primary 
_citation.journal_abbrev            J.Am.Chem.Soc. 
_citation.journal_id_ASTM           JACSAT 
_citation.journal_id_CSD            ? 
_citation.journal_id_ISSN           1520-5126 
_citation.journal_full              ? 
_citation.journal_issue             ? 
_citation.journal_volume            146 
_citation.language                  ? 
_citation.page_first                6686 
_citation.page_last                 6696 
_citation.title                     'Dynamic Metabolons Using Stimuli-Responsive Protein Cages.' 
_citation.year                      2024 
_citation.database_id_CSD           ? 
_citation.pdbx_database_id_DOI      10.1021/jacs.3c12876 
_citation.pdbx_database_id_PubMed   38425051 
_citation.pdbx_database_id_patent   ? 
_citation.unpublished_flag          ? 
# 
loop_
_citation_author.citation_id 
_citation_author.name 
_citation_author.ordinal 
_citation_author.identifier_ORCID 
primary 'Kang, W.'  1  ?                   
primary 'Ma, X.'    2  ?                   
primary 'Zhang, H.' 3  ?                   
primary 'Ma, J.'    4  ?                   
primary 'Liu, C.'   5  ?                   
primary 'Li, J.'    6  ?                   
primary 'Guo, H.'   7  ?                   
primary 'Wang, D.'  8  ?                   
primary 'Wang, R.'  9  0000-0003-3830-4133 
primary 'Li, B.'    10 0000-0001-9407-9503 
primary 'Xue, C.'   11 0000-0002-3856-8457 
# 
_entity.id                         1 
_entity.type                       polymer 
_entity.src_method                 man 
_entity.pdbx_description           
'Peptidyl-prolyl cis-trans isomerase FKBP1A,2-dehydro-3-deoxyphosphogluconate aldolase/4-hydroxy-2-oxoglutarate aldolase' 
_entity.formula_weight             36730.309 
_entity.pdbx_number_of_molecules   1 
_entity.pdbx_ec                    5.2.1.8 
_entity.pdbx_mutation              ? 
_entity.pdbx_fragment              ? 
_entity.details                    ? 
# 
_entity_name_com.entity_id   1 
_entity_name_com.name        
;PPIase FKBP1A,12 kDa FK506-binding protein,12 kDa FKBP,FKBP-12,Calstabin-1,FK506-binding protein 1A,FKBP-1A,Immunophilin FKBP12,Rotamase
;
# 
_entity_poly.entity_id                      1 
_entity_poly.type                           'polypeptide(L)' 
_entity_poly.nstd_linkage                   no 
_entity_poly.nstd_monomer                   no 
_entity_poly.pdbx_seq_one_letter_code       
;MGSSHHHHHHGGSGVQVETISPGDGRTFPKRGQTCVVHYTGMLEDGKKFDSSRDRNKPFKFMLGKQEVIRGWEEGVAQMS
VGQRAKLTISPDYAYGATGHPGIIPPHATLVFDVELLKLEGGSGGSGGSGGSMKMEELFKKHKIVAVLRANSVEEAKKKA
LAVFLGGVHLIEITFTVPDADTVIKELSFLKEMGAIIGAGTVTSVEQARKAVESGAEFIVSPHLDEEISQFAKEKGVFYM
PGVMTPTELVKAMKLGHTILKLFPGEVVGPQFVKAMKGPFPNVKFVPTGGVNLDNVCEWFKAGVLAVGVGSALVKGTPVE
VAEKAKAFVEKIRGCTEGSGEPEA
;
_entity_poly.pdbx_seq_one_letter_code_can   
;MGSSHHHHHHGGSGVQVETISPGDGRTFPKRGQTCVVHYTGMLEDGKKFDSSRDRNKPFKFMLGKQEVIRGWEEGVAQMS
VGQRAKLTISPDYAYGATGHPGIIPPHATLVFDVELLKLEGGSGGSGGSGGSMKMEELFKKHKIVAVLRANSVEEAKKKA
LAVFLGGVHLIEITFTVPDADTVIKELSFLKEMGAIIGAGTVTSVEQARKAVESGAEFIVSPHLDEEISQFAKEKGVFYM
PGVMTPTELVKAMKLGHTILKLFPGEVVGPQFVKAMKGPFPNVKFVPTGGVNLDNVCEWFKAGVLAVGVGSALVKGTPVE
VAEKAKAFVEKIRGCTEGSGEPEA
;
_entity_poly.pdbx_strand_id                 A 
_entity_poly.pdbx_target_identifier         ? 
# 
loop_
_entity_poly_seq.entity_id 
_entity_poly_seq.num 
_entity_poly_seq.mon_id 
_entity_poly_seq.hetero 
1 1   MET n 
1 2   GLY n 
1 3   SER n 
1 4   SER n 
1 5   HIS n 
1 6   HIS n 
1 7   HIS n 
1 8   HIS n 
1 9   HIS n 
1 10  HIS n 
1 11  GLY n 
1 12  GLY n 
1 13  SER n 
1 14  GLY n 
1 15  VAL n 
1 16  GLN n 
1 17  VAL n 
1 18  GLU n 
1 19  THR n 
1 20  ILE n 
1 21  SER n 
1 22  PRO n 
1 23  GLY n 
1 24  ASP n 
1 25  GLY n 
1 26  ARG n 
1 27  THR n 
1 28  PHE n 
1 29  PRO n 
1 30  LYS n 
1 31  ARG n 
1 32  GLY n 
1 33  GLN n 
1 34  THR n 
1 35  CYS n 
1 36  VAL n 
1 37  VAL n 
1 38  HIS n 
1 39  TYR n 
1 40  THR n 
1 41  GLY n 
1 42  MET n 
1 43  LEU n 
1 44  GLU n 
1 45  ASP n 
1 46  GLY n 
1 47  LYS n 
1 48  LYS n 
1 49  PHE n 
1 50  ASP n 
1 51  SER n 
1 52  SER n 
1 53  ARG n 
1 54  ASP n 
1 55  ARG n 
1 56  ASN n 
1 57  LYS n 
1 58  PRO n 
1 59  PHE n 
1 60  LYS n 
1 61  PHE n 
1 62  MET n 
1 63  LEU n 
1 64  GLY n 
1 65  LYS n 
1 66  GLN n 
1 67  GLU n 
1 68  VAL n 
1 69  ILE n 
1 70  ARG n 
1 71  GLY n 
1 72  TRP n 
1 73  GLU n 
1 74  GLU n 
1 75  GLY n 
1 76  VAL n 
1 77  ALA n 
1 78  GLN n 
1 79  MET n 
1 80  SER n 
1 81  VAL n 
1 82  GLY n 
1 83  GLN n 
1 84  ARG n 
1 85  ALA n 
1 86  LYS n 
1 87  LEU n 
1 88  THR n 
1 89  ILE n 
1 90  SER n 
1 91  PRO n 
1 92  ASP n 
1 93  TYR n 
1 94  ALA n 
1 95  TYR n 
1 96  GLY n 
1 97  ALA n 
1 98  THR n 
1 99  GLY n 
1 100 HIS n 
1 101 PRO n 
1 102 GLY n 
1 103 ILE n 
1 104 ILE n 
1 105 PRO n 
1 106 PRO n 
1 107 HIS n 
1 108 ALA n 
1 109 THR n 
1 110 LEU n 
1 111 VAL n 
1 112 PHE n 
1 113 ASP n 
1 114 VAL n 
1 115 GLU n 
1 116 LEU n 
1 117 LEU n 
1 118 LYS n 
1 119 LEU n 
1 120 GLU n 
1 121 GLY n 
1 122 GLY n 
1 123 SER n 
1 124 GLY n 
1 125 GLY n 
1 126 SER n 
1 127 GLY n 
1 128 GLY n 
1 129 SER n 
1 130 GLY n 
1 131 GLY n 
1 132 SER n 
1 133 MET n 
1 134 LYS n 
1 135 MET n 
1 136 GLU n 
1 137 GLU n 
1 138 LEU n 
1 139 PHE n 
1 140 LYS n 
1 141 LYS n 
1 142 HIS n 
1 143 LYS n 
1 144 ILE n 
1 145 VAL n 
1 146 ALA n 
1 147 VAL n 
1 148 LEU n 
1 149 ARG n 
1 150 ALA n 
1 151 ASN n 
1 152 SER n 
1 153 VAL n 
1 154 GLU n 
1 155 GLU n 
1 156 ALA n 
1 157 LYS n 
1 158 LYS n 
1 159 LYS n 
1 160 ALA n 
1 161 LEU n 
1 162 ALA n 
1 163 VAL n 
1 164 PHE n 
1 165 LEU n 
1 166 GLY n 
1 167 GLY n 
1 168 VAL n 
1 169 HIS n 
1 170 LEU n 
1 171 ILE n 
1 172 GLU n 
1 173 ILE n 
1 174 THR n 
1 175 PHE n 
1 176 THR n 
1 177 VAL n 
1 178 PRO n 
1 179 ASP n 
1 180 ALA n 
1 181 ASP n 
1 182 THR n 
1 183 VAL n 
1 184 ILE n 
1 185 LYS n 
1 186 GLU n 
1 187 LEU n 
1 188 SER n 
1 189 PHE n 
1 190 LEU n 
1 191 LYS n 
1 192 GLU n 
1 193 MET n 
1 194 GLY n 
1 195 ALA n 
1 196 ILE n 
1 197 ILE n 
1 198 GLY n 
1 199 ALA n 
1 200 GLY n 
1 201 THR n 
1 202 VAL n 
1 203 THR n 
1 204 SER n 
1 205 VAL n 
1 206 GLU n 
1 207 GLN n 
1 208 ALA n 
1 209 ARG n 
1 210 LYS n 
1 211 ALA n 
1 212 VAL n 
1 213 GLU n 
1 214 SER n 
1 215 GLY n 
1 216 ALA n 
1 217 GLU n 
1 218 PHE n 
1 219 ILE n 
1 220 VAL n 
1 221 SER n 
1 222 PRO n 
1 223 HIS n 
1 224 LEU n 
1 225 ASP n 
1 226 GLU n 
1 227 GLU n 
1 228 ILE n 
1 229 SER n 
1 230 GLN n 
1 231 PHE n 
1 232 ALA n 
1 233 LYS n 
1 234 GLU n 
1 235 LYS n 
1 236 GLY n 
1 237 VAL n 
1 238 PHE n 
1 239 TYR n 
1 240 MET n 
1 241 PRO n 
1 242 GLY n 
1 243 VAL n 
1 244 MET n 
1 245 THR n 
1 246 PRO n 
1 247 THR n 
1 248 GLU n 
1 249 LEU n 
1 250 VAL n 
1 251 LYS n 
1 252 ALA n 
1 253 MET n 
1 254 LYS n 
1 255 LEU n 
1 256 GLY n 
1 257 HIS n 
1 258 THR n 
1 259 ILE n 
1 260 LEU n 
1 261 LYS n 
1 262 LEU n 
1 263 PHE n 
1 264 PRO n 
1 265 GLY n 
1 266 GLU n 
1 267 VAL n 
1 268 VAL n 
1 269 GLY n 
1 270 PRO n 
1 271 GLN n 
1 272 PHE n 
1 273 VAL n 
1 274 LYS n 
1 275 ALA n 
1 276 MET n 
1 277 LYS n 
1 278 GLY n 
1 279 PRO n 
1 280 PHE n 
1 281 PRO n 
1 282 ASN n 
1 283 VAL n 
1 284 LYS n 
1 285 PHE n 
1 286 VAL n 
1 287 PRO n 
1 288 THR n 
1 289 GLY n 
1 290 GLY n 
1 291 VAL n 
1 292 ASN n 
1 293 LEU n 
1 294 ASP n 
1 295 ASN n 
1 296 VAL n 
1 297 CYS n 
1 298 GLU n 
1 299 TRP n 
1 300 PHE n 
1 301 LYS n 
1 302 ALA n 
1 303 GLY n 
1 304 VAL n 
1 305 LEU n 
1 306 ALA n 
1 307 VAL n 
1 308 GLY n 
1 309 VAL n 
1 310 GLY n 
1 311 SER n 
1 312 ALA n 
1 313 LEU n 
1 314 VAL n 
1 315 LYS n 
1 316 GLY n 
1 317 THR n 
1 318 PRO n 
1 319 VAL n 
1 320 GLU n 
1 321 VAL n 
1 322 ALA n 
1 323 GLU n 
1 324 LYS n 
1 325 ALA n 
1 326 LYS n 
1 327 ALA n 
1 328 PHE n 
1 329 VAL n 
1 330 GLU n 
1 331 LYS n 
1 332 ILE n 
1 333 ARG n 
1 334 GLY n 
1 335 CYS n 
1 336 THR n 
1 337 GLU n 
1 338 GLY n 
1 339 SER n 
1 340 GLY n 
1 341 GLU n 
1 342 PRO n 
1 343 GLU n 
1 344 ALA n 
# 
loop_
_entity_src_gen.entity_id 
_entity_src_gen.pdbx_src_id 
_entity_src_gen.pdbx_alt_source_flag 
_entity_src_gen.pdbx_seq_type 
_entity_src_gen.pdbx_beg_seq_num 
_entity_src_gen.pdbx_end_seq_num 
_entity_src_gen.gene_src_common_name 
_entity_src_gen.gene_src_genus 
_entity_src_gen.pdbx_gene_src_gene 
_entity_src_gen.gene_src_species 
_entity_src_gen.gene_src_strain 
_entity_src_gen.gene_src_tissue 
_entity_src_gen.gene_src_tissue_fraction 
_entity_src_gen.gene_src_details 
_entity_src_gen.pdbx_gene_src_fragment 
_entity_src_gen.pdbx_gene_src_scientific_name 
_entity_src_gen.pdbx_gene_src_ncbi_taxonomy_id 
_entity_src_gen.pdbx_gene_src_variant 
_entity_src_gen.pdbx_gene_src_cell_line 
_entity_src_gen.pdbx_gene_src_atcc 
_entity_src_gen.pdbx_gene_src_organ 
_entity_src_gen.pdbx_gene_src_organelle 
_entity_src_gen.pdbx_gene_src_cell 
_entity_src_gen.pdbx_gene_src_cellular_location 
_entity_src_gen.host_org_common_name 
_entity_src_gen.pdbx_host_org_scientific_name 
_entity_src_gen.pdbx_host_org_ncbi_taxonomy_id 
_entity_src_gen.host_org_genus 
_entity_src_gen.pdbx_host_org_gene 
_entity_src_gen.pdbx_host_org_organ 
_entity_src_gen.host_org_species 
_entity_src_gen.pdbx_host_org_tissue 
_entity_src_gen.pdbx_host_org_tissue_fraction 
_entity_src_gen.pdbx_host_org_strain 
_entity_src_gen.pdbx_host_org_variant 
_entity_src_gen.pdbx_host_org_cell_line 
_entity_src_gen.pdbx_host_org_atcc 
_entity_src_gen.pdbx_host_org_culture_collection 
_entity_src_gen.pdbx_host_org_cell 
_entity_src_gen.pdbx_host_org_organelle 
_entity_src_gen.pdbx_host_org_cellular_location 
_entity_src_gen.pdbx_host_org_vector_type 
_entity_src_gen.pdbx_host_org_vector 
_entity_src_gen.host_org_details 
_entity_src_gen.expression_system_id 
_entity_src_gen.plasmid_name 
_entity_src_gen.plasmid_details 
_entity_src_gen.pdbx_description 
1 1 sample 'Biological sequence' 1   132 human ? 'FKBP1A, FKBP1, FKBP12' ? ? ? ? ? ? 'Homo sapiens' 9606   ? ? ? ? ? ? ? ? 
'Escherichia coli' 562 ? ? ? ? ? ? ? ? ? ? ? ? ? ? ? ? ? ? ? ? ? 
1 2 sample 'Biological sequence' 133 344 ?     ? TM_0066                 ? ? ? ? ? ? 
'Thermotoga maritima (strain ATCC 43589 / DSM 3109 / JCM 10099 / NBRC 100826 / MSB8)' 243274 ? ? ? ? ? ? ? ? 'Escherichia coli' 
562 ? ? ? ? ? ? ? ? ? ? ? ? ? ? ? ? ? ? ? ? ? 
# 
loop_
_chem_comp.id 
_chem_comp.type 
_chem_comp.mon_nstd_flag 
_chem_comp.name 
_chem_comp.pdbx_synonyms 
_chem_comp.formula 
_chem_comp.formula_weight 
ALA 'L-peptide linking' y ALANINE         ? 'C3 H7 N O2'     89.093  
ARG 'L-peptide linking' y ARGININE        ? 'C6 H15 N4 O2 1' 175.209 
ASN 'L-peptide linking' y ASPARAGINE      ? 'C4 H8 N2 O3'    132.118 
ASP 'L-peptide linking' y 'ASPARTIC ACID' ? 'C4 H7 N O4'     133.103 
CYS 'L-peptide linking' y CYSTEINE        ? 'C3 H7 N O2 S'   121.158 
GLN 'L-peptide linking' y GLUTAMINE       ? 'C5 H10 N2 O3'   146.144 
GLU 'L-peptide linking' y 'GLUTAMIC ACID' ? 'C5 H9 N O4'     147.129 
GLY 'peptide linking'   y GLYCINE         ? 'C2 H5 N O2'     75.067  
HIS 'L-peptide linking' y HISTIDINE       ? 'C6 H10 N3 O2 1' 156.162 
ILE 'L-peptide linking' y ISOLEUCINE      ? 'C6 H13 N O2'    131.173 
LEU 'L-peptide linking' y LEUCINE         ? 'C6 H13 N O2'    131.173 
LYS 'L-peptide linking' y LYSINE          ? 'C6 H15 N2 O2 1' 147.195 
MET 'L-peptide linking' y METHIONINE      ? 'C5 H11 N O2 S'  149.211 
PHE 'L-peptide linking' y PHENYLALANINE   ? 'C9 H11 N O2'    165.189 
PRO 'L-peptide linking' y PROLINE         ? 'C5 H9 N O2'     115.130 
SER 'L-peptide linking' y SERINE          ? 'C3 H7 N O3'     105.093 
THR 'L-peptide linking' y THREONINE       ? 'C4 H9 N O3'     119.119 
TRP 'L-peptide linking' y TRYPTOPHAN      ? 'C11 H12 N2 O2'  204.225 
TYR 'L-peptide linking' y TYROSINE        ? 'C9 H11 N O3'    181.189 
VAL 'L-peptide linking' y VALINE          ? 'C5 H11 N O2'    117.146 
# 
loop_
_pdbx_poly_seq_scheme.asym_id 
_pdbx_poly_seq_scheme.entity_id 
_pdbx_poly_seq_scheme.seq_id 
_pdbx_poly_seq_scheme.mon_id 
_pdbx_poly_seq_scheme.ndb_seq_num 
_pdbx_poly_seq_scheme.pdb_seq_num 
_pdbx_poly_seq_scheme.auth_seq_num 
_pdbx_poly_seq_scheme.pdb_mon_id 
_pdbx_poly_seq_scheme.auth_mon_id 
_pdbx_poly_seq_scheme.pdb_strand_id 
_pdbx_poly_seq_scheme.pdb_ins_code 
_pdbx_poly_seq_scheme.hetero 
A 1 1   MET 1   -131 ?   ?   ?   A . n 
A 1 2   GLY 2   -130 ?   ?   ?   A . n 
A 1 3   SER 3   -129 ?   ?   ?   A . n 
A 1 4   SER 4   -128 ?   ?   ?   A . n 
A 1 5   HIS 5   -127 ?   ?   ?   A . n 
A 1 6   HIS 6   -126 ?   ?   ?   A . n 
A 1 7   HIS 7   -125 ?   ?   ?   A . n 
A 1 8   HIS 8   -124 ?   ?   ?   A . n 
A 1 9   HIS 9   -123 ?   ?   ?   A . n 
A 1 10  HIS 10  -122 ?   ?   ?   A . n 
A 1 11  GLY 11  -121 ?   ?   ?   A . n 
A 1 12  GLY 12  -120 ?   ?   ?   A . n 
A 1 13  SER 13  -119 ?   ?   ?   A . n 
A 1 14  GLY 14  -118 ?   ?   ?   A . n 
A 1 15  VAL 15  -117 ?   ?   ?   A . n 
A 1 16  GLN 16  -116 ?   ?   ?   A . n 
A 1 17  VAL 17  -115 ?   ?   ?   A . n 
A 1 18  GLU 18  -114 ?   ?   ?   A . n 
A 1 19  THR 19  -113 ?   ?   ?   A . n 
A 1 20  ILE 20  -112 ?   ?   ?   A . n 
A 1 21  SER 21  -111 ?   ?   ?   A . n 
A 1 22  PRO 22  -110 ?   ?   ?   A . n 
A 1 23  GLY 23  -109 ?   ?   ?   A . n 
A 1 24  ASP 24  -108 ?   ?   ?   A . n 
A 1 25  GLY 25  -107 ?   ?   ?   A . n 
A 1 26  ARG 26  -106 ?   ?   ?   A . n 
A 1 27  THR 27  -105 ?   ?   ?   A . n 
A 1 28  PHE 28  -104 ?   ?   ?   A . n 
A 1 29  PRO 29  -103 ?   ?   ?   A . n 
A 1 30  LYS 30  -102 ?   ?   ?   A . n 
A 1 31  ARG 31  -101 ?   ?   ?   A . n 
A 1 32  GLY 32  -100 ?   ?   ?   A . n 
A 1 33  GLN 33  -99  ?   ?   ?   A . n 
A 1 34  THR 34  -98  ?   ?   ?   A . n 
A 1 35  CYS 35  -97  ?   ?   ?   A . n 
A 1 36  VAL 36  -96  ?   ?   ?   A . n 
A 1 37  VAL 37  -95  ?   ?   ?   A . n 
A 1 38  HIS 38  -94  ?   ?   ?   A . n 
A 1 39  TYR 39  -93  ?   ?   ?   A . n 
A 1 40  THR 40  -92  ?   ?   ?   A . n 
A 1 41  GLY 41  -91  ?   ?   ?   A . n 
A 1 42  MET 42  -90  ?   ?   ?   A . n 
A 1 43  LEU 43  -89  ?   ?   ?   A . n 
A 1 44  GLU 44  -88  ?   ?   ?   A . n 
A 1 45  ASP 45  -87  ?   ?   ?   A . n 
A 1 46  GLY 46  -86  ?   ?   ?   A . n 
A 1 47  LYS 47  -85  ?   ?   ?   A . n 
A 1 48  LYS 48  -84  ?   ?   ?   A . n 
A 1 49  PHE 49  -83  ?   ?   ?   A . n 
A 1 50  ASP 50  -82  ?   ?   ?   A . n 
A 1 51  SER 51  -81  ?   ?   ?   A . n 
A 1 52  SER 52  -80  ?   ?   ?   A . n 
A 1 53  ARG 53  -79  ?   ?   ?   A . n 
A 1 54  ASP 54  -78  ?   ?   ?   A . n 
A 1 55  ARG 55  -77  ?   ?   ?   A . n 
A 1 56  ASN 56  -76  ?   ?   ?   A . n 
A 1 57  LYS 57  -75  ?   ?   ?   A . n 
A 1 58  PRO 58  -74  ?   ?   ?   A . n 
A 1 59  PHE 59  -73  ?   ?   ?   A . n 
A 1 60  LYS 60  -72  ?   ?   ?   A . n 
A 1 61  PHE 61  -71  ?   ?   ?   A . n 
A 1 62  MET 62  -70  ?   ?   ?   A . n 
A 1 63  LEU 63  -69  ?   ?   ?   A . n 
A 1 64  GLY 64  -68  ?   ?   ?   A . n 
A 1 65  LYS 65  -67  ?   ?   ?   A . n 
A 1 66  GLN 66  -66  ?   ?   ?   A . n 
A 1 67  GLU 67  -65  ?   ?   ?   A . n 
A 1 68  VAL 68  -64  ?   ?   ?   A . n 
A 1 69  ILE 69  -63  ?   ?   ?   A . n 
A 1 70  ARG 70  -62  ?   ?   ?   A . n 
A 1 71  GLY 71  -61  ?   ?   ?   A . n 
A 1 72  TRP 72  -60  ?   ?   ?   A . n 
A 1 73  GLU 73  -59  ?   ?   ?   A . n 
A 1 74  GLU 74  -58  ?   ?   ?   A . n 
A 1 75  GLY 75  -57  ?   ?   ?   A . n 
A 1 76  VAL 76  -56  ?   ?   ?   A . n 
A 1 77  ALA 77  -55  ?   ?   ?   A . n 
A 1 78  GLN 78  -54  ?   ?   ?   A . n 
A 1 79  MET 79  -53  ?   ?   ?   A . n 
A 1 80  SER 80  -52  ?   ?   ?   A . n 
A 1 81  VAL 81  -51  ?   ?   ?   A . n 
A 1 82  GLY 82  -50  ?   ?   ?   A . n 
A 1 83  GLN 83  -49  ?   ?   ?   A . n 
A 1 84  ARG 84  -48  ?   ?   ?   A . n 
A 1 85  ALA 85  -47  ?   ?   ?   A . n 
A 1 86  LYS 86  -46  ?   ?   ?   A . n 
A 1 87  LEU 87  -45  ?   ?   ?   A . n 
A 1 88  THR 88  -44  ?   ?   ?   A . n 
A 1 89  ILE 89  -43  ?   ?   ?   A . n 
A 1 90  SER 90  -42  ?   ?   ?   A . n 
A 1 91  PRO 91  -41  ?   ?   ?   A . n 
A 1 92  ASP 92  -40  ?   ?   ?   A . n 
A 1 93  TYR 93  -39  ?   ?   ?   A . n 
A 1 94  ALA 94  -38  ?   ?   ?   A . n 
A 1 95  TYR 95  -37  ?   ?   ?   A . n 
A 1 96  GLY 96  -36  ?   ?   ?   A . n 
A 1 97  ALA 97  -35  ?   ?   ?   A . n 
A 1 98  THR 98  -34  ?   ?   ?   A . n 
A 1 99  GLY 99  -33  ?   ?   ?   A . n 
A 1 100 HIS 100 -32  ?   ?   ?   A . n 
A 1 101 PRO 101 -31  ?   ?   ?   A . n 
A 1 102 GLY 102 -30  ?   ?   ?   A . n 
A 1 103 ILE 103 -29  ?   ?   ?   A . n 
A 1 104 ILE 104 -28  ?   ?   ?   A . n 
A 1 105 PRO 105 -27  ?   ?   ?   A . n 
A 1 106 PRO 106 -26  ?   ?   ?   A . n 
A 1 107 HIS 107 -25  ?   ?   ?   A . n 
A 1 108 ALA 108 -24  ?   ?   ?   A . n 
A 1 109 THR 109 -23  ?   ?   ?   A . n 
A 1 110 LEU 110 -22  ?   ?   ?   A . n 
A 1 111 VAL 111 -21  ?   ?   ?   A . n 
A 1 112 PHE 112 -20  ?   ?   ?   A . n 
A 1 113 ASP 113 -19  ?   ?   ?   A . n 
A 1 114 VAL 114 -18  ?   ?   ?   A . n 
A 1 115 GLU 115 -17  ?   ?   ?   A . n 
A 1 116 LEU 116 -16  ?   ?   ?   A . n 
A 1 117 LEU 117 -15  ?   ?   ?   A . n 
A 1 118 LYS 118 -14  ?   ?   ?   A . n 
A 1 119 LEU 119 -13  ?   ?   ?   A . n 
A 1 120 GLU 120 -12  ?   ?   ?   A . n 
A 1 121 GLY 121 -11  ?   ?   ?   A . n 
A 1 122 GLY 122 -10  ?   ?   ?   A . n 
A 1 123 SER 123 -9   ?   ?   ?   A . n 
A 1 124 GLY 124 -8   ?   ?   ?   A . n 
A 1 125 GLY 125 -7   ?   ?   ?   A . n 
A 1 126 SER 126 -6   ?   ?   ?   A . n 
A 1 127 GLY 127 -5   ?   ?   ?   A . n 
A 1 128 GLY 128 -4   ?   ?   ?   A . n 
A 1 129 SER 129 -3   ?   ?   ?   A . n 
A 1 130 GLY 130 -2   ?   ?   ?   A . n 
A 1 131 GLY 131 -1   ?   ?   ?   A . n 
A 1 132 SER 132 0    ?   ?   ?   A . n 
A 1 133 MET 133 1    ?   ?   ?   A . n 
A 1 134 LYS 134 2    2   LYS LYS A . n 
A 1 135 MET 135 3    3   MET MET A . n 
A 1 136 GLU 136 4    4   GLU GLU A . n 
A 1 137 GLU 137 5    5   GLU GLU A . n 
A 1 138 LEU 138 6    6   LEU LEU A . n 
A 1 139 PHE 139 7    7   PHE PHE A . n 
A 1 140 LYS 140 8    8   LYS LYS A . n 
A 1 141 LYS 141 9    9   LYS LYS A . n 
A 1 142 HIS 142 10   10  HIS HIS A . n 
A 1 143 LYS 143 11   11  LYS LYS A . n 
A 1 144 ILE 144 12   12  ILE ILE A . n 
A 1 145 VAL 145 13   13  VAL VAL A . n 
A 1 146 ALA 146 14   14  ALA ALA A . n 
A 1 147 VAL 147 15   15  VAL VAL A . n 
A 1 148 LEU 148 16   16  LEU LEU A . n 
A 1 149 ARG 149 17   17  ARG ARG A . n 
A 1 150 ALA 150 18   18  ALA ALA A . n 
A 1 151 ASN 151 19   19  ASN ASN A . n 
A 1 152 SER 152 20   20  SER SER A . n 
A 1 153 VAL 153 21   21  VAL VAL A . n 
A 1 154 GLU 154 22   22  GLU GLU A . n 
A 1 155 GLU 155 23   23  GLU GLU A . n 
A 1 156 ALA 156 24   24  ALA ALA A . n 
A 1 157 LYS 157 25   25  LYS LYS A . n 
A 1 158 LYS 158 26   26  LYS LYS A . n 
A 1 159 LYS 159 27   27  LYS LYS A . n 
A 1 160 ALA 160 28   28  ALA ALA A . n 
A 1 161 LEU 161 29   29  LEU LEU A . n 
A 1 162 ALA 162 30   30  ALA ALA A . n 
A 1 163 VAL 163 31   31  VAL VAL A . n 
A 1 164 PHE 164 32   32  PHE PHE A . n 
A 1 165 LEU 165 33   33  LEU LEU A . n 
A 1 166 GLY 166 34   34  GLY GLY A . n 
A 1 167 GLY 167 35   35  GLY GLY A . n 
A 1 168 VAL 168 36   36  VAL VAL A . n 
A 1 169 HIS 169 37   37  HIS HIS A . n 
A 1 170 LEU 170 38   38  LEU LEU A . n 
A 1 171 ILE 171 39   39  ILE ILE A . n 
A 1 172 GLU 172 40   40  GLU GLU A . n 
A 1 173 ILE 173 41   41  ILE ILE A . n 
A 1 174 THR 174 42   42  THR THR A . n 
A 1 175 PHE 175 43   43  PHE PHE A . n 
A 1 176 THR 176 44   44  THR THR A . n 
A 1 177 VAL 177 45   45  VAL VAL A . n 
A 1 178 PRO 178 46   46  PRO PRO A . n 
A 1 179 ASP 179 47   47  ASP ASP A . n 
A 1 180 ALA 180 48   48  ALA ALA A . n 
A 1 181 ASP 181 49   49  ASP ASP A . n 
A 1 182 THR 182 50   50  THR THR A . n 
A 1 183 VAL 183 51   51  VAL VAL A . n 
A 1 184 ILE 184 52   52  ILE ILE A . n 
A 1 185 LYS 185 53   53  LYS LYS A . n 
A 1 186 GLU 186 54   54  GLU GLU A . n 
A 1 187 LEU 187 55   55  LEU LEU A . n 
A 1 188 SER 188 56   56  SER SER A . n 
A 1 189 PHE 189 57   57  PHE PHE A . n 
A 1 190 LEU 190 58   58  LEU LEU A . n 
A 1 191 LYS 191 59   59  LYS LYS A . n 
A 1 192 GLU 192 60   60  GLU GLU A . n 
A 1 193 MET 193 61   61  MET MET A . n 
A 1 194 GLY 194 62   62  GLY GLY A . n 
A 1 195 ALA 195 63   63  ALA ALA A . n 
A 1 196 ILE 196 64   64  ILE ILE A . n 
A 1 197 ILE 197 65   65  ILE ILE A . n 
A 1 198 GLY 198 66   66  GLY GLY A . n 
A 1 199 ALA 199 67   67  ALA ALA A . n 
A 1 200 GLY 200 68   68  GLY GLY A . n 
A 1 201 THR 201 69   69  THR THR A . n 
A 1 202 VAL 202 70   70  VAL VAL A . n 
A 1 203 THR 203 71   71  THR THR A . n 
A 1 204 SER 204 72   72  SER SER A . n 
A 1 205 VAL 205 73   73  VAL VAL A . n 
A 1 206 GLU 206 74   74  GLU GLU A . n 
A 1 207 GLN 207 75   75  GLN GLN A . n 
A 1 208 ALA 208 76   76  ALA ALA A . n 
A 1 209 ARG 209 77   77  ARG ARG A . n 
A 1 210 LYS 210 78   78  LYS LYS A . n 
A 1 211 ALA 211 79   79  ALA ALA A . n 
A 1 212 VAL 212 80   80  VAL VAL A . n 
A 1 213 GLU 213 81   81  GLU GLU A . n 
A 1 214 SER 214 82   82  SER SER A . n 
A 1 215 GLY 215 83   83  GLY GLY A . n 
A 1 216 ALA 216 84   84  ALA ALA A . n 
A 1 217 GLU 217 85   85  GLU GLU A . n 
A 1 218 PHE 218 86   86  PHE PHE A . n 
A 1 219 ILE 219 87   87  ILE ILE A . n 
A 1 220 VAL 220 88   88  VAL VAL A . n 
A 1 221 SER 221 89   89  SER SER A . n 
A 1 222 PRO 222 90   90  PRO PRO A . n 
A 1 223 HIS 223 91   91  HIS HIS A . n 
A 1 224 LEU 224 92   92  LEU LEU A . n 
A 1 225 ASP 225 93   93  ASP ASP A . n 
A 1 226 GLU 226 94   94  GLU GLU A . n 
A 1 227 GLU 227 95   95  GLU GLU A . n 
A 1 228 ILE 228 96   96  ILE ILE A . n 
A 1 229 SER 229 97   97  SER SER A . n 
A 1 230 GLN 230 98   98  GLN GLN A . n 
A 1 231 PHE 231 99   99  PHE PHE A . n 
A 1 232 ALA 232 100  100 ALA ALA A . n 
A 1 233 LYS 233 101  101 LYS LYS A . n 
A 1 234 GLU 234 102  102 GLU GLU A . n 
A 1 235 LYS 235 103  103 LYS LYS A . n 
A 1 236 GLY 236 104  104 GLY GLY A . n 
A 1 237 VAL 237 105  105 VAL VAL A . n 
A 1 238 PHE 238 106  106 PHE PHE A . n 
A 1 239 TYR 239 107  107 TYR TYR A . n 
A 1 240 MET 240 108  108 MET MET A . n 
A 1 241 PRO 241 109  109 PRO PRO A . n 
A 1 242 GLY 242 110  110 GLY GLY A . n 
A 1 243 VAL 243 111  111 VAL VAL A . n 
A 1 244 MET 244 112  112 MET MET A . n 
A 1 245 THR 245 113  113 THR THR A . n 
A 1 246 PRO 246 114  114 PRO PRO A . n 
A 1 247 THR 247 115  115 THR THR A . n 
A 1 248 GLU 248 116  116 GLU GLU A . n 
A 1 249 LEU 249 117  117 LEU LEU A . n 
A 1 250 VAL 250 118  118 VAL VAL A . n 
A 1 251 LYS 251 119  119 LYS LYS A . n 
A 1 252 ALA 252 120  120 ALA ALA A . n 
A 1 253 MET 253 121  121 MET MET A . n 
A 1 254 LYS 254 122  122 LYS LYS A . n 
A 1 255 LEU 255 123  123 LEU LEU A . n 
A 1 256 GLY 256 124  124 GLY GLY A . n 
A 1 257 HIS 257 125  125 HIS HIS A . n 
A 1 258 THR 258 126  126 THR THR A . n 
A 1 259 ILE 259 127  127 ILE ILE A . n 
A 1 260 LEU 260 128  128 LEU LEU A . n 
A 1 261 LYS 261 129  129 LYS LYS A . n 
A 1 262 LEU 262 130  130 LEU LEU A . n 
A 1 263 PHE 263 131  131 PHE PHE A . n 
A 1 264 PRO 264 132  132 PRO PRO A . n 
A 1 265 GLY 265 133  133 GLY GLY A . n 
A 1 266 GLU 266 134  134 GLU GLU A . n 
A 1 267 VAL 267 135  135 VAL VAL A . n 
A 1 268 VAL 268 136  136 VAL VAL A . n 
A 1 269 GLY 269 137  137 GLY GLY A . n 
A 1 270 PRO 270 138  138 PRO PRO A . n 
A 1 271 GLN 271 139  139 GLN GLN A . n 
A 1 272 PHE 272 140  140 PHE PHE A . n 
A 1 273 VAL 273 141  141 VAL VAL A . n 
A 1 274 LYS 274 142  142 LYS LYS A . n 
A 1 275 ALA 275 143  143 ALA ALA A . n 
A 1 276 MET 276 144  144 MET MET A . n 
A 1 277 LYS 277 145  145 LYS LYS A . n 
A 1 278 GLY 278 146  146 GLY GLY A . n 
A 1 279 PRO 279 147  147 PRO PRO A . n 
A 1 280 PHE 280 148  148 PHE PHE A . n 
A 1 281 PRO 281 149  149 PRO PRO A . n 
A 1 282 ASN 282 150  150 ASN ASN A . n 
A 1 283 VAL 283 151  151 VAL VAL A . n 
A 1 284 LYS 284 152  152 LYS LYS A . n 
A 1 285 PHE 285 153  153 PHE PHE A . n 
A 1 286 VAL 286 154  154 VAL VAL A . n 
A 1 287 PRO 287 155  155 PRO PRO A . n 
A 1 288 THR 288 156  156 THR THR A . n 
A 1 289 GLY 289 157  157 GLY GLY A . n 
A 1 290 GLY 290 158  158 GLY GLY A . n 
A 1 291 VAL 291 159  159 VAL VAL A . n 
A 1 292 ASN 292 160  160 ASN ASN A . n 
A 1 293 LEU 293 161  161 LEU LEU A . n 
A 1 294 ASP 294 162  162 ASP ASP A . n 
A 1 295 ASN 295 163  163 ASN ASN A . n 
A 1 296 VAL 296 164  164 VAL VAL A . n 
A 1 297 CYS 297 165  165 CYS CYS A . n 
A 1 298 GLU 298 166  166 GLU GLU A . n 
A 1 299 TRP 299 167  167 TRP TRP A . n 
A 1 300 PHE 300 168  168 PHE PHE A . n 
A 1 301 LYS 301 169  169 LYS LYS A . n 
A 1 302 ALA 302 170  170 ALA ALA A . n 
A 1 303 GLY 303 171  171 GLY GLY A . n 
A 1 304 VAL 304 172  172 VAL VAL A . n 
A 1 305 LEU 305 173  173 LEU LEU A . n 
A 1 306 ALA 306 174  174 ALA ALA A . n 
A 1 307 VAL 307 175  175 VAL VAL A . n 
A 1 308 GLY 308 176  176 GLY GLY A . n 
A 1 309 VAL 309 177  177 VAL VAL A . n 
A 1 310 GLY 310 178  178 GLY GLY A . n 
A 1 311 SER 311 179  179 SER SER A . n 
A 1 312 ALA 312 180  180 ALA ALA A . n 
A 1 313 LEU 313 181  181 LEU LEU A . n 
A 1 314 VAL 314 182  182 VAL VAL A . n 
A 1 315 LYS 315 183  183 LYS LYS A . n 
A 1 316 GLY 316 184  184 GLY GLY A . n 
A 1 317 THR 317 185  185 THR THR A . n 
A 1 318 PRO 318 186  186 PRO PRO A . n 
A 1 319 VAL 319 187  187 VAL VAL A . n 
A 1 320 GLU 320 188  188 GLU GLU A . n 
A 1 321 VAL 321 189  189 VAL VAL A . n 
A 1 322 ALA 322 190  190 ALA ALA A . n 
A 1 323 GLU 323 191  191 GLU GLU A . n 
A 1 324 LYS 324 192  192 LYS LYS A . n 
A 1 325 ALA 325 193  193 ALA ALA A . n 
A 1 326 LYS 326 194  194 LYS LYS A . n 
A 1 327 ALA 327 195  195 ALA ALA A . n 
A 1 328 PHE 328 196  196 PHE PHE A . n 
A 1 329 VAL 329 197  197 VAL VAL A . n 
A 1 330 GLU 330 198  198 GLU GLU A . n 
A 1 331 LYS 331 199  199 LYS LYS A . n 
A 1 332 ILE 332 200  200 ILE ILE A . n 
A 1 333 ARG 333 201  201 ARG ARG A . n 
A 1 334 GLY 334 202  202 GLY GLY A . n 
A 1 335 CYS 335 203  203 CYS CYS A . n 
A 1 336 THR 336 204  ?   ?   ?   A . n 
A 1 337 GLU 337 205  ?   ?   ?   A . n 
A 1 338 GLY 338 206  ?   ?   ?   A . n 
A 1 339 SER 339 207  ?   ?   ?   A . n 
A 1 340 GLY 340 208  ?   ?   ?   A . n 
A 1 341 GLU 341 209  ?   ?   ?   A . n 
A 1 342 PRO 342 210  ?   ?   ?   A . n 
A 1 343 GLU 343 211  ?   ?   ?   A . n 
A 1 344 ALA 344 212  ?   ?   ?   A . n 
# 
loop_
_pdbx_unobs_or_zero_occ_atoms.id 
_pdbx_unobs_or_zero_occ_atoms.PDB_model_num 
_pdbx_unobs_or_zero_occ_atoms.polymer_flag 
_pdbx_unobs_or_zero_occ_atoms.occupancy_flag 
_pdbx_unobs_or_zero_occ_atoms.auth_asym_id 
_pdbx_unobs_or_zero_occ_atoms.auth_comp_id 
_pdbx_unobs_or_zero_occ_atoms.auth_seq_id 
_pdbx_unobs_or_zero_occ_atoms.PDB_ins_code 
_pdbx_unobs_or_zero_occ_atoms.auth_atom_id 
_pdbx_unobs_or_zero_occ_atoms.label_alt_id 
_pdbx_unobs_or_zero_occ_atoms.label_asym_id 
_pdbx_unobs_or_zero_occ_atoms.label_comp_id 
_pdbx_unobs_or_zero_occ_atoms.label_seq_id 
_pdbx_unobs_or_zero_occ_atoms.label_atom_id 
1 1 Y 1 A LYS 2 ? CB ? A LYS 134 CB 
2 1 Y 1 A LYS 2 ? CG ? A LYS 134 CG 
3 1 Y 1 A LYS 2 ? CD ? A LYS 134 CD 
4 1 Y 1 A LYS 2 ? CE ? A LYS 134 CE 
5 1 Y 1 A LYS 2 ? NZ ? A LYS 134 NZ 
6 1 Y 1 A MET 3 ? CB ? A MET 135 CB 
7 1 Y 1 A MET 3 ? CG ? A MET 135 CG 
8 1 Y 1 A MET 3 ? SD ? A MET 135 SD 
9 1 Y 1 A MET 3 ? CE ? A MET 135 CE 
# 
_cell.angle_alpha                  90.00 
_cell.angle_alpha_esd              ? 
_cell.angle_beta                   90.00 
_cell.angle_beta_esd               ? 
_cell.angle_gamma                  90.00 
_cell.angle_gamma_esd              ? 
_cell.entry_id                     8JGA 
_cell.details                      ? 
_cell.formula_units_Z              ? 
_cell.length_a                     1.00 
_cell.length_a_esd                 ? 
_cell.length_b                     1.00 
_cell.length_b_esd                 ? 
_cell.length_c                     1.00 
_cell.length_c_esd                 ? 
_cell.volume                       ? 
_cell.volume_esd                   ? 
_cell.Z_PDB                        ? 
_cell.reciprocal_angle_alpha       ? 
_cell.reciprocal_angle_beta        ? 
_cell.reciprocal_angle_gamma       ? 
_cell.reciprocal_angle_alpha_esd   ? 
_cell.reciprocal_angle_beta_esd    ? 
_cell.reciprocal_angle_gamma_esd   ? 
_cell.reciprocal_length_a          ? 
_cell.reciprocal_length_b          ? 
_cell.reciprocal_length_c          ? 
_cell.reciprocal_length_a_esd      ? 
_cell.reciprocal_length_b_esd      ? 
_cell.reciprocal_length_c_esd      ? 
_cell.pdbx_unique_axis             ? 
_cell.pdbx_esd_method              ? 
# 
_symmetry.entry_id                         8JGA 
_symmetry.cell_setting                     ? 
_symmetry.Int_Tables_number                1 
_symmetry.space_group_name_Hall            ? 
_symmetry.space_group_name_H-M             'P 1' 
_symmetry.pdbx_full_space_group_name_H-M   ? 
# 
_exptl.absorpt_coefficient_mu     ? 
_exptl.absorpt_correction_T_max   ? 
_exptl.absorpt_correction_T_min   ? 
_exptl.absorpt_correction_type    ? 
_exptl.absorpt_process_details    ? 
_exptl.entry_id                   8JGA 
_exptl.crystals_number            ? 
_exptl.details                    ? 
_exptl.method                     'ELECTRON MICROSCOPY' 
_exptl.method_details             ? 
# 
_refine.pdbx_refine_id                           'ELECTRON MICROSCOPY' 
_refine.entry_id                                 8JGA 
_refine.pdbx_diffrn_id                           ? 
_refine.pdbx_TLS_residual_ADP_flag               ? 
_refine.ls_number_reflns_obs                     ? 
_refine.ls_number_reflns_all                     ? 
_refine.pdbx_ls_sigma_I                          ? 
_refine.pdbx_ls_sigma_F                          ? 
_refine.pdbx_data_cutoff_high_absF               ? 
_refine.pdbx_data_cutoff_low_absF                ? 
_refine.pdbx_data_cutoff_high_rms_absF           ? 
_refine.ls_d_res_low                             ? 
_refine.ls_d_res_high                            . 
_refine.ls_percent_reflns_obs                    ? 
_refine.ls_R_factor_obs                          ? 
_refine.ls_R_factor_all                          ? 
_refine.ls_R_factor_R_work                       ? 
_refine.ls_R_factor_R_free                       ? 
_refine.ls_R_factor_R_free_error                 ? 
_refine.ls_R_factor_R_free_error_details         ? 
_refine.ls_percent_reflns_R_free                 ? 
_refine.ls_number_reflns_R_free                  ? 
_refine.ls_number_parameters                     ? 
_refine.ls_number_restraints                     ? 
_refine.occupancy_min                            ? 
_refine.occupancy_max                            ? 
_refine.correlation_coeff_Fo_to_Fc               ? 
_refine.correlation_coeff_Fo_to_Fc_free          ? 
_refine.B_iso_mean                               ? 
_refine.aniso_B[1][1]                            ? 
_refine.aniso_B[2][2]                            ? 
_refine.aniso_B[3][3]                            ? 
_refine.aniso_B[1][2]                            ? 
_refine.aniso_B[1][3]                            ? 
_refine.aniso_B[2][3]                            ? 
_refine.solvent_model_details                    ? 
_refine.solvent_model_param_ksol                 ? 
_refine.solvent_model_param_bsol                 ? 
_refine.pdbx_solvent_vdw_probe_radii             ? 
_refine.pdbx_solvent_ion_probe_radii             ? 
_refine.pdbx_solvent_shrinkage_radii             ? 
_refine.pdbx_ls_cross_valid_method               ? 
_refine.details                                  ? 
_refine.pdbx_starting_model                      ? 
_refine.pdbx_method_to_determine_struct          ? 
_refine.pdbx_isotropic_thermal_model             ? 
_refine.pdbx_stereochemistry_target_values       ? 
_refine.pdbx_stereochem_target_val_spec_case     ? 
_refine.pdbx_R_Free_selection_details            ? 
_refine.pdbx_overall_ESU_R                       ? 
_refine.pdbx_overall_ESU_R_Free                  ? 
_refine.overall_SU_ML                            ? 
_refine.pdbx_overall_phase_error                 ? 
_refine.overall_SU_B                             ? 
_refine.overall_SU_R_Cruickshank_DPI             ? 
_refine.pdbx_overall_SU_R_free_Cruickshank_DPI   ? 
_refine.pdbx_overall_SU_R_Blow_DPI               ? 
_refine.pdbx_overall_SU_R_free_Blow_DPI          ? 
# 
loop_
_refine_ls_restr.pdbx_refine_id 
_refine_ls_restr.criterion 
_refine_ls_restr.dev_ideal 
_refine_ls_restr.dev_ideal_target 
_refine_ls_restr.number 
_refine_ls_restr.rejects 
_refine_ls_restr.type 
_refine_ls_restr.weight 
_refine_ls_restr.pdbx_restraint_function 
'ELECTRON MICROSCOPY' ? 0.005 ? 1545 ? f_bond_d           ? ? 
'ELECTRON MICROSCOPY' ? 0.749 ? 2084 ? f_angle_d          ? ? 
'ELECTRON MICROSCOPY' ? 5.358 ? 205  ? f_dihedral_angle_d ? ? 
'ELECTRON MICROSCOPY' ? 0.053 ? 244  ? f_chiral_restr     ? ? 
'ELECTRON MICROSCOPY' ? 0.006 ? 263  ? f_plane_restr      ? ? 
# 
_struct.entry_id                     8JGA 
_struct.title                        'Cryo-EM structure of Mi3 fused with FKBP' 
_struct.pdbx_model_details           ? 
_struct.pdbx_formula_weight          ? 
_struct.pdbx_formula_weight_method   ? 
_struct.pdbx_model_type_details      ? 
_struct.pdbx_CASP_flag               N 
# 
_struct_keywords.entry_id        8JGA 
_struct_keywords.text            'protein cage Scaffold, LYASE' 
_struct_keywords.pdbx_keywords   LYASE 
# 
_struct_asym.id                            A 
_struct_asym.pdbx_blank_PDB_chainid_flag   N 
_struct_asym.pdbx_modified                 N 
_struct_asym.entity_id                     1 
_struct_asym.details                       ? 
# 
loop_
_struct_ref.id 
_struct_ref.db_name 
_struct_ref.db_code 
_struct_ref.pdbx_db_accession 
_struct_ref.pdbx_db_isoform 
_struct_ref.entity_id 
_struct_ref.pdbx_seq_one_letter_code 
_struct_ref.pdbx_align_begin 
1 UNP FKB1A_HUMAN  P62942 ? 1 
;GVQVETISPGDGRTFPKRGQTCVVHYTGMLEDGKKFDSSRDRNKPFKFMLGKQEVIRGWEEGVAQMSVGQRAKLTISPDY
AYGATGHPGIIPPHATLVFDVELLKLE
;
2 
2 UNP Q9WXS1_THEMA Q9WXS1 ? 1 
;MKMEELFKKHKIVAVLRANSVEEAKEKALAVFEGGVHLIEITFTVPDADTVIKELSFLKEKGAIIGAGTVTSVEQCRKAV
ESGAEFIVSPHLDEEISQFCKEKGVFYMPGVMTPTELVKAMKLGHTILKLFPGEVVGPQFVKAMKGPFPNVKFVPTGGVN
LDNVCEWFKAGVLAVGVGSALVKGTPDEVREKAKAFVEKIRGCTE
;
1 
# 
loop_
_struct_ref_seq.align_id 
_struct_ref_seq.ref_id 
_struct_ref_seq.pdbx_PDB_id_code 
_struct_ref_seq.pdbx_strand_id 
_struct_ref_seq.seq_align_beg 
_struct_ref_seq.pdbx_seq_align_beg_ins_code 
_struct_ref_seq.seq_align_end 
_struct_ref_seq.pdbx_seq_align_end_ins_code 
_struct_ref_seq.pdbx_db_accession 
_struct_ref_seq.db_align_beg 
_struct_ref_seq.pdbx_db_align_beg_ins_code 
_struct_ref_seq.db_align_end 
_struct_ref_seq.pdbx_db_align_end_ins_code 
_struct_ref_seq.pdbx_auth_seq_align_beg 
_struct_ref_seq.pdbx_auth_seq_align_end 
1 1 8JGA A 14  ? 120 ? P62942 2 ? 108 ? -118 -12 
2 2 8JGA A 133 ? 337 ? Q9WXS1 1 ? 205 ? 1    205 
# 
loop_
_struct_ref_seq_dif.align_id 
_struct_ref_seq_dif.pdbx_pdb_id_code 
_struct_ref_seq_dif.mon_id 
_struct_ref_seq_dif.pdbx_pdb_strand_id 
_struct_ref_seq_dif.seq_num 
_struct_ref_seq_dif.pdbx_pdb_ins_code 
_struct_ref_seq_dif.pdbx_seq_db_name 
_struct_ref_seq_dif.pdbx_seq_db_accession_code 
_struct_ref_seq_dif.db_mon_id 
_struct_ref_seq_dif.pdbx_seq_db_seq_num 
_struct_ref_seq_dif.details 
_struct_ref_seq_dif.pdbx_auth_seq_num 
_struct_ref_seq_dif.pdbx_ordinal 
1 8JGA MET A 1   ? UNP P62942 ?   ?   'initiating methionine' -131 1  
1 8JGA GLY A 2   ? UNP P62942 ?   ?   'expression tag'        -130 2  
1 8JGA SER A 3   ? UNP P62942 ?   ?   'expression tag'        -129 3  
1 8JGA SER A 4   ? UNP P62942 ?   ?   'expression tag'        -128 4  
1 8JGA HIS A 5   ? UNP P62942 ?   ?   'expression tag'        -127 5  
1 8JGA HIS A 6   ? UNP P62942 ?   ?   'expression tag'        -126 6  
1 8JGA HIS A 7   ? UNP P62942 ?   ?   'expression tag'        -125 7  
1 8JGA HIS A 8   ? UNP P62942 ?   ?   'expression tag'        -124 8  
1 8JGA HIS A 9   ? UNP P62942 ?   ?   'expression tag'        -123 9  
1 8JGA HIS A 10  ? UNP P62942 ?   ?   'expression tag'        -122 10 
1 8JGA GLY A 11  ? UNP P62942 ?   ?   'expression tag'        -121 11 
1 8JGA GLY A 12  ? UNP P62942 ?   ?   'expression tag'        -120 12 
1 8JGA SER A 13  ? UNP P62942 ?   ?   'expression tag'        -119 13 
1 8JGA GLY A 121 ? UNP P62942 ?   ?   linker                  -11  14 
1 8JGA GLY A 122 ? UNP P62942 ?   ?   linker                  -10  15 
1 8JGA SER A 123 ? UNP P62942 ?   ?   linker                  -9   16 
1 8JGA GLY A 124 ? UNP P62942 ?   ?   linker                  -8   17 
1 8JGA GLY A 125 ? UNP P62942 ?   ?   linker                  -7   18 
1 8JGA SER A 126 ? UNP P62942 ?   ?   linker                  -6   19 
1 8JGA GLY A 127 ? UNP P62942 ?   ?   linker                  -5   20 
1 8JGA GLY A 128 ? UNP P62942 ?   ?   linker                  -4   21 
1 8JGA SER A 129 ? UNP P62942 ?   ?   linker                  -3   22 
1 8JGA GLY A 130 ? UNP P62942 ?   ?   linker                  -2   23 
1 8JGA GLY A 131 ? UNP P62942 ?   ?   linker                  -1   24 
1 8JGA SER A 132 ? UNP P62942 ?   ?   linker                  0    25 
2 8JGA LYS A 158 ? UNP Q9WXS1 GLU 26  conflict                26   26 
2 8JGA LEU A 165 ? UNP Q9WXS1 GLU 33  conflict                33   27 
2 8JGA MET A 193 ? UNP Q9WXS1 LYS 61  conflict                61   28 
2 8JGA ALA A 208 ? UNP Q9WXS1 CYS 76  conflict                76   29 
2 8JGA ALA A 232 ? UNP Q9WXS1 CYS 100 conflict                100  30 
2 8JGA VAL A 319 ? UNP Q9WXS1 ASP 187 conflict                187  31 
2 8JGA ALA A 322 ? UNP Q9WXS1 ARG 190 conflict                190  32 
2 8JGA GLY A 338 ? UNP Q9WXS1 ?   ?   'expression tag'        206  33 
2 8JGA SER A 339 ? UNP Q9WXS1 ?   ?   'expression tag'        207  34 
2 8JGA GLY A 340 ? UNP Q9WXS1 ?   ?   'expression tag'        208  35 
2 8JGA GLU A 341 ? UNP Q9WXS1 ?   ?   'expression tag'        209  36 
2 8JGA PRO A 342 ? UNP Q9WXS1 ?   ?   'expression tag'        210  37 
2 8JGA GLU A 343 ? UNP Q9WXS1 ?   ?   'expression tag'        211  38 
2 8JGA ALA A 344 ? UNP Q9WXS1 ?   ?   'expression tag'        212  39 
# 
_pdbx_struct_assembly.id                   1 
_pdbx_struct_assembly.details              author_defined_assembly 
_pdbx_struct_assembly.method_details       ? 
_pdbx_struct_assembly.oligomeric_details   monomeric 
_pdbx_struct_assembly.oligomeric_count     1 
# 
_pdbx_struct_assembly_gen.assembly_id       1 
_pdbx_struct_assembly_gen.oper_expression   1 
_pdbx_struct_assembly_gen.asym_id_list      A 
# 
_pdbx_struct_assembly_auth_evidence.id                     1 
_pdbx_struct_assembly_auth_evidence.assembly_id            1 
_pdbx_struct_assembly_auth_evidence.experimental_support   'electron microscopy' 
_pdbx_struct_assembly_auth_evidence.details                ? 
# 
_pdbx_struct_oper_list.id                   1 
_pdbx_struct_oper_list.type                 'identity operation' 
_pdbx_struct_oper_list.name                 1_555 
_pdbx_struct_oper_list.symmetry_operation   ? 
_pdbx_struct_oper_list.matrix[1][1]         1.0000000000 
_pdbx_struct_oper_list.matrix[1][2]         0.0000000000 
_pdbx_struct_oper_list.matrix[1][3]         0.0000000000 
_pdbx_struct_oper_list.vector[1]            0.0000000000 
_pdbx_struct_oper_list.matrix[2][1]         0.0000000000 
_pdbx_struct_oper_list.matrix[2][2]         1.0000000000 
_pdbx_struct_oper_list.matrix[2][3]         0.0000000000 
_pdbx_struct_oper_list.vector[2]            0.0000000000 
_pdbx_struct_oper_list.matrix[3][1]         0.0000000000 
_pdbx_struct_oper_list.matrix[3][2]         0.0000000000 
_pdbx_struct_oper_list.matrix[3][3]         1.0000000000 
_pdbx_struct_oper_list.vector[3]            0.0000000000 
# 
loop_
_struct_conf.conf_type_id 
_struct_conf.id 
_struct_conf.pdbx_PDB_helix_id 
_struct_conf.beg_label_comp_id 
_struct_conf.beg_label_asym_id 
_struct_conf.beg_label_seq_id 
_struct_conf.pdbx_beg_PDB_ins_code 
_struct_conf.end_label_comp_id 
_struct_conf.end_label_asym_id 
_struct_conf.end_label_seq_id 
_struct_conf.pdbx_end_PDB_ins_code 
_struct_conf.beg_auth_comp_id 
_struct_conf.beg_auth_asym_id 
_struct_conf.beg_auth_seq_id 
_struct_conf.end_auth_comp_id 
_struct_conf.end_auth_asym_id 
_struct_conf.end_auth_seq_id 
_struct_conf.pdbx_PDB_helix_class 
_struct_conf.details 
_struct_conf.pdbx_PDB_helix_length 
HELX_P HELX_P1  AA1 LYS A 134 ? LYS A 143 ? LYS A 2   LYS A 11  1 ? 10 
HELX_P HELX_P2  AA2 SER A 152 ? GLY A 167 ? SER A 20  GLY A 35  1 ? 16 
HELX_P HELX_P3  AA3 ASP A 179 ? SER A 188 ? ASP A 47  SER A 56  1 ? 10 
HELX_P HELX_P4  AA4 SER A 188 ? GLY A 194 ? SER A 56  GLY A 62  1 ? 7  
HELX_P HELX_P5  AA5 SER A 204 ? SER A 214 ? SER A 72  SER A 82  1 ? 11 
HELX_P HELX_P6  AA6 ASP A 225 ? GLY A 236 ? ASP A 93  GLY A 104 1 ? 12 
HELX_P HELX_P7  AA7 THR A 245 ? GLY A 256 ? THR A 113 GLY A 124 1 ? 12 
HELX_P HELX_P8  AA8 PRO A 264 ? GLY A 269 ? PRO A 132 GLY A 137 1 ? 6  
HELX_P HELX_P9  AA9 GLY A 269 ? LYS A 277 ? GLY A 137 LYS A 145 1 ? 9  
HELX_P HELX_P10 AB1 ASN A 295 ? LYS A 301 ? ASN A 163 LYS A 169 1 ? 7  
HELX_P HELX_P11 AB2 THR A 317 ? GLY A 334 ? THR A 185 GLY A 202 1 ? 18 
# 
_struct_conf_type.id          HELX_P 
_struct_conf_type.criteria    ? 
_struct_conf_type.reference   ? 
# 
_struct_conn.id                            disulf1 
_struct_conn.conn_type_id                  disulf 
_struct_conn.pdbx_leaving_atom_flag        ? 
_struct_conn.pdbx_PDB_id                   ? 
_struct_conn.ptnr1_label_asym_id           A 
_struct_conn.ptnr1_label_comp_id           CYS 
_struct_conn.ptnr1_label_seq_id            297 
_struct_conn.ptnr1_label_atom_id           SG 
_struct_conn.pdbx_ptnr1_label_alt_id       ? 
_struct_conn.pdbx_ptnr1_PDB_ins_code       ? 
_struct_conn.pdbx_ptnr1_standard_comp_id   ? 
_struct_conn.ptnr1_symmetry                1_555 
_struct_conn.ptnr2_label_asym_id           A 
_struct_conn.ptnr2_label_comp_id           CYS 
_struct_conn.ptnr2_label_seq_id            335 
_struct_conn.ptnr2_label_atom_id           SG 
_struct_conn.pdbx_ptnr2_label_alt_id       ? 
_struct_conn.pdbx_ptnr2_PDB_ins_code       ? 
_struct_conn.ptnr1_auth_asym_id            A 
_struct_conn.ptnr1_auth_comp_id            CYS 
_struct_conn.ptnr1_auth_seq_id             165 
_struct_conn.ptnr2_auth_asym_id            A 
_struct_conn.ptnr2_auth_comp_id            CYS 
_struct_conn.ptnr2_auth_seq_id             203 
_struct_conn.ptnr2_symmetry                1_555 
_struct_conn.pdbx_ptnr3_label_atom_id      ? 
_struct_conn.pdbx_ptnr3_label_seq_id       ? 
_struct_conn.pdbx_ptnr3_label_comp_id      ? 
_struct_conn.pdbx_ptnr3_label_asym_id      ? 
_struct_conn.pdbx_ptnr3_label_alt_id       ? 
_struct_conn.pdbx_ptnr3_PDB_ins_code       ? 
_struct_conn.details                       ? 
_struct_conn.pdbx_dist_value               2.035 
_struct_conn.pdbx_value_order              ? 
_struct_conn.pdbx_role                     ? 
# 
_struct_conn_type.id          disulf 
_struct_conn_type.criteria    ? 
_struct_conn_type.reference   ? 
# 
_pdbx_modification_feature.ordinal                            1 
_pdbx_modification_feature.label_comp_id                      CYS 
_pdbx_modification_feature.label_asym_id                      A 
_pdbx_modification_feature.label_seq_id                       297 
_pdbx_modification_feature.label_alt_id                       ? 
_pdbx_modification_feature.modified_residue_label_comp_id     CYS 
_pdbx_modification_feature.modified_residue_label_asym_id     A 
_pdbx_modification_feature.modified_residue_label_seq_id      335 
_pdbx_modification_feature.modified_residue_label_alt_id      ? 
_pdbx_modification_feature.auth_comp_id                       CYS 
_pdbx_modification_feature.auth_asym_id                       A 
_pdbx_modification_feature.auth_seq_id                        165 
_pdbx_modification_feature.PDB_ins_code                       ? 
_pdbx_modification_feature.symmetry                           1_555 
_pdbx_modification_feature.modified_residue_auth_comp_id      CYS 
_pdbx_modification_feature.modified_residue_auth_asym_id      A 
_pdbx_modification_feature.modified_residue_auth_seq_id       203 
_pdbx_modification_feature.modified_residue_PDB_ins_code      ? 
_pdbx_modification_feature.modified_residue_symmetry          1_555 
_pdbx_modification_feature.comp_id_linking_atom               SG 
_pdbx_modification_feature.modified_residue_id_linking_atom   SG 
_pdbx_modification_feature.modified_residue_id                . 
_pdbx_modification_feature.ref_pcm_id                         . 
_pdbx_modification_feature.ref_comp_id                        . 
_pdbx_modification_feature.type                               None 
_pdbx_modification_feature.category                           'Disulfide bridge' 
# 
_struct_mon_prot_cis.pdbx_id                1 
_struct_mon_prot_cis.label_comp_id          PHE 
_struct_mon_prot_cis.label_seq_id           263 
_struct_mon_prot_cis.label_asym_id          A 
_struct_mon_prot_cis.label_alt_id           . 
_struct_mon_prot_cis.pdbx_PDB_ins_code      ? 
_struct_mon_prot_cis.auth_comp_id           PHE 
_struct_mon_prot_cis.auth_seq_id            131 
_struct_mon_prot_cis.auth_asym_id           A 
_struct_mon_prot_cis.pdbx_label_comp_id_2   PRO 
_struct_mon_prot_cis.pdbx_label_seq_id_2    264 
_struct_mon_prot_cis.pdbx_label_asym_id_2   A 
_struct_mon_prot_cis.pdbx_PDB_ins_code_2    ? 
_struct_mon_prot_cis.pdbx_auth_comp_id_2    PRO 
_struct_mon_prot_cis.pdbx_auth_seq_id_2     132 
_struct_mon_prot_cis.pdbx_auth_asym_id_2    A 
_struct_mon_prot_cis.pdbx_PDB_model_num     1 
_struct_mon_prot_cis.pdbx_omega_angle       -0.89 
# 
loop_
_struct_sheet.id 
_struct_sheet.type 
_struct_sheet.number_strands 
_struct_sheet.details 
AA1 ? 3 ? 
AA2 ? 2 ? 
AA3 ? 2 ? 
# 
loop_
_struct_sheet_order.sheet_id 
_struct_sheet_order.range_id_1 
_struct_sheet_order.range_id_2 
_struct_sheet_order.offset 
_struct_sheet_order.sense 
AA1 1 2 ? parallel 
AA1 2 3 ? parallel 
AA2 1 2 ? parallel 
AA3 1 2 ? parallel 
# 
loop_
_struct_sheet_range.sheet_id 
_struct_sheet_range.id 
_struct_sheet_range.beg_label_comp_id 
_struct_sheet_range.beg_label_asym_id 
_struct_sheet_range.beg_label_seq_id 
_struct_sheet_range.pdbx_beg_PDB_ins_code 
_struct_sheet_range.end_label_comp_id 
_struct_sheet_range.end_label_asym_id 
_struct_sheet_range.end_label_seq_id 
_struct_sheet_range.pdbx_end_PDB_ins_code 
_struct_sheet_range.beg_auth_comp_id 
_struct_sheet_range.beg_auth_asym_id 
_struct_sheet_range.beg_auth_seq_id 
_struct_sheet_range.end_auth_comp_id 
_struct_sheet_range.end_auth_asym_id 
_struct_sheet_range.end_auth_seq_id 
AA1 1 ALA A 146 ? VAL A 147 ? ALA A 14  VAL A 15  
AA1 2 LEU A 170 ? THR A 174 ? LEU A 38  THR A 42  
AA1 3 ILE A 196 ? GLY A 200 ? ILE A 64  GLY A 68  
AA2 1 PHE A 218 ? VAL A 220 ? PHE A 86  VAL A 88  
AA2 2 PHE A 238 ? MET A 240 ? PHE A 106 MET A 108 
AA3 1 ILE A 259 ? LYS A 261 ? ILE A 127 LYS A 129 
AA3 2 LYS A 284 ? VAL A 286 ? LYS A 152 VAL A 154 
# 
loop_
_pdbx_struct_sheet_hbond.sheet_id 
_pdbx_struct_sheet_hbond.range_id_1 
_pdbx_struct_sheet_hbond.range_id_2 
_pdbx_struct_sheet_hbond.range_1_label_atom_id 
_pdbx_struct_sheet_hbond.range_1_label_comp_id 
_pdbx_struct_sheet_hbond.range_1_label_asym_id 
_pdbx_struct_sheet_hbond.range_1_label_seq_id 
_pdbx_struct_sheet_hbond.range_1_PDB_ins_code 
_pdbx_struct_sheet_hbond.range_1_auth_atom_id 
_pdbx_struct_sheet_hbond.range_1_auth_comp_id 
_pdbx_struct_sheet_hbond.range_1_auth_asym_id 
_pdbx_struct_sheet_hbond.range_1_auth_seq_id 
_pdbx_struct_sheet_hbond.range_2_label_atom_id 
_pdbx_struct_sheet_hbond.range_2_label_comp_id 
_pdbx_struct_sheet_hbond.range_2_label_asym_id 
_pdbx_struct_sheet_hbond.range_2_label_seq_id 
_pdbx_struct_sheet_hbond.range_2_PDB_ins_code 
_pdbx_struct_sheet_hbond.range_2_auth_atom_id 
_pdbx_struct_sheet_hbond.range_2_auth_comp_id 
_pdbx_struct_sheet_hbond.range_2_auth_asym_id 
_pdbx_struct_sheet_hbond.range_2_auth_seq_id 
AA1 1 2 N ALA A 146 ? N ALA A 14  O GLU A 172 ? O GLU A 40  
AA1 2 3 N ILE A 173 ? N ILE A 41  O GLY A 198 ? O GLY A 66  
AA2 1 2 N ILE A 219 ? N ILE A 87  O PHE A 238 ? O PHE A 106 
AA3 1 2 N LEU A 260 ? N LEU A 128 O VAL A 286 ? O VAL A 154 
# 
_pdbx_entry_details.entry_id                   8JGA 
_pdbx_entry_details.compound_details           ? 
_pdbx_entry_details.source_details             ? 
_pdbx_entry_details.nonpolymer_details         ? 
_pdbx_entry_details.sequence_details           ? 
_pdbx_entry_details.has_ligand_of_interest     ? 
_pdbx_entry_details.has_protein_modification   Y 
# 
loop_
_pdbx_validate_torsion.id 
_pdbx_validate_torsion.PDB_model_num 
_pdbx_validate_torsion.auth_comp_id 
_pdbx_validate_torsion.auth_asym_id 
_pdbx_validate_torsion.auth_seq_id 
_pdbx_validate_torsion.PDB_ins_code 
_pdbx_validate_torsion.label_alt_id 
_pdbx_validate_torsion.phi 
_pdbx_validate_torsion.psi 
1 1 ASN A 19  ? ? -91.76  -158.36 
2 1 SER A 20  ? ? -43.38  154.29  
3 1 PHE A 43  ? ? -67.54  0.31    
4 1 LEU A 181 ? ? -158.49 39.14   
5 1 VAL A 182 ? ? -164.47 -12.93  
6 1 PRO A 186 ? ? -56.73  -7.43   
# 
_em_3d_fitting.id                1 
_em_3d_fitting.entry_id          8JGA 
_em_3d_fitting.method            ? 
_em_3d_fitting.target_criteria   ? 
_em_3d_fitting.details           ? 
_em_3d_fitting.overall_b_value   ? 
_em_3d_fitting.ref_space         ? 
_em_3d_fitting.ref_protocol      ? 
# 
_em_3d_reconstruction.entry_id                    8JGA 
_em_3d_reconstruction.id                          1 
_em_3d_reconstruction.method                      ? 
_em_3d_reconstruction.algorithm                   ? 
_em_3d_reconstruction.citation_id                 ? 
_em_3d_reconstruction.details                     ? 
_em_3d_reconstruction.resolution                  3.68 
_em_3d_reconstruction.resolution_method           'FSC 0.143 CUT-OFF' 
_em_3d_reconstruction.magnification_calibration   ? 
_em_3d_reconstruction.nominal_pixel_size          ? 
_em_3d_reconstruction.actual_pixel_size           ? 
_em_3d_reconstruction.num_particles               33473 
_em_3d_reconstruction.euler_angles_details        ? 
_em_3d_reconstruction.num_class_averages          ? 
_em_3d_reconstruction.refinement_type             ? 
_em_3d_reconstruction.image_processing_id         1 
_em_3d_reconstruction.symmetry_type               POINT 
# 
_em_buffer.id            1 
_em_buffer.specimen_id   1 
_em_buffer.name          ? 
_em_buffer.details       ? 
_em_buffer.pH            7.8 
# 
_em_entity_assembly.id                   1 
_em_entity_assembly.parent_id            0 
_em_entity_assembly.source               'MULTIPLE SOURCES' 
_em_entity_assembly.type                 COMPLEX 
_em_entity_assembly.name                 FKBP-Mi3 
_em_entity_assembly.details              ? 
_em_entity_assembly.synonym              ? 
_em_entity_assembly.oligomeric_details   ? 
_em_entity_assembly.entity_id_list       1 
# 
_em_imaging.entry_id                        8JGA 
_em_imaging.id                              1 
_em_imaging.astigmatism                     ? 
_em_imaging.electron_beam_tilt_params       ? 
_em_imaging.residual_tilt                   ? 
_em_imaging.microscope_model                'FEI TITAN KRIOS' 
_em_imaging.specimen_holder_type            ? 
_em_imaging.specimen_holder_model           ? 
_em_imaging.details                         ? 
_em_imaging.date                            ? 
_em_imaging.accelerating_voltage            300 
_em_imaging.illumination_mode               'FLOOD BEAM' 
_em_imaging.mode                            'BRIGHT FIELD' 
_em_imaging.nominal_cs                      ? 
_em_imaging.nominal_defocus_min             1500 
_em_imaging.nominal_defocus_max             2500 
_em_imaging.calibrated_defocus_min          ? 
_em_imaging.calibrated_defocus_max          ? 
_em_imaging.tilt_angle_min                  ? 
_em_imaging.tilt_angle_max                  ? 
_em_imaging.nominal_magnification           ? 
_em_imaging.calibrated_magnification        ? 
_em_imaging.electron_source                 'FIELD EMISSION GUN' 
_em_imaging.citation_id                     ? 
_em_imaging.temperature                     ? 
_em_imaging.detector_distance               ? 
_em_imaging.recording_temperature_minimum   ? 
_em_imaging.recording_temperature_maximum   ? 
_em_imaging.alignment_procedure             ? 
_em_imaging.c2_aperture_diameter            ? 
_em_imaging.specimen_id                     1 
_em_imaging.cryogen                         ? 
# 
_em_vitrification.entry_id              8JGA 
_em_vitrification.id                    1 
_em_vitrification.specimen_id           1 
_em_vitrification.cryogen_name          ETHANE 
_em_vitrification.humidity              ? 
_em_vitrification.temp                  ? 
_em_vitrification.chamber_temperature   ? 
_em_vitrification.instrument            ? 
_em_vitrification.method                ? 
_em_vitrification.time_resolved_state   ? 
_em_vitrification.citation_id           ? 
_em_vitrification.details               ? 
# 
_em_experiment.entry_id                8JGA 
_em_experiment.id                      1 
_em_experiment.reconstruction_method   'SINGLE PARTICLE' 
_em_experiment.aggregation_state       PARTICLE 
_em_experiment.entity_assembly_id      1 
# 
loop_
_pdbx_unobs_or_zero_occ_residues.id 
_pdbx_unobs_or_zero_occ_residues.PDB_model_num 
_pdbx_unobs_or_zero_occ_residues.polymer_flag 
_pdbx_unobs_or_zero_occ_residues.occupancy_flag 
_pdbx_unobs_or_zero_occ_residues.auth_asym_id 
_pdbx_unobs_or_zero_occ_residues.auth_comp_id 
_pdbx_unobs_or_zero_occ_residues.auth_seq_id 
_pdbx_unobs_or_zero_occ_residues.PDB_ins_code 
_pdbx_unobs_or_zero_occ_residues.label_asym_id 
_pdbx_unobs_or_zero_occ_residues.label_comp_id 
_pdbx_unobs_or_zero_occ_residues.label_seq_id 
1   1 Y 1 A MET -131 ? A MET 1   
2   1 Y 1 A GLY -130 ? A GLY 2   
3   1 Y 1 A SER -129 ? A SER 3   
4   1 Y 1 A SER -128 ? A SER 4   
5   1 Y 1 A HIS -127 ? A HIS 5   
6   1 Y 1 A HIS -126 ? A HIS 6   
7   1 Y 1 A HIS -125 ? A HIS 7   
8   1 Y 1 A HIS -124 ? A HIS 8   
9   1 Y 1 A HIS -123 ? A HIS 9   
10  1 Y 1 A HIS -122 ? A HIS 10  
11  1 Y 1 A GLY -121 ? A GLY 11  
12  1 Y 1 A GLY -120 ? A GLY 12  
13  1 Y 1 A SER -119 ? A SER 13  
14  1 Y 1 A GLY -118 ? A GLY 14  
15  1 Y 1 A VAL -117 ? A VAL 15  
16  1 Y 1 A GLN -116 ? A GLN 16  
17  1 Y 1 A VAL -115 ? A VAL 17  
18  1 Y 1 A GLU -114 ? A GLU 18  
19  1 Y 1 A THR -113 ? A THR 19  
20  1 Y 1 A ILE -112 ? A ILE 20  
21  1 Y 1 A SER -111 ? A SER 21  
22  1 Y 1 A PRO -110 ? A PRO 22  
23  1 Y 1 A GLY -109 ? A GLY 23  
24  1 Y 1 A ASP -108 ? A ASP 24  
25  1 Y 1 A GLY -107 ? A GLY 25  
26  1 Y 1 A ARG -106 ? A ARG 26  
27  1 Y 1 A THR -105 ? A THR 27  
28  1 Y 1 A PHE -104 ? A PHE 28  
29  1 Y 1 A PRO -103 ? A PRO 29  
30  1 Y 1 A LYS -102 ? A LYS 30  
31  1 Y 1 A ARG -101 ? A ARG 31  
32  1 Y 1 A GLY -100 ? A GLY 32  
33  1 Y 1 A GLN -99  ? A GLN 33  
34  1 Y 1 A THR -98  ? A THR 34  
35  1 Y 1 A CYS -97  ? A CYS 35  
36  1 Y 1 A VAL -96  ? A VAL 36  
37  1 Y 1 A VAL -95  ? A VAL 37  
38  1 Y 1 A HIS -94  ? A HIS 38  
39  1 Y 1 A TYR -93  ? A TYR 39  
40  1 Y 1 A THR -92  ? A THR 40  
41  1 Y 1 A GLY -91  ? A GLY 41  
42  1 Y 1 A MET -90  ? A MET 42  
43  1 Y 1 A LEU -89  ? A LEU 43  
44  1 Y 1 A GLU -88  ? A GLU 44  
45  1 Y 1 A ASP -87  ? A ASP 45  
46  1 Y 1 A GLY -86  ? A GLY 46  
47  1 Y 1 A LYS -85  ? A LYS 47  
48  1 Y 1 A LYS -84  ? A LYS 48  
49  1 Y 1 A PHE -83  ? A PHE 49  
50  1 Y 1 A ASP -82  ? A ASP 50  
51  1 Y 1 A SER -81  ? A SER 51  
52  1 Y 1 A SER -80  ? A SER 52  
53  1 Y 1 A ARG -79  ? A ARG 53  
54  1 Y 1 A ASP -78  ? A ASP 54  
55  1 Y 1 A ARG -77  ? A ARG 55  
56  1 Y 1 A ASN -76  ? A ASN 56  
57  1 Y 1 A LYS -75  ? A LYS 57  
58  1 Y 1 A PRO -74  ? A PRO 58  
59  1 Y 1 A PHE -73  ? A PHE 59  
60  1 Y 1 A LYS -72  ? A LYS 60  
61  1 Y 1 A PHE -71  ? A PHE 61  
62  1 Y 1 A MET -70  ? A MET 62  
63  1 Y 1 A LEU -69  ? A LEU 63  
64  1 Y 1 A GLY -68  ? A GLY 64  
65  1 Y 1 A LYS -67  ? A LYS 65  
66  1 Y 1 A GLN -66  ? A GLN 66  
67  1 Y 1 A GLU -65  ? A GLU 67  
68  1 Y 1 A VAL -64  ? A VAL 68  
69  1 Y 1 A ILE -63  ? A ILE 69  
70  1 Y 1 A ARG -62  ? A ARG 70  
71  1 Y 1 A GLY -61  ? A GLY 71  
72  1 Y 1 A TRP -60  ? A TRP 72  
73  1 Y 1 A GLU -59  ? A GLU 73  
74  1 Y 1 A GLU -58  ? A GLU 74  
75  1 Y 1 A GLY -57  ? A GLY 75  
76  1 Y 1 A VAL -56  ? A VAL 76  
77  1 Y 1 A ALA -55  ? A ALA 77  
78  1 Y 1 A GLN -54  ? A GLN 78  
79  1 Y 1 A MET -53  ? A MET 79  
80  1 Y 1 A SER -52  ? A SER 80  
81  1 Y 1 A VAL -51  ? A VAL 81  
82  1 Y 1 A GLY -50  ? A GLY 82  
83  1 Y 1 A GLN -49  ? A GLN 83  
84  1 Y 1 A ARG -48  ? A ARG 84  
85  1 Y 1 A ALA -47  ? A ALA 85  
86  1 Y 1 A LYS -46  ? A LYS 86  
87  1 Y 1 A LEU -45  ? A LEU 87  
88  1 Y 1 A THR -44  ? A THR 88  
89  1 Y 1 A ILE -43  ? A ILE 89  
90  1 Y 1 A SER -42  ? A SER 90  
91  1 Y 1 A PRO -41  ? A PRO 91  
92  1 Y 1 A ASP -40  ? A ASP 92  
93  1 Y 1 A TYR -39  ? A TYR 93  
94  1 Y 1 A ALA -38  ? A ALA 94  
95  1 Y 1 A TYR -37  ? A TYR 95  
96  1 Y 1 A GLY -36  ? A GLY 96  
97  1 Y 1 A ALA -35  ? A ALA 97  
98  1 Y 1 A THR -34  ? A THR 98  
99  1 Y 1 A GLY -33  ? A GLY 99  
100 1 Y 1 A HIS -32  ? A HIS 100 
101 1 Y 1 A PRO -31  ? A PRO 101 
102 1 Y 1 A GLY -30  ? A GLY 102 
103 1 Y 1 A ILE -29  ? A ILE 103 
104 1 Y 1 A ILE -28  ? A ILE 104 
105 1 Y 1 A PRO -27  ? A PRO 105 
106 1 Y 1 A PRO -26  ? A PRO 106 
107 1 Y 1 A HIS -25  ? A HIS 107 
108 1 Y 1 A ALA -24  ? A ALA 108 
109 1 Y 1 A THR -23  ? A THR 109 
110 1 Y 1 A LEU -22  ? A LEU 110 
111 1 Y 1 A VAL -21  ? A VAL 111 
112 1 Y 1 A PHE -20  ? A PHE 112 
113 1 Y 1 A ASP -19  ? A ASP 113 
114 1 Y 1 A VAL -18  ? A VAL 114 
115 1 Y 1 A GLU -17  ? A GLU 115 
116 1 Y 1 A LEU -16  ? A LEU 116 
117 1 Y 1 A LEU -15  ? A LEU 117 
118 1 Y 1 A LYS -14  ? A LYS 118 
119 1 Y 1 A LEU -13  ? A LEU 119 
120 1 Y 1 A GLU -12  ? A GLU 120 
121 1 Y 1 A GLY -11  ? A GLY 121 
122 1 Y 1 A GLY -10  ? A GLY 122 
123 1 Y 1 A SER -9   ? A SER 123 
124 1 Y 1 A GLY -8   ? A GLY 124 
125 1 Y 1 A GLY -7   ? A GLY 125 
126 1 Y 1 A SER -6   ? A SER 126 
127 1 Y 1 A GLY -5   ? A GLY 127 
128 1 Y 1 A GLY -4   ? A GLY 128 
129 1 Y 1 A SER -3   ? A SER 129 
130 1 Y 1 A GLY -2   ? A GLY 130 
131 1 Y 1 A GLY -1   ? A GLY 131 
132 1 Y 1 A SER 0    ? A SER 132 
133 1 Y 1 A MET 1    ? A MET 133 
134 1 Y 1 A THR 204  ? A THR 336 
135 1 Y 1 A GLU 205  ? A GLU 337 
136 1 Y 1 A GLY 206  ? A GLY 338 
137 1 Y 1 A SER 207  ? A SER 339 
138 1 Y 1 A GLY 208  ? A GLY 340 
139 1 Y 1 A GLU 209  ? A GLU 341 
140 1 Y 1 A PRO 210  ? A PRO 342 
141 1 Y 1 A GLU 211  ? A GLU 343 
142 1 Y 1 A ALA 212  ? A ALA 344 
# 
loop_
_chem_comp_atom.comp_id 
_chem_comp_atom.atom_id 
_chem_comp_atom.type_symbol 
_chem_comp_atom.pdbx_aromatic_flag 
_chem_comp_atom.pdbx_stereo_config 
_chem_comp_atom.pdbx_ordinal 
ALA N    N N N 1   
ALA CA   C N S 2   
ALA C    C N N 3   
ALA O    O N N 4   
ALA CB   C N N 5   
ALA OXT  O N N 6   
ALA H    H N N 7   
ALA H2   H N N 8   
ALA HA   H N N 9   
ALA HB1  H N N 10  
ALA HB2  H N N 11  
ALA HB3  H N N 12  
ALA HXT  H N N 13  
ARG N    N N N 14  
ARG CA   C N S 15  
ARG C    C N N 16  
ARG O    O N N 17  
ARG CB   C N N 18  
ARG CG   C N N 19  
ARG CD   C N N 20  
ARG NE   N N N 21  
ARG CZ   C N N 22  
ARG NH1  N N N 23  
ARG NH2  N N N 24  
ARG OXT  O N N 25  
ARG H    H N N 26  
ARG H2   H N N 27  
ARG HA   H N N 28  
ARG HB2  H N N 29  
ARG HB3  H N N 30  
ARG HG2  H N N 31  
ARG HG3  H N N 32  
ARG HD2  H N N 33  
ARG HD3  H N N 34  
ARG HE   H N N 35  
ARG HH11 H N N 36  
ARG HH12 H N N 37  
ARG HH21 H N N 38  
ARG HH22 H N N 39  
ARG HXT  H N N 40  
ASN N    N N N 41  
ASN CA   C N S 42  
ASN C    C N N 43  
ASN O    O N N 44  
ASN CB   C N N 45  
ASN CG   C N N 46  
ASN OD1  O N N 47  
ASN ND2  N N N 48  
ASN OXT  O N N 49  
ASN H    H N N 50  
ASN H2   H N N 51  
ASN HA   H N N 52  
ASN HB2  H N N 53  
ASN HB3  H N N 54  
ASN HD21 H N N 55  
ASN HD22 H N N 56  
ASN HXT  H N N 57  
ASP N    N N N 58  
ASP CA   C N S 59  
ASP C    C N N 60  
ASP O    O N N 61  
ASP CB   C N N 62  
ASP CG   C N N 63  
ASP OD1  O N N 64  
ASP OD2  O N N 65  
ASP OXT  O N N 66  
ASP H    H N N 67  
ASP H2   H N N 68  
ASP HA   H N N 69  
ASP HB2  H N N 70  
ASP HB3  H N N 71  
ASP HD2  H N N 72  
ASP HXT  H N N 73  
CYS N    N N N 74  
CYS CA   C N R 75  
CYS C    C N N 76  
CYS O    O N N 77  
CYS CB   C N N 78  
CYS SG   S N N 79  
CYS OXT  O N N 80  
CYS H    H N N 81  
CYS H2   H N N 82  
CYS HA   H N N 83  
CYS HB2  H N N 84  
CYS HB3  H N N 85  
CYS HG   H N N 86  
CYS HXT  H N N 87  
GLN N    N N N 88  
GLN CA   C N S 89  
GLN C    C N N 90  
GLN O    O N N 91  
GLN CB   C N N 92  
GLN CG   C N N 93  
GLN CD   C N N 94  
GLN OE1  O N N 95  
GLN NE2  N N N 96  
GLN OXT  O N N 97  
GLN H    H N N 98  
GLN H2   H N N 99  
GLN HA   H N N 100 
GLN HB2  H N N 101 
GLN HB3  H N N 102 
GLN HG2  H N N 103 
GLN HG3  H N N 104 
GLN HE21 H N N 105 
GLN HE22 H N N 106 
GLN HXT  H N N 107 
GLU N    N N N 108 
GLU CA   C N S 109 
GLU C    C N N 110 
GLU O    O N N 111 
GLU CB   C N N 112 
GLU CG   C N N 113 
GLU CD   C N N 114 
GLU OE1  O N N 115 
GLU OE2  O N N 116 
GLU OXT  O N N 117 
GLU H    H N N 118 
GLU H2   H N N 119 
GLU HA   H N N 120 
GLU HB2  H N N 121 
GLU HB3  H N N 122 
GLU HG2  H N N 123 
GLU HG3  H N N 124 
GLU HE2  H N N 125 
GLU HXT  H N N 126 
GLY N    N N N 127 
GLY CA   C N N 128 
GLY C    C N N 129 
GLY O    O N N 130 
GLY OXT  O N N 131 
GLY H    H N N 132 
GLY H2   H N N 133 
GLY HA2  H N N 134 
GLY HA3  H N N 135 
GLY HXT  H N N 136 
HIS N    N N N 137 
HIS CA   C N S 138 
HIS C    C N N 139 
HIS O    O N N 140 
HIS CB   C N N 141 
HIS CG   C Y N 142 
HIS ND1  N Y N 143 
HIS CD2  C Y N 144 
HIS CE1  C Y N 145 
HIS NE2  N Y N 146 
HIS OXT  O N N 147 
HIS H    H N N 148 
HIS H2   H N N 149 
HIS HA   H N N 150 
HIS HB2  H N N 151 
HIS HB3  H N N 152 
HIS HD1  H N N 153 
HIS HD2  H N N 154 
HIS HE1  H N N 155 
HIS HE2  H N N 156 
HIS HXT  H N N 157 
ILE N    N N N 158 
ILE CA   C N S 159 
ILE C    C N N 160 
ILE O    O N N 161 
ILE CB   C N S 162 
ILE CG1  C N N 163 
ILE CG2  C N N 164 
ILE CD1  C N N 165 
ILE OXT  O N N 166 
ILE H    H N N 167 
ILE H2   H N N 168 
ILE HA   H N N 169 
ILE HB   H N N 170 
ILE HG12 H N N 171 
ILE HG13 H N N 172 
ILE HG21 H N N 173 
ILE HG22 H N N 174 
ILE HG23 H N N 175 
ILE HD11 H N N 176 
ILE HD12 H N N 177 
ILE HD13 H N N 178 
ILE HXT  H N N 179 
LEU N    N N N 180 
LEU CA   C N S 181 
LEU C    C N N 182 
LEU O    O N N 183 
LEU CB   C N N 184 
LEU CG   C N N 185 
LEU CD1  C N N 186 
LEU CD2  C N N 187 
LEU OXT  O N N 188 
LEU H    H N N 189 
LEU H2   H N N 190 
LEU HA   H N N 191 
LEU HB2  H N N 192 
LEU HB3  H N N 193 
LEU HG   H N N 194 
LEU HD11 H N N 195 
LEU HD12 H N N 196 
LEU HD13 H N N 197 
LEU HD21 H N N 198 
LEU HD22 H N N 199 
LEU HD23 H N N 200 
LEU HXT  H N N 201 
LYS N    N N N 202 
LYS CA   C N S 203 
LYS C    C N N 204 
LYS O    O N N 205 
LYS CB   C N N 206 
LYS CG   C N N 207 
LYS CD   C N N 208 
LYS CE   C N N 209 
LYS NZ   N N N 210 
LYS OXT  O N N 211 
LYS H    H N N 212 
LYS H2   H N N 213 
LYS HA   H N N 214 
LYS HB2  H N N 215 
LYS HB3  H N N 216 
LYS HG2  H N N 217 
LYS HG3  H N N 218 
LYS HD2  H N N 219 
LYS HD3  H N N 220 
LYS HE2  H N N 221 
LYS HE3  H N N 222 
LYS HZ1  H N N 223 
LYS HZ2  H N N 224 
LYS HZ3  H N N 225 
LYS HXT  H N N 226 
MET N    N N N 227 
MET CA   C N S 228 
MET C    C N N 229 
MET O    O N N 230 
MET CB   C N N 231 
MET CG   C N N 232 
MET SD   S N N 233 
MET CE   C N N 234 
MET OXT  O N N 235 
MET H    H N N 236 
MET H2   H N N 237 
MET HA   H N N 238 
MET HB2  H N N 239 
MET HB3  H N N 240 
MET HG2  H N N 241 
MET HG3  H N N 242 
MET HE1  H N N 243 
MET HE2  H N N 244 
MET HE3  H N N 245 
MET HXT  H N N 246 
PHE N    N N N 247 
PHE CA   C N S 248 
PHE C    C N N 249 
PHE O    O N N 250 
PHE CB   C N N 251 
PHE CG   C Y N 252 
PHE CD1  C Y N 253 
PHE CD2  C Y N 254 
PHE CE1  C Y N 255 
PHE CE2  C Y N 256 
PHE CZ   C Y N 257 
PHE OXT  O N N 258 
PHE H    H N N 259 
PHE H2   H N N 260 
PHE HA   H N N 261 
PHE HB2  H N N 262 
PHE HB3  H N N 263 
PHE HD1  H N N 264 
PHE HD2  H N N 265 
PHE HE1  H N N 266 
PHE HE2  H N N 267 
PHE HZ   H N N 268 
PHE HXT  H N N 269 
PRO N    N N N 270 
PRO CA   C N S 271 
PRO C    C N N 272 
PRO O    O N N 273 
PRO CB   C N N 274 
PRO CG   C N N 275 
PRO CD   C N N 276 
PRO OXT  O N N 277 
PRO H    H N N 278 
PRO HA   H N N 279 
PRO HB2  H N N 280 
PRO HB3  H N N 281 
PRO HG2  H N N 282 
PRO HG3  H N N 283 
PRO HD2  H N N 284 
PRO HD3  H N N 285 
PRO HXT  H N N 286 
SER N    N N N 287 
SER CA   C N S 288 
SER C    C N N 289 
SER O    O N N 290 
SER CB   C N N 291 
SER OG   O N N 292 
SER OXT  O N N 293 
SER H    H N N 294 
SER H2   H N N 295 
SER HA   H N N 296 
SER HB2  H N N 297 
SER HB3  H N N 298 
SER HG   H N N 299 
SER HXT  H N N 300 
THR N    N N N 301 
THR CA   C N S 302 
THR C    C N N 303 
THR O    O N N 304 
THR CB   C N R 305 
THR OG1  O N N 306 
THR CG2  C N N 307 
THR OXT  O N N 308 
THR H    H N N 309 
THR H2   H N N 310 
THR HA   H N N 311 
THR HB   H N N 312 
THR HG1  H N N 313 
THR HG21 H N N 314 
THR HG22 H N N 315 
THR HG23 H N N 316 
THR HXT  H N N 317 
TRP N    N N N 318 
TRP CA   C N S 319 
TRP C    C N N 320 
TRP O    O N N 321 
TRP CB   C N N 322 
TRP CG   C Y N 323 
TRP CD1  C Y N 324 
TRP CD2  C Y N 325 
TRP NE1  N Y N 326 
TRP CE2  C Y N 327 
TRP CE3  C Y N 328 
TRP CZ2  C Y N 329 
TRP CZ3  C Y N 330 
TRP CH2  C Y N 331 
TRP OXT  O N N 332 
TRP H    H N N 333 
TRP H2   H N N 334 
TRP HA   H N N 335 
TRP HB2  H N N 336 
TRP HB3  H N N 337 
TRP HD1  H N N 338 
TRP HE1  H N N 339 
TRP HE3  H N N 340 
TRP HZ2  H N N 341 
TRP HZ3  H N N 342 
TRP HH2  H N N 343 
TRP HXT  H N N 344 
TYR N    N N N 345 
TYR CA   C N S 346 
TYR C    C N N 347 
TYR O    O N N 348 
TYR CB   C N N 349 
TYR CG   C Y N 350 
TYR CD1  C Y N 351 
TYR CD2  C Y N 352 
TYR CE1  C Y N 353 
TYR CE2  C Y N 354 
TYR CZ   C Y N 355 
TYR OH   O N N 356 
TYR OXT  O N N 357 
TYR H    H N N 358 
TYR H2   H N N 359 
TYR HA   H N N 360 
TYR HB2  H N N 361 
TYR HB3  H N N 362 
TYR HD1  H N N 363 
TYR HD2  H N N 364 
TYR HE1  H N N 365 
TYR HE2  H N N 366 
TYR HH   H N N 367 
TYR HXT  H N N 368 
VAL N    N N N 369 
VAL CA   C N S 370 
VAL C    C N N 371 
VAL O    O N N 372 
VAL CB   C N N 373 
VAL CG1  C N N 374 
VAL CG2  C N N 375 
VAL OXT  O N N 376 
VAL H    H N N 377 
VAL H2   H N N 378 
VAL HA   H N N 379 
VAL HB   H N N 380 
VAL HG11 H N N 381 
VAL HG12 H N N 382 
VAL HG13 H N N 383 
VAL HG21 H N N 384 
VAL HG22 H N N 385 
VAL HG23 H N N 386 
VAL HXT  H N N 387 
# 
loop_
_chem_comp_bond.comp_id 
_chem_comp_bond.atom_id_1 
_chem_comp_bond.atom_id_2 
_chem_comp_bond.value_order 
_chem_comp_bond.pdbx_aromatic_flag 
_chem_comp_bond.pdbx_stereo_config 
_chem_comp_bond.pdbx_ordinal 
ALA N   CA   sing N N 1   
ALA N   H    sing N N 2   
ALA N   H2   sing N N 3   
ALA CA  C    sing N N 4   
ALA CA  CB   sing N N 5   
ALA CA  HA   sing N N 6   
ALA C   O    doub N N 7   
ALA C   OXT  sing N N 8   
ALA CB  HB1  sing N N 9   
ALA CB  HB2  sing N N 10  
ALA CB  HB3  sing N N 11  
ALA OXT HXT  sing N N 12  
ARG N   CA   sing N N 13  
ARG N   H    sing N N 14  
ARG N   H2   sing N N 15  
ARG CA  C    sing N N 16  
ARG CA  CB   sing N N 17  
ARG CA  HA   sing N N 18  
ARG C   O    doub N N 19  
ARG C   OXT  sing N N 20  
ARG CB  CG   sing N N 21  
ARG CB  HB2  sing N N 22  
ARG CB  HB3  sing N N 23  
ARG CG  CD   sing N N 24  
ARG CG  HG2  sing N N 25  
ARG CG  HG3  sing N N 26  
ARG CD  NE   sing N N 27  
ARG CD  HD2  sing N N 28  
ARG CD  HD3  sing N N 29  
ARG NE  CZ   sing N N 30  
ARG NE  HE   sing N N 31  
ARG CZ  NH1  sing N N 32  
ARG CZ  NH2  doub N N 33  
ARG NH1 HH11 sing N N 34  
ARG NH1 HH12 sing N N 35  
ARG NH2 HH21 sing N N 36  
ARG NH2 HH22 sing N N 37  
ARG OXT HXT  sing N N 38  
ASN N   CA   sing N N 39  
ASN N   H    sing N N 40  
ASN N   H2   sing N N 41  
ASN CA  C    sing N N 42  
ASN CA  CB   sing N N 43  
ASN CA  HA   sing N N 44  
ASN C   O    doub N N 45  
ASN C   OXT  sing N N 46  
ASN CB  CG   sing N N 47  
ASN CB  HB2  sing N N 48  
ASN CB  HB3  sing N N 49  
ASN CG  OD1  doub N N 50  
ASN CG  ND2  sing N N 51  
ASN ND2 HD21 sing N N 52  
ASN ND2 HD22 sing N N 53  
ASN OXT HXT  sing N N 54  
ASP N   CA   sing N N 55  
ASP N   H    sing N N 56  
ASP N   H2   sing N N 57  
ASP CA  C    sing N N 58  
ASP CA  CB   sing N N 59  
ASP CA  HA   sing N N 60  
ASP C   O    doub N N 61  
ASP C   OXT  sing N N 62  
ASP CB  CG   sing N N 63  
ASP CB  HB2  sing N N 64  
ASP CB  HB3  sing N N 65  
ASP CG  OD1  doub N N 66  
ASP CG  OD2  sing N N 67  
ASP OD2 HD2  sing N N 68  
ASP OXT HXT  sing N N 69  
CYS N   CA   sing N N 70  
CYS N   H    sing N N 71  
CYS N   H2   sing N N 72  
CYS CA  C    sing N N 73  
CYS CA  CB   sing N N 74  
CYS CA  HA   sing N N 75  
CYS C   O    doub N N 76  
CYS C   OXT  sing N N 77  
CYS CB  SG   sing N N 78  
CYS CB  HB2  sing N N 79  
CYS CB  HB3  sing N N 80  
CYS SG  HG   sing N N 81  
CYS OXT HXT  sing N N 82  
GLN N   CA   sing N N 83  
GLN N   H    sing N N 84  
GLN N   H2   sing N N 85  
GLN CA  C    sing N N 86  
GLN CA  CB   sing N N 87  
GLN CA  HA   sing N N 88  
GLN C   O    doub N N 89  
GLN C   OXT  sing N N 90  
GLN CB  CG   sing N N 91  
GLN CB  HB2  sing N N 92  
GLN CB  HB3  sing N N 93  
GLN CG  CD   sing N N 94  
GLN CG  HG2  sing N N 95  
GLN CG  HG3  sing N N 96  
GLN CD  OE1  doub N N 97  
GLN CD  NE2  sing N N 98  
GLN NE2 HE21 sing N N 99  
GLN NE2 HE22 sing N N 100 
GLN OXT HXT  sing N N 101 
GLU N   CA   sing N N 102 
GLU N   H    sing N N 103 
GLU N   H2   sing N N 104 
GLU CA  C    sing N N 105 
GLU CA  CB   sing N N 106 
GLU CA  HA   sing N N 107 
GLU C   O    doub N N 108 
GLU C   OXT  sing N N 109 
GLU CB  CG   sing N N 110 
GLU CB  HB2  sing N N 111 
GLU CB  HB3  sing N N 112 
GLU CG  CD   sing N N 113 
GLU CG  HG2  sing N N 114 
GLU CG  HG3  sing N N 115 
GLU CD  OE1  doub N N 116 
GLU CD  OE2  sing N N 117 
GLU OE2 HE2  sing N N 118 
GLU OXT HXT  sing N N 119 
GLY N   CA   sing N N 120 
GLY N   H    sing N N 121 
GLY N   H2   sing N N 122 
GLY CA  C    sing N N 123 
GLY CA  HA2  sing N N 124 
GLY CA  HA3  sing N N 125 
GLY C   O    doub N N 126 
GLY C   OXT  sing N N 127 
GLY OXT HXT  sing N N 128 
HIS N   CA   sing N N 129 
HIS N   H    sing N N 130 
HIS N   H2   sing N N 131 
HIS CA  C    sing N N 132 
HIS CA  CB   sing N N 133 
HIS CA  HA   sing N N 134 
HIS C   O    doub N N 135 
HIS C   OXT  sing N N 136 
HIS CB  CG   sing N N 137 
HIS CB  HB2  sing N N 138 
HIS CB  HB3  sing N N 139 
HIS CG  ND1  sing Y N 140 
HIS CG  CD2  doub Y N 141 
HIS ND1 CE1  doub Y N 142 
HIS ND1 HD1  sing N N 143 
HIS CD2 NE2  sing Y N 144 
HIS CD2 HD2  sing N N 145 
HIS CE1 NE2  sing Y N 146 
HIS CE1 HE1  sing N N 147 
HIS NE2 HE2  sing N N 148 
HIS OXT HXT  sing N N 149 
ILE N   CA   sing N N 150 
ILE N   H    sing N N 151 
ILE N   H2   sing N N 152 
ILE CA  C    sing N N 153 
ILE CA  CB   sing N N 154 
ILE CA  HA   sing N N 155 
ILE C   O    doub N N 156 
ILE C   OXT  sing N N 157 
ILE CB  CG1  sing N N 158 
ILE CB  CG2  sing N N 159 
ILE CB  HB   sing N N 160 
ILE CG1 CD1  sing N N 161 
ILE CG1 HG12 sing N N 162 
ILE CG1 HG13 sing N N 163 
ILE CG2 HG21 sing N N 164 
ILE CG2 HG22 sing N N 165 
ILE CG2 HG23 sing N N 166 
ILE CD1 HD11 sing N N 167 
ILE CD1 HD12 sing N N 168 
ILE CD1 HD13 sing N N 169 
ILE OXT HXT  sing N N 170 
LEU N   CA   sing N N 171 
LEU N   H    sing N N 172 
LEU N   H2   sing N N 173 
LEU CA  C    sing N N 174 
LEU CA  CB   sing N N 175 
LEU CA  HA   sing N N 176 
LEU C   O    doub N N 177 
LEU C   OXT  sing N N 178 
LEU CB  CG   sing N N 179 
LEU CB  HB2  sing N N 180 
LEU CB  HB3  sing N N 181 
LEU CG  CD1  sing N N 182 
LEU CG  CD2  sing N N 183 
LEU CG  HG   sing N N 184 
LEU CD1 HD11 sing N N 185 
LEU CD1 HD12 sing N N 186 
LEU CD1 HD13 sing N N 187 
LEU CD2 HD21 sing N N 188 
LEU CD2 HD22 sing N N 189 
LEU CD2 HD23 sing N N 190 
LEU OXT HXT  sing N N 191 
LYS N   CA   sing N N 192 
LYS N   H    sing N N 193 
LYS N   H2   sing N N 194 
LYS CA  C    sing N N 195 
LYS CA  CB   sing N N 196 
LYS CA  HA   sing N N 197 
LYS C   O    doub N N 198 
LYS C   OXT  sing N N 199 
LYS CB  CG   sing N N 200 
LYS CB  HB2  sing N N 201 
LYS CB  HB3  sing N N 202 
LYS CG  CD   sing N N 203 
LYS CG  HG2  sing N N 204 
LYS CG  HG3  sing N N 205 
LYS CD  CE   sing N N 206 
LYS CD  HD2  sing N N 207 
LYS CD  HD3  sing N N 208 
LYS CE  NZ   sing N N 209 
LYS CE  HE2  sing N N 210 
LYS CE  HE3  sing N N 211 
LYS NZ  HZ1  sing N N 212 
LYS NZ  HZ2  sing N N 213 
LYS NZ  HZ3  sing N N 214 
LYS OXT HXT  sing N N 215 
MET N   CA   sing N N 216 
MET N   H    sing N N 217 
MET N   H2   sing N N 218 
MET CA  C    sing N N 219 
MET CA  CB   sing N N 220 
MET CA  HA   sing N N 221 
MET C   O    doub N N 222 
MET C   OXT  sing N N 223 
MET CB  CG   sing N N 224 
MET CB  HB2  sing N N 225 
MET CB  HB3  sing N N 226 
MET CG  SD   sing N N 227 
MET CG  HG2  sing N N 228 
MET CG  HG3  sing N N 229 
MET SD  CE   sing N N 230 
MET CE  HE1  sing N N 231 
MET CE  HE2  sing N N 232 
MET CE  HE3  sing N N 233 
MET OXT HXT  sing N N 234 
PHE N   CA   sing N N 235 
PHE N   H    sing N N 236 
PHE N   H2   sing N N 237 
PHE CA  C    sing N N 238 
PHE CA  CB   sing N N 239 
PHE CA  HA   sing N N 240 
PHE C   O    doub N N 241 
PHE C   OXT  sing N N 242 
PHE CB  CG   sing N N 243 
PHE CB  HB2  sing N N 244 
PHE CB  HB3  sing N N 245 
PHE CG  CD1  doub Y N 246 
PHE CG  CD2  sing Y N 247 
PHE CD1 CE1  sing Y N 248 
PHE CD1 HD1  sing N N 249 
PHE CD2 CE2  doub Y N 250 
PHE CD2 HD2  sing N N 251 
PHE CE1 CZ   doub Y N 252 
PHE CE1 HE1  sing N N 253 
PHE CE2 CZ   sing Y N 254 
PHE CE2 HE2  sing N N 255 
PHE CZ  HZ   sing N N 256 
PHE OXT HXT  sing N N 257 
PRO N   CA   sing N N 258 
PRO N   CD   sing N N 259 
PRO N   H    sing N N 260 
PRO CA  C    sing N N 261 
PRO CA  CB   sing N N 262 
PRO CA  HA   sing N N 263 
PRO C   O    doub N N 264 
PRO C   OXT  sing N N 265 
PRO CB  CG   sing N N 266 
PRO CB  HB2  sing N N 267 
PRO CB  HB3  sing N N 268 
PRO CG  CD   sing N N 269 
PRO CG  HG2  sing N N 270 
PRO CG  HG3  sing N N 271 
PRO CD  HD2  sing N N 272 
PRO CD  HD3  sing N N 273 
PRO OXT HXT  sing N N 274 
SER N   CA   sing N N 275 
SER N   H    sing N N 276 
SER N   H2   sing N N 277 
SER CA  C    sing N N 278 
SER CA  CB   sing N N 279 
SER CA  HA   sing N N 280 
SER C   O    doub N N 281 
SER C   OXT  sing N N 282 
SER CB  OG   sing N N 283 
SER CB  HB2  sing N N 284 
SER CB  HB3  sing N N 285 
SER OG  HG   sing N N 286 
SER OXT HXT  sing N N 287 
THR N   CA   sing N N 288 
THR N   H    sing N N 289 
THR N   H2   sing N N 290 
THR CA  C    sing N N 291 
THR CA  CB   sing N N 292 
THR CA  HA   sing N N 293 
THR C   O    doub N N 294 
THR C   OXT  sing N N 295 
THR CB  OG1  sing N N 296 
THR CB  CG2  sing N N 297 
THR CB  HB   sing N N 298 
THR OG1 HG1  sing N N 299 
THR CG2 HG21 sing N N 300 
THR CG2 HG22 sing N N 301 
THR CG2 HG23 sing N N 302 
THR OXT HXT  sing N N 303 
TRP N   CA   sing N N 304 
TRP N   H    sing N N 305 
TRP N   H2   sing N N 306 
TRP CA  C    sing N N 307 
TRP CA  CB   sing N N 308 
TRP CA  HA   sing N N 309 
TRP C   O    doub N N 310 
TRP C   OXT  sing N N 311 
TRP CB  CG   sing N N 312 
TRP CB  HB2  sing N N 313 
TRP CB  HB3  sing N N 314 
TRP CG  CD1  doub Y N 315 
TRP CG  CD2  sing Y N 316 
TRP CD1 NE1  sing Y N 317 
TRP CD1 HD1  sing N N 318 
TRP CD2 CE2  doub Y N 319 
TRP CD2 CE3  sing Y N 320 
TRP NE1 CE2  sing Y N 321 
TRP NE1 HE1  sing N N 322 
TRP CE2 CZ2  sing Y N 323 
TRP CE3 CZ3  doub Y N 324 
TRP CE3 HE3  sing N N 325 
TRP CZ2 CH2  doub Y N 326 
TRP CZ2 HZ2  sing N N 327 
TRP CZ3 CH2  sing Y N 328 
TRP CZ3 HZ3  sing N N 329 
TRP CH2 HH2  sing N N 330 
TRP OXT HXT  sing N N 331 
TYR N   CA   sing N N 332 
TYR N   H    sing N N 333 
TYR N   H2   sing N N 334 
TYR CA  C    sing N N 335 
TYR CA  CB   sing N N 336 
TYR CA  HA   sing N N 337 
TYR C   O    doub N N 338 
TYR C   OXT  sing N N 339 
TYR CB  CG   sing N N 340 
TYR CB  HB2  sing N N 341 
TYR CB  HB3  sing N N 342 
TYR CG  CD1  doub Y N 343 
TYR CG  CD2  sing Y N 344 
TYR CD1 CE1  sing Y N 345 
TYR CD1 HD1  sing N N 346 
TYR CD2 CE2  doub Y N 347 
TYR CD2 HD2  sing N N 348 
TYR CE1 CZ   doub Y N 349 
TYR CE1 HE1  sing N N 350 
TYR CE2 CZ   sing Y N 351 
TYR CE2 HE2  sing N N 352 
TYR CZ  OH   sing N N 353 
TYR OH  HH   sing N N 354 
TYR OXT HXT  sing N N 355 
VAL N   CA   sing N N 356 
VAL N   H    sing N N 357 
VAL N   H2   sing N N 358 
VAL CA  C    sing N N 359 
VAL CA  CB   sing N N 360 
VAL CA  HA   sing N N 361 
VAL C   O    doub N N 362 
VAL C   OXT  sing N N 363 
VAL CB  CG1  sing N N 364 
VAL CB  CG2  sing N N 365 
VAL CB  HB   sing N N 366 
VAL CG1 HG11 sing N N 367 
VAL CG1 HG12 sing N N 368 
VAL CG1 HG13 sing N N 369 
VAL CG2 HG21 sing N N 370 
VAL CG2 HG22 sing N N 371 
VAL CG2 HG23 sing N N 372 
VAL OXT HXT  sing N N 373 
# 
_em_admin.current_status     REL 
_em_admin.deposition_date    2023-05-20 
_em_admin.deposition_site    PDBJ 
_em_admin.entry_id           8JGA 
_em_admin.last_update        2024-10-16 
_em_admin.map_release_date   2024-04-24 
_em_admin.title              'Cryo-EM structure of Mi3 fused with FKBP' 
# 
_em_ctf_correction.details                  ? 
_em_ctf_correction.em_image_processing_id   1 
_em_ctf_correction.id                       1 
_em_ctf_correction.type                     'PHASE FLIPPING AND AMPLITUDE CORRECTION' 
# 
_em_entity_assembly_naturalsource.cell                 ? 
_em_entity_assembly_naturalsource.cellular_location    ? 
_em_entity_assembly_naturalsource.entity_assembly_id   1 
_em_entity_assembly_naturalsource.id                   2 
_em_entity_assembly_naturalsource.ncbi_tax_id          2336 
_em_entity_assembly_naturalsource.organism             'Thermotoga maritima' 
_em_entity_assembly_naturalsource.organelle            ? 
_em_entity_assembly_naturalsource.organ                ? 
_em_entity_assembly_naturalsource.strain               ? 
_em_entity_assembly_naturalsource.tissue               ? 
# 
_em_entity_assembly_recombinant.cell                 ? 
_em_entity_assembly_recombinant.entity_assembly_id   1 
_em_entity_assembly_recombinant.id                   2 
_em_entity_assembly_recombinant.ncbi_tax_id          562 
_em_entity_assembly_recombinant.organism             'Escherichia coli' 
_em_entity_assembly_recombinant.plasmid              ? 
_em_entity_assembly_recombinant.strain               ? 
# 
_em_image_processing.details              ? 
_em_image_processing.id                   1 
_em_image_processing.image_recording_id   1 
# 
_em_image_recording.average_exposure_time               ? 
_em_image_recording.avg_electron_dose_per_subtomogram   ? 
_em_image_recording.avg_electron_dose_per_image         50.0 
_em_image_recording.details                             ? 
_em_image_recording.detector_mode                       ? 
_em_image_recording.film_or_detector_model              'GATAN K3 BIOQUANTUM (6k x 4k)' 
_em_image_recording.id                                  1 
_em_image_recording.imaging_id                          1 
_em_image_recording.num_diffraction_images              ? 
_em_image_recording.num_grids_imaged                    ? 
_em_image_recording.num_real_images                     ? 
# 
loop_
_em_software.category 
_em_software.details 
_em_software.id 
_em_software.image_processing_id 
_em_software.fitting_id 
_em_software.imaging_id 
_em_software.name 
_em_software.version 
'PARTICLE SELECTION'       ? 1  1 ? ? ?      ?         
'MODEL REFINEMENT'         ? 2  ? ? ? PHENIX dev_3951: 
'IMAGE ACQUISITION'        ? 3  ? ? 1 ?      ?         
MASKING                    ? 4  ? ? ? ?      ?         
'CTF CORRECTION'           ? 5  1 ? ? ?      ?         
'LAYERLINE INDEXING'       ? 6  ? ? ? ?      ?         
'DIFFRACTION INDEXING'     ? 7  ? ? ? ?      ?         
'MODEL FITTING'            ? 8  ? ? ? ?      ?         
OTHER                      ? 9  ? ? ? ?      ?         
'INITIAL EULER ASSIGNMENT' ? 10 1 ? ? ?      ?         
'FINAL EULER ASSIGNMENT'   ? 11 1 ? ? ?      ?         
CLASSIFICATION             ? 12 1 ? ? ?      ?         
RECONSTRUCTION             ? 13 1 ? ? ?      ?         
# 
_em_specimen.concentration           ? 
_em_specimen.details                 ? 
_em_specimen.embedding_applied       NO 
_em_specimen.experiment_id           1 
_em_specimen.id                      1 
_em_specimen.shadowing_applied       NO 
_em_specimen.staining_applied        NO 
_em_specimen.vitrification_applied   YES 
# 
_pdbx_audit_support.funding_organization   'National Natural Science Foundation of China (NSFC)' 
_pdbx_audit_support.country                China 
_pdbx_audit_support.grant_number           ? 
_pdbx_audit_support.ordinal                1 
# 
_atom_sites.entry_id                    8JGA 
_atom_sites.Cartn_transf_matrix[1][1]   ? 
_atom_sites.Cartn_transf_matrix[1][2]   ? 
_atom_sites.Cartn_transf_matrix[1][3]   ? 
_atom_sites.Cartn_transf_matrix[2][1]   ? 
_atom_sites.Cartn_transf_matrix[2][2]   ? 
_atom_sites.Cartn_transf_matrix[2][3]   ? 
_atom_sites.Cartn_transf_matrix[3][1]   ? 
_atom_sites.Cartn_transf_matrix[3][2]   ? 
_atom_sites.Cartn_transf_matrix[3][3]   ? 
_atom_sites.Cartn_transf_vector[1]      ? 
_atom_sites.Cartn_transf_vector[2]      ? 
_atom_sites.Cartn_transf_vector[3]      ? 
_atom_sites.fract_transf_matrix[1][1]   1.000000 
_atom_sites.fract_transf_matrix[1][2]   0.000000 
_atom_sites.fract_transf_matrix[1][3]   0.000000 
_atom_sites.fract_transf_matrix[2][1]   0.000000 
_atom_sites.fract_transf_matrix[2][2]   1.000000 
_atom_sites.fract_transf_matrix[2][3]   0.000000 
_atom_sites.fract_transf_matrix[3][1]   0.000000 
_atom_sites.fract_transf_matrix[3][2]   0.000000 
_atom_sites.fract_transf_matrix[3][3]   1.000000 
_atom_sites.fract_transf_vector[1]      0.00000 
_atom_sites.fract_transf_vector[2]      0.00000 
_atom_sites.fract_transf_vector[3]      0.00000 
_atom_sites.solution_primary            ? 
_atom_sites.solution_secondary          ? 
_atom_sites.solution_hydrogens          ? 
_atom_sites.special_details             ? 
# 
loop_
_atom_type.symbol 
C 
N 
O 
S 
# 
loop_
_atom_site.group_PDB 
_atom_site.id 
_atom_site.type_symbol 
_atom_site.label_atom_id 
_atom_site.label_alt_id 
_atom_site.label_comp_id 
_atom_site.label_asym_id 
_atom_site.label_entity_id 
_atom_site.label_seq_id 
_atom_site.pdbx_PDB_ins_code 
_atom_site.Cartn_x 
_atom_site.Cartn_y 
_atom_site.Cartn_z 
_atom_site.occupancy 
_atom_site.B_iso_or_equiv 
_atom_site.pdbx_formal_charge 
_atom_site.auth_seq_id 
_atom_site.auth_comp_id 
_atom_site.auth_asym_id 
_atom_site.auth_atom_id 
_atom_site.pdbx_PDB_model_num 
ATOM 1    N N   . LYS A 1 134 ? -14.798 4.122   -1.773  1.00 42.09 ? 2   LYS A N   1 
ATOM 2    C CA  . LYS A 1 134 ? -13.991 5.092   -2.500  1.00 42.09 ? 2   LYS A CA  1 
ATOM 3    C C   . LYS A 1 134 ? -12.595 4.545   -2.772  1.00 42.09 ? 2   LYS A C   1 
ATOM 4    O O   . LYS A 1 134 ? -12.172 4.426   -3.929  1.00 42.09 ? 2   LYS A O   1 
ATOM 5    N N   . MET A 1 135 ? -11.895 4.191   -1.690  1.00 41.09 ? 3   MET A N   1 
ATOM 6    C CA  . MET A 1 135 ? -10.504 3.768   -1.805  1.00 41.09 ? 3   MET A CA  1 
ATOM 7    C C   . MET A 1 135 ? -10.351 2.605   -2.776  1.00 41.09 ? 3   MET A C   1 
ATOM 8    O O   . MET A 1 135 ? -9.327  2.490   -3.453  1.00 41.09 ? 3   MET A O   1 
ATOM 9    N N   . GLU A 1 136 ? -11.367 1.749   -2.876  1.00 40.43 ? 4   GLU A N   1 
ATOM 10   C CA  . GLU A 1 136 ? -11.270 0.585   -3.751  1.00 40.43 ? 4   GLU A CA  1 
ATOM 11   C C   . GLU A 1 136 ? -11.124 0.998   -5.212  1.00 40.43 ? 4   GLU A C   1 
ATOM 12   O O   . GLU A 1 136 ? -10.193 0.564   -5.905  1.00 40.43 ? 4   GLU A O   1 
ATOM 13   C CB  . GLU A 1 136 ? -12.496 -0.311  -3.563  1.00 40.43 ? 4   GLU A CB  1 
ATOM 14   C CG  . GLU A 1 136 ? -12.867 -0.592  -2.108  1.00 40.43 ? 4   GLU A CG  1 
ATOM 15   C CD  . GLU A 1 136 ? -13.687 0.518   -1.468  1.00 40.43 ? 4   GLU A CD  1 
ATOM 16   O OE1 . GLU A 1 136 ? -13.721 1.636   -2.024  1.00 40.43 ? 4   GLU A OE1 1 
ATOM 17   O OE2 . GLU A 1 136 ? -14.296 0.272   -0.406  1.00 40.43 ? 4   GLU A OE2 1 
ATOM 18   N N   . GLU A 1 137 ? -12.032 1.844   -5.702  1.00 41.86 ? 5   GLU A N   1 
ATOM 19   C CA  . GLU A 1 137 ? -11.943 2.261   -7.097  1.00 41.86 ? 5   GLU A CA  1 
ATOM 20   C C   . GLU A 1 137 ? -10.775 3.214   -7.300  1.00 41.86 ? 5   GLU A C   1 
ATOM 21   O O   . GLU A 1 137 ? -10.187 3.272   -8.385  1.00 41.86 ? 5   GLU A O   1 
ATOM 22   C CB  . GLU A 1 137 ? -13.258 2.893   -7.565  1.00 41.86 ? 5   GLU A CB  1 
ATOM 23   C CG  . GLU A 1 137 ? -13.588 4.243   -6.962  1.00 41.86 ? 5   GLU A CG  1 
ATOM 24   C CD  . GLU A 1 137 ? -14.488 4.133   -5.753  1.00 41.86 ? 5   GLU A CD  1 
ATOM 25   O OE1 . GLU A 1 137 ? -14.511 3.059   -5.118  1.00 41.86 ? 5   GLU A OE1 1 
ATOM 26   O OE2 . GLU A 1 137 ? -15.183 5.123   -5.441  1.00 41.86 ? 5   GLU A OE2 1 
ATOM 27   N N   . LEU A 1 138 ? -10.400 3.950   -6.253  1.00 41.52 ? 6   LEU A N   1 
ATOM 28   C CA  . LEU A 1 138 ? -9.206  4.784   -6.335  1.00 41.52 ? 6   LEU A CA  1 
ATOM 29   C C   . LEU A 1 138 ? -7.964  3.931   -6.579  1.00 41.52 ? 6   LEU A C   1 
ATOM 30   O O   . LEU A 1 138 ? -7.113  4.270   -7.408  1.00 41.52 ? 6   LEU A O   1 
ATOM 31   C CB  . LEU A 1 138 ? -9.081  5.620   -5.062  1.00 41.52 ? 6   LEU A CB  1 
ATOM 32   C CG  . LEU A 1 138 ? -9.657  7.036   -5.177  1.00 41.52 ? 6   LEU A CG  1 
ATOM 33   C CD1 . LEU A 1 138 ? -11.171 7.030   -5.198  1.00 41.52 ? 6   LEU A CD1 1 
ATOM 34   C CD2 . LEU A 1 138 ? -9.191  7.869   -4.008  1.00 41.52 ? 6   LEU A CD2 1 
ATOM 35   N N   . PHE A 1 139 ? -7.856  2.802   -5.874  1.00 38.15 ? 7   PHE A N   1 
ATOM 36   C CA  . PHE A 1 139 ? -6.778  1.850   -6.126  1.00 38.15 ? 7   PHE A CA  1 
ATOM 37   C C   . PHE A 1 139 ? -6.859  1.271   -7.530  1.00 38.15 ? 7   PHE A C   1 
ATOM 38   O O   . PHE A 1 139 ? -5.860  1.229   -8.255  1.00 38.15 ? 7   PHE A O   1 
ATOM 39   C CB  . PHE A 1 139 ? -6.808  0.719   -5.096  1.00 38.15 ? 7   PHE A CB  1 
ATOM 40   C CG  . PHE A 1 139 ? -6.029  1.007   -3.850  1.00 38.15 ? 7   PHE A CG  1 
ATOM 41   C CD1 . PHE A 1 139 ? -4.665  0.807   -3.819  1.00 38.15 ? 7   PHE A CD1 1 
ATOM 42   C CD2 . PHE A 1 139 ? -6.659  1.455   -2.707  1.00 38.15 ? 7   PHE A CD2 1 
ATOM 43   C CE1 . PHE A 1 139 ? -3.944  1.063   -2.677  1.00 38.15 ? 7   PHE A CE1 1 
ATOM 44   C CE2 . PHE A 1 139 ? -5.944  1.713   -1.563  1.00 38.15 ? 7   PHE A CE2 1 
ATOM 45   C CZ  . PHE A 1 139 ? -4.585  1.517   -1.547  1.00 38.15 ? 7   PHE A CZ  1 
ATOM 46   N N   . LYS A 1 140 ? -8.049  0.811   -7.929  1.00 38.71 ? 8   LYS A N   1 
ATOM 47   C CA  . LYS A 1 140 ? -8.181  0.211   -9.255  1.00 38.71 ? 8   LYS A CA  1 
ATOM 48   C C   . LYS A 1 140 ? -7.855  1.212   -10.357 1.00 38.71 ? 8   LYS A C   1 
ATOM 49   O O   . LYS A 1 140 ? -7.479  0.819   -11.467 1.00 38.71 ? 8   LYS A O   1 
ATOM 50   C CB  . LYS A 1 140 ? -9.581  -0.370  -9.455  1.00 38.71 ? 8   LYS A CB  1 
ATOM 51   C CG  . LYS A 1 140 ? -9.923  -1.524  -8.526  1.00 38.71 ? 8   LYS A CG  1 
ATOM 52   C CD  . LYS A 1 140 ? -11.300 -2.104  -8.831  1.00 38.71 ? 8   LYS A CD  1 
ATOM 53   C CE  . LYS A 1 140 ? -12.425 -1.169  -8.437  1.00 38.71 ? 8   LYS A CE  1 
ATOM 54   N NZ  . LYS A 1 140 ? -12.477 -0.995  -6.963  1.00 38.71 ? 8   LYS A NZ  1 
ATOM 55   N N   . LYS A 1 141 ? -7.988  2.508   -10.071 1.00 41.68 ? 9   LYS A N   1 
ATOM 56   C CA  . LYS A 1 141 ? -7.676  3.518   -11.075 1.00 41.68 ? 9   LYS A CA  1 
ATOM 57   C C   . LYS A 1 141 ? -6.189  3.850   -11.085 1.00 41.68 ? 9   LYS A C   1 
ATOM 58   O O   . LYS A 1 141 ? -5.556  3.868   -12.147 1.00 41.68 ? 9   LYS A O   1 
ATOM 59   C CB  . LYS A 1 141 ? -8.506  4.777   -10.824 1.00 41.68 ? 9   LYS A CB  1 
ATOM 60   C CG  . LYS A 1 141 ? -8.293  5.875   -11.852 1.00 41.68 ? 9   LYS A CG  1 
ATOM 61   C CD  . LYS A 1 141 ? -9.330  6.977   -11.706 1.00 41.68 ? 9   LYS A CD  1 
ATOM 62   C CE  . LYS A 1 141 ? -9.084  7.804   -10.457 1.00 41.68 ? 9   LYS A CE  1 
ATOM 63   N NZ  . LYS A 1 141 ? -7.852  8.632   -10.571 1.00 41.68 ? 9   LYS A NZ  1 
ATOM 64   N N   . HIS A 1 142 ? -5.611  4.116   -9.911  1.00 40.95 ? 10  HIS A N   1 
ATOM 65   C CA  . HIS A 1 142 ? -4.228  4.582   -9.856  1.00 40.95 ? 10  HIS A CA  1 
ATOM 66   C C   . HIS A 1 142 ? -3.217  3.463   -10.079 1.00 40.95 ? 10  HIS A C   1 
ATOM 67   O O   . HIS A 1 142 ? -2.105  3.742   -10.539 1.00 40.95 ? 10  HIS A O   1 
ATOM 68   C CB  . HIS A 1 142 ? -3.966  5.278   -8.523  1.00 40.95 ? 10  HIS A CB  1 
ATOM 69   C CG  . HIS A 1 142 ? -4.643  6.607   -8.398  1.00 40.95 ? 10  HIS A CG  1 
ATOM 70   N ND1 . HIS A 1 142 ? -4.016  7.793   -8.705  1.00 40.95 ? 10  HIS A ND1 1 
ATOM 71   C CD2 . HIS A 1 142 ? -5.897  6.935   -8.007  1.00 40.95 ? 10  HIS A CD2 1 
ATOM 72   C CE1 . HIS A 1 142 ? -4.852  8.797   -8.503  1.00 40.95 ? 10  HIS A CE1 1 
ATOM 73   N NE2 . HIS A 1 142 ? -6.001  8.303   -8.079  1.00 40.95 ? 10  HIS A NE2 1 
ATOM 74   N N   . LYS A 1 143 ? -3.564  2.219   -9.745  1.00 35.47 ? 11  LYS A N   1 
ATOM 75   C CA  . LYS A 1 143 ? -2.787  1.042   -10.126 1.00 35.47 ? 11  LYS A CA  1 
ATOM 76   C C   . LYS A 1 143 ? -1.379  0.990   -9.542  1.00 35.47 ? 11  LYS A C   1 
ATOM 77   O O   . LYS A 1 143 ? -0.527  0.271   -10.073 1.00 35.47 ? 11  LYS A O   1 
ATOM 78   C CB  . LYS A 1 143 ? -2.693  0.939   -11.652 1.00 35.47 ? 11  LYS A CB  1 
ATOM 79   C CG  . LYS A 1 143 ? -3.782  0.103   -12.300 1.00 35.47 ? 11  LYS A CG  1 
ATOM 80   C CD  . LYS A 1 143 ? -3.701  0.192   -13.816 1.00 35.47 ? 11  LYS A CD  1 
ATOM 81   C CE  . LYS A 1 143 ? -4.151  -1.101  -14.476 1.00 35.47 ? 11  LYS A CE  1 
ATOM 82   N NZ  . LYS A 1 143 ? -3.475  -1.324  -15.786 1.00 35.47 ? 11  LYS A NZ  1 
ATOM 83   N N   . ILE A 1 144 ? -1.116  1.725   -8.464  1.00 31.96 ? 12  ILE A N   1 
ATOM 84   C CA  . ILE A 1 144 ? 0.139   1.579   -7.726  1.00 31.96 ? 12  ILE A CA  1 
ATOM 85   C C   . ILE A 1 144 ? 0.007   2.296   -6.393  1.00 31.96 ? 12  ILE A C   1 
ATOM 86   O O   . ILE A 1 144 ? -0.685  3.310   -6.282  1.00 31.96 ? 12  ILE A O   1 
ATOM 87   C CB  . ILE A 1 144 ? 1.348   2.112   -8.527  1.00 31.96 ? 12  ILE A CB  1 
ATOM 88   C CG1 . ILE A 1 144 ? 2.644   1.710   -7.833  1.00 31.96 ? 12  ILE A CG1 1 
ATOM 89   C CG2 . ILE A 1 144 ? 1.264   3.609   -8.693  1.00 31.96 ? 12  ILE A CG2 1 
ATOM 90   C CD1 . ILE A 1 144 ? 3.849   1.899   -8.671  1.00 31.96 ? 12  ILE A CD1 1 
ATOM 91   N N   . VAL A 1 145 ? 0.678   1.758   -5.380  1.00 32.51 ? 13  VAL A N   1 
ATOM 92   C CA  . VAL A 1 145 ? 0.776   2.378   -4.065  1.00 32.51 ? 13  VAL A CA  1 
ATOM 93   C C   . VAL A 1 145 ? 2.220   2.249   -3.604  1.00 32.51 ? 13  VAL A C   1 
ATOM 94   O O   . VAL A 1 145 ? 2.866   1.227   -3.859  1.00 32.51 ? 13  VAL A O   1 
ATOM 95   C CB  . VAL A 1 145 ? -0.194  1.737   -3.053  1.00 32.51 ? 13  VAL A CB  1 
ATOM 96   C CG1 . VAL A 1 145 ? 0.127   0.272   -2.843  1.00 32.51 ? 13  VAL A CG1 1 
ATOM 97   C CG2 . VAL A 1 145 ? -0.161  2.481   -1.743  1.00 32.51 ? 13  VAL A CG2 1 
ATOM 98   N N   . ALA A 1 146 ? 2.735   3.288   -2.958  1.00 32.45 ? 14  ALA A N   1 
ATOM 99   C CA  . ALA A 1 146 ? 4.124   3.322   -2.524  1.00 32.45 ? 14  ALA A CA  1 
ATOM 100  C C   . ALA A 1 146 ? 4.199   3.320   -1.003  1.00 32.45 ? 14  ALA A C   1 
ATOM 101  O O   . ALA A 1 146 ? 3.551   4.140   -0.345  1.00 32.45 ? 14  ALA A O   1 
ATOM 102  C CB  . ALA A 1 146 ? 4.837   4.550   -3.085  1.00 32.45 ? 14  ALA A CB  1 
ATOM 103  N N   . VAL A 1 147 ? 4.987   2.400   -0.453  1.00 31.61 ? 15  VAL A N   1 
ATOM 104  C CA  . VAL A 1 147 ? 5.240   2.347   0.982   1.00 31.61 ? 15  VAL A CA  1 
ATOM 105  C C   . VAL A 1 147 ? 6.644   2.892   1.217   1.00 31.61 ? 15  VAL A C   1 
ATOM 106  O O   . VAL A 1 147 ? 7.582   2.556   0.492   1.00 31.61 ? 15  VAL A O   1 
ATOM 107  C CB  . VAL A 1 147 ? 5.078   0.927   1.539   1.00 31.61 ? 15  VAL A CB  1 
ATOM 108  C CG1 . VAL A 1 147 ? 3.698   0.419   1.260   1.00 31.61 ? 15  VAL A CG1 1 
ATOM 109  C CG2 . VAL A 1 147 ? 6.083   -0.019  0.940   1.00 31.61 ? 15  VAL A CG2 1 
ATOM 110  N N   . LEU A 1 148 ? 6.787   3.763   2.216   1.00 33.76 ? 16  LEU A N   1 
ATOM 111  C CA  . LEU A 1 148 ? 8.035   4.500   2.412   1.00 33.76 ? 16  LEU A CA  1 
ATOM 112  C C   . LEU A 1 148 ? 8.881   3.817   3.481   1.00 33.76 ? 16  LEU A C   1 
ATOM 113  O O   . LEU A 1 148 ? 8.774   4.082   4.679   1.00 33.76 ? 16  LEU A O   1 
ATOM 114  C CB  . LEU A 1 148 ? 7.752   5.952   2.767   1.00 33.76 ? 16  LEU A CB  1 
ATOM 115  C CG  . LEU A 1 148 ? 7.153   6.775   1.631   1.00 33.76 ? 16  LEU A CG  1 
ATOM 116  C CD1 . LEU A 1 148 ? 7.020   8.213   2.052   1.00 33.76 ? 16  LEU A CD1 1 
ATOM 117  C CD2 . LEU A 1 148 ? 8.003   6.666   0.393   1.00 33.76 ? 16  LEU A CD2 1 
ATOM 118  N N   . ARG A 1 149 ? 9.749   2.921   3.020   1.00 35.62 ? 17  ARG A N   1 
ATOM 119  C CA  . ARG A 1 149 ? 10.820  2.384   3.852   1.00 35.62 ? 17  ARG A CA  1 
ATOM 120  C C   . ARG A 1 149 ? 11.877  3.470   3.974   1.00 35.62 ? 17  ARG A C   1 
ATOM 121  O O   . ARG A 1 149 ? 12.808  3.537   3.169   1.00 35.62 ? 17  ARG A O   1 
ATOM 122  C CB  . ARG A 1 149 ? 11.401  1.121   3.224   1.00 35.62 ? 17  ARG A CB  1 
ATOM 123  C CG  . ARG A 1 149 ? 10.385  0.049   2.869   1.00 35.62 ? 17  ARG A CG  1 
ATOM 124  C CD  . ARG A 1 149 ? 10.290  -1.015  3.946   1.00 35.62 ? 17  ARG A CD  1 
ATOM 125  N NE  . ARG A 1 149 ? 9.692   -0.511  5.175   1.00 35.62 ? 17  ARG A NE  1 
ATOM 126  C CZ  . ARG A 1 149 ? 8.439   -0.732  5.543   1.00 35.62 ? 17  ARG A CZ  1 
ATOM 127  N NH1 . ARG A 1 149 ? 7.613   -1.437  4.791   1.00 35.62 ? 17  ARG A NH1 1 
ATOM 128  N NH2 . ARG A 1 149 ? 8.008   -0.235  6.698   1.00 35.62 ? 17  ARG A NH2 1 
ATOM 129  N N   . ALA A 1 150 ? 11.743  4.338   4.974   1.00 41.45 ? 18  ALA A N   1 
ATOM 130  C CA  . ALA A 1 150 ? 12.533  5.559   4.972   1.00 41.45 ? 18  ALA A CA  1 
ATOM 131  C C   . ALA A 1 150 ? 13.023  5.896   6.372   1.00 41.45 ? 18  ALA A C   1 
ATOM 132  O O   . ALA A 1 150 ? 12.632  5.281   7.366   1.00 41.45 ? 18  ALA A O   1 
ATOM 133  C CB  . ALA A 1 150 ? 11.736  6.737   4.402   1.00 41.45 ? 18  ALA A CB  1 
ATOM 134  N N   . ASN A 1 151 ? 13.912  6.886   6.413   1.00 46.09 ? 19  ASN A N   1 
ATOM 135  C CA  . ASN A 1 151 ? 14.496  7.443   7.625   1.00 46.09 ? 19  ASN A CA  1 
ATOM 136  C C   . ASN A 1 151 ? 13.684  8.626   8.135   1.00 46.09 ? 19  ASN A C   1 
ATOM 137  O O   . ASN A 1 151 ? 12.493  8.750   7.835   1.00 46.09 ? 19  ASN A O   1 
ATOM 138  C CB  . ASN A 1 151 ? 15.950  7.849   7.387   1.00 46.09 ? 19  ASN A CB  1 
ATOM 139  C CG  . ASN A 1 151 ? 16.899  6.668   7.441   1.00 46.09 ? 19  ASN A CG  1 
ATOM 140  O OD1 . ASN A 1 151 ? 16.477  5.515   7.347   1.00 46.09 ? 19  ASN A OD1 1 
ATOM 141  N ND2 . ASN A 1 151 ? 18.187  6.948   7.603   1.00 46.09 ? 19  ASN A ND2 1 
ATOM 142  N N   . SER A 1 152 ? 14.328  9.475   8.935   1.00 47.66 ? 20  SER A N   1 
ATOM 143  C CA  . SER A 1 152 ? 13.728  10.581  9.674   1.00 47.66 ? 20  SER A CA  1 
ATOM 144  C C   . SER A 1 152 ? 12.715  11.417  8.896   1.00 47.66 ? 20  SER A C   1 
ATOM 145  O O   . SER A 1 152 ? 12.745  11.479  7.661   1.00 47.66 ? 20  SER A O   1 
ATOM 146  C CB  . SER A 1 152 ? 14.834  11.501  10.190  1.00 47.66 ? 20  SER A CB  1 
ATOM 147  O OG  . SER A 1 152 ? 15.648  11.953  9.122   1.00 47.66 ? 20  SER A OG  1 
ATOM 148  N N   . VAL A 1 153 ? 11.802  12.040  9.653   1.00 46.12 ? 21  VAL A N   1 
ATOM 149  C CA  . VAL A 1 153 ? 10.659  12.781  9.114   1.00 46.12 ? 21  VAL A CA  1 
ATOM 150  C C   . VAL A 1 153 ? 11.047  13.635  7.915   1.00 46.12 ? 21  VAL A C   1 
ATOM 151  O O   . VAL A 1 153 ? 10.320  13.691  6.918   1.00 46.12 ? 21  VAL A O   1 
ATOM 152  C CB  . VAL A 1 153 ? 10.032  13.643  10.225  1.00 46.12 ? 21  VAL A CB  1 
ATOM 153  C CG1 . VAL A 1 153 ? 9.074   14.667  9.639   1.00 46.12 ? 21  VAL A CG1 1 
ATOM 154  C CG2 . VAL A 1 153 ? 9.338   12.773  11.253  1.00 46.12 ? 21  VAL A CG2 1 
ATOM 155  N N   . GLU A 1 154 ? 12.178  14.336  7.998   1.00 50.19 ? 22  GLU A N   1 
ATOM 156  C CA  . GLU A 1 154 ? 12.562  15.232  6.910   1.00 50.19 ? 22  GLU A CA  1 
ATOM 157  C C   . GLU A 1 154 ? 12.798  14.462  5.618   1.00 50.19 ? 22  GLU A C   1 
ATOM 158  O O   . GLU A 1 154 ? 12.304  14.848  4.552   1.00 50.19 ? 22  GLU A O   1 
ATOM 159  C CB  . GLU A 1 154 ? 13.807  16.029  7.301   1.00 50.19 ? 22  GLU A CB  1 
ATOM 160  C CG  . GLU A 1 154 ? 13.555  17.077  8.370   1.00 50.19 ? 22  GLU A CG  1 
ATOM 161  C CD  . GLU A 1 154 ? 12.577  18.143  7.917   1.00 50.19 ? 22  GLU A CD  1 
ATOM 162  O OE1 . GLU A 1 154 ? 12.549  18.453  6.709   1.00 50.19 ? 22  GLU A OE1 1 
ATOM 163  O OE2 . GLU A 1 154 ? 11.834  18.673  8.771   1.00 50.19 ? 22  GLU A OE2 1 
ATOM 164  N N   . GLU A 1 155 ? 13.540  13.357  5.695   1.00 45.22 ? 23  GLU A N   1 
ATOM 165  C CA  . GLU A 1 155 ? 13.796  12.574  4.493   1.00 45.22 ? 23  GLU A CA  1 
ATOM 166  C C   . GLU A 1 155 ? 12.528  11.894  4.001   1.00 45.22 ? 23  GLU A C   1 
ATOM 167  O O   . GLU A 1 155 ? 12.316  11.765  2.791   1.00 45.22 ? 23  GLU A O   1 
ATOM 168  C CB  . GLU A 1 155 ? 14.896  11.544  4.751   1.00 45.22 ? 23  GLU A CB  1 
ATOM 169  C CG  . GLU A 1 155 ? 15.172  10.611  3.579   1.00 45.22 ? 23  GLU A CG  1 
ATOM 170  C CD  . GLU A 1 155 ? 15.829  11.301  2.393   1.00 45.22 ? 23  GLU A CD  1 
ATOM 171  O OE1 . GLU A 1 155 ? 15.983  12.539  2.403   1.00 45.22 ? 23  GLU A OE1 1 
ATOM 172  O OE2 . GLU A 1 155 ? 16.205  10.593  1.437   1.00 45.22 ? 23  GLU A OE2 1 
ATOM 173  N N   . ALA A 1 156 ? 11.665  11.462  4.923   1.00 43.89 ? 24  ALA A N   1 
ATOM 174  C CA  . ALA A 1 156 ? 10.394  10.874  4.512   1.00 43.89 ? 24  ALA A CA  1 
ATOM 175  C C   . ALA A 1 156 ? 9.552   11.883  3.738   1.00 43.89 ? 24  ALA A C   1 
ATOM 176  O O   . ALA A 1 156 ? 8.961   11.553  2.703   1.00 43.89 ? 24  ALA A O   1 
ATOM 177  C CB  . ALA A 1 156 ? 9.632   10.356  5.731   1.00 43.89 ? 24  ALA A CB  1 
ATOM 178  N N   . LYS A 1 157 ? 9.494   13.124  4.222   1.00 42.94 ? 25  LYS A N   1 
ATOM 179  C CA  . LYS A 1 157 ? 8.773   14.172  3.514   1.00 42.94 ? 25  LYS A CA  1 
ATOM 180  C C   . LYS A 1 157 ? 9.395   14.485  2.165   1.00 42.94 ? 25  LYS A C   1 
ATOM 181  O O   . LYS A 1 157 ? 8.667   14.637  1.179   1.00 42.94 ? 25  LYS A O   1 
ATOM 182  C CB  . LYS A 1 157 ? 8.723   15.444  4.360   1.00 42.94 ? 25  LYS A CB  1 
ATOM 183  C CG  . LYS A 1 157 ? 7.678   15.419  5.448   1.00 42.94 ? 25  LYS A CG  1 
ATOM 184  C CD  . LYS A 1 157 ? 7.936   16.499  6.477   1.00 42.94 ? 25  LYS A CD  1 
ATOM 185  C CE  . LYS A 1 157 ? 7.250   17.785  6.080   1.00 42.94 ? 25  LYS A CE  1 
ATOM 186  N NZ  . LYS A 1 157 ? 5.842   17.529  5.677   1.00 42.94 ? 25  LYS A NZ  1 
ATOM 187  N N   . LYS A 1 158 ? 10.719  14.579  2.095   1.00 42.19 ? 26  LYS A N   1 
ATOM 188  C CA  . LYS A 1 158 ? 11.402  14.884  0.847   1.00 42.19 ? 26  LYS A CA  1 
ATOM 189  C C   . LYS A 1 158 ? 11.341  13.733  -0.144  1.00 42.19 ? 26  LYS A C   1 
ATOM 190  O O   . LYS A 1 158 ? 11.565  13.944  -1.339  1.00 42.19 ? 26  LYS A O   1 
ATOM 191  C CB  . LYS A 1 158 ? 12.858  15.263  1.133   1.00 42.19 ? 26  LYS A CB  1 
ATOM 192  C CG  . LYS A 1 158 ? 13.617  15.818  -0.055  1.00 42.19 ? 26  LYS A CG  1 
ATOM 193  C CD  . LYS A 1 158 ? 15.032  16.192  0.337   1.00 42.19 ? 26  LYS A CD  1 
ATOM 194  C CE  . LYS A 1 158 ? 15.030  17.397  1.258   1.00 42.19 ? 26  LYS A CE  1 
ATOM 195  N NZ  . LYS A 1 158 ? 14.549  18.619  0.559   1.00 42.19 ? 26  LYS A NZ  1 
ATOM 196  N N   . LYS A 1 159 ? 11.035  12.522  0.318   1.00 37.86 ? 27  LYS A N   1 
ATOM 197  C CA  . LYS A 1 159 ? 10.875  11.378  -0.562  1.00 37.86 ? 27  LYS A CA  1 
ATOM 198  C C   . LYS A 1 159 ? 9.434   11.097  -0.945  1.00 37.86 ? 27  LYS A C   1 
ATOM 199  O O   . LYS A 1 159 ? 9.206   10.438  -1.965  1.00 37.86 ? 27  LYS A O   1 
ATOM 200  C CB  . LYS A 1 159 ? 11.466  10.119  0.083   1.00 37.86 ? 27  LYS A CB  1 
ATOM 201  C CG  . LYS A 1 159 ? 12.020  9.133   -0.911  1.00 37.86 ? 27  LYS A CG  1 
ATOM 202  C CD  . LYS A 1 159 ? 13.050  8.249   -0.255  1.00 37.86 ? 27  LYS A CD  1 
ATOM 203  C CE  . LYS A 1 159 ? 14.437  8.820   -0.438  1.00 37.86 ? 27  LYS A CE  1 
ATOM 204  N NZ  . LYS A 1 159 ? 15.498  7.784   -0.319  1.00 37.86 ? 27  LYS A NZ  1 
ATOM 205  N N   . ALA A 1 160 ? 8.461   11.561  -0.167  1.00 38.90 ? 28  ALA A N   1 
ATOM 206  C CA  . ALA A 1 160 ? 7.064   11.426  -0.548  1.00 38.90 ? 28  ALA A CA  1 
ATOM 207  C C   . ALA A 1 160 ? 6.634   12.447  -1.591  1.00 38.90 ? 28  ALA A C   1 
ATOM 208  O O   . ALA A 1 160 ? 5.523   12.340  -2.118  1.00 38.90 ? 28  ALA A O   1 
ATOM 209  C CB  . ALA A 1 160 ? 6.162   11.545  0.678   1.00 38.90 ? 28  ALA A CB  1 
ATOM 210  N N   . LEU A 1 161 ? 7.476   13.435  -1.891  1.00 37.66 ? 29  LEU A N   1 
ATOM 211  C CA  . LEU A 1 161 ? 7.211   14.370  -2.978  1.00 37.66 ? 29  LEU A CA  1 
ATOM 212  C C   . LEU A 1 161 ? 7.752   13.832  -4.298  1.00 37.66 ? 29  LEU A C   1 
ATOM 213  O O   . LEU A 1 161 ? 7.146   14.033  -5.355  1.00 37.66 ? 29  LEU A O   1 
ATOM 214  C CB  . LEU A 1 161 ? 7.833   15.735  -2.669  1.00 37.66 ? 29  LEU A CB  1 
ATOM 215  C CG  . LEU A 1 161 ? 7.334   16.498  -1.443  1.00 37.66 ? 29  LEU A CG  1 
ATOM 216  C CD1 . LEU A 1 161 ? 8.088   17.806  -1.299  1.00 37.66 ? 29  LEU A CD1 1 
ATOM 217  C CD2 . LEU A 1 161 ? 5.845   16.754  -1.543  1.00 37.66 ? 29  LEU A CD2 1 
ATOM 218  N N   . ALA A 1 162 ? 8.899   13.158  -4.248  1.00 36.93 ? 30  ALA A N   1 
ATOM 219  C CA  . ALA A 1 162 ? 9.537   12.650  -5.453  1.00 36.93 ? 30  ALA A CA  1 
ATOM 220  C C   . ALA A 1 162 ? 8.654   11.622  -6.144  1.00 36.93 ? 30  ALA A C   1 
ATOM 221  O O   . ALA A 1 162 ? 8.503   11.652  -7.368  1.00 36.93 ? 30  ALA A O   1 
ATOM 222  C CB  . ALA A 1 162 ? 10.899  12.045  -5.122  1.00 36.93 ? 30  ALA A CB  1 
ATOM 223  N N   . VAL A 1 163 ? 8.058   10.717  -5.375  1.00 37.12 ? 31  VAL A N   1 
ATOM 224  C CA  . VAL A 1 163 ? 7.136   9.734   -5.921  1.00 37.12 ? 31  VAL A CA  1 
ATOM 225  C C   . VAL A 1 163 ? 5.874   10.393  -6.460  1.00 37.12 ? 31  VAL A C   1 
ATOM 226  O O   . VAL A 1 163 ? 5.348   9.975   -7.491  1.00 37.12 ? 31  VAL A O   1 
ATOM 227  C CB  . VAL A 1 163 ? 6.794   8.663   -4.864  1.00 37.12 ? 31  VAL A CB  1 
ATOM 228  C CG1 . VAL A 1 163 ? 7.962   7.727   -4.676  1.00 37.12 ? 31  VAL A CG1 1 
ATOM 229  C CG2 . VAL A 1 163 ? 6.421   9.309   -3.550  1.00 37.12 ? 31  VAL A CG2 1 
ATOM 230  N N   . PHE A 1 164 ? 5.380   11.429  -5.778  1.00 39.35 ? 32  PHE A N   1 
ATOM 231  C CA  . PHE A 1 164 ? 4.194   12.131  -6.255  1.00 39.35 ? 32  PHE A CA  1 
ATOM 232  C C   . PHE A 1 164 ? 4.444   12.769  -7.613  1.00 39.35 ? 32  PHE A C   1 
ATOM 233  O O   . PHE A 1 164 ? 3.611   12.674  -8.520  1.00 39.35 ? 32  PHE A O   1 
ATOM 234  C CB  . PHE A 1 164 ? 3.765   13.188  -5.241  1.00 39.35 ? 32  PHE A CB  1 
ATOM 235  C CG  . PHE A 1 164 ? 2.575   13.981  -5.678  1.00 39.35 ? 32  PHE A CG  1 
ATOM 236  C CD1 . PHE A 1 164 ? 1.303   13.461  -5.559  1.00 39.35 ? 32  PHE A CD1 1 
ATOM 237  C CD2 . PHE A 1 164 ? 2.730   15.243  -6.218  1.00 39.35 ? 32  PHE A CD2 1 
ATOM 238  C CE1 . PHE A 1 164 ? 0.203   14.188  -5.965  1.00 39.35 ? 32  PHE A CE1 1 
ATOM 239  C CE2 . PHE A 1 164 ? 1.635   15.974  -6.626  1.00 39.35 ? 32  PHE A CE2 1 
ATOM 240  C CZ  . PHE A 1 164 ? 0.369   15.446  -6.499  1.00 39.35 ? 32  PHE A CZ  1 
ATOM 241  N N   . LEU A 1 165 ? 5.593   13.430  -7.771  1.00 37.81 ? 33  LEU A N   1 
ATOM 242  C CA  . LEU A 1 165 ? 5.924   14.014  -9.068  1.00 37.81 ? 33  LEU A CA  1 
ATOM 243  C C   . LEU A 1 165 ? 6.151   12.932  -10.113 1.00 37.81 ? 33  LEU A C   1 
ATOM 244  O O   . LEU A 1 165 ? 6.009   13.179  -11.316 1.00 37.81 ? 33  LEU A O   1 
ATOM 245  C CB  . LEU A 1 165 ? 7.151   14.918  -8.958  1.00 37.81 ? 33  LEU A CB  1 
ATOM 246  C CG  . LEU A 1 165 ? 7.148   15.942  -7.829  1.00 37.81 ? 33  LEU A CG  1 
ATOM 247  C CD1 . LEU A 1 165 ? 8.389   16.802  -7.903  1.00 37.81 ? 33  LEU A CD1 1 
ATOM 248  C CD2 . LEU A 1 165 ? 5.897   16.793  -7.888  1.00 37.81 ? 33  LEU A CD2 1 
ATOM 249  N N   . GLY A 1 166 ? 6.507   11.725  -9.677  1.00 36.84 ? 34  GLY A N   1 
ATOM 250  C CA  . GLY A 1 166 ? 6.628   10.621  -10.606 1.00 36.84 ? 34  GLY A CA  1 
ATOM 251  C C   . GLY A 1 166 ? 5.304   10.073  -11.086 1.00 36.84 ? 34  GLY A C   1 
ATOM 252  O O   . GLY A 1 166 ? 5.287   9.298   -12.048 1.00 36.84 ? 34  GLY A O   1 
ATOM 253  N N   . GLY A 1 167 ? 4.200   10.461  -10.451 1.00 39.58 ? 35  GLY A N   1 
ATOM 254  C CA  . GLY A 1 167 ? 2.882   10.005  -10.835 1.00 39.58 ? 35  GLY A CA  1 
ATOM 255  C C   . GLY A 1 167 ? 2.253   8.991   -9.907  1.00 39.58 ? 35  GLY A C   1 
ATOM 256  O O   . GLY A 1 167 ? 1.108   8.592   -10.145 1.00 39.58 ? 35  GLY A O   1 
ATOM 257  N N   . VAL A 1 168 ? 2.953   8.570   -8.857  1.00 37.60 ? 36  VAL A N   1 
ATOM 258  C CA  . VAL A 1 168 ? 2.432   7.576   -7.919  1.00 37.60 ? 36  VAL A CA  1 
ATOM 259  C C   . VAL A 1 168 ? 1.615   8.349   -6.890  1.00 37.60 ? 36  VAL A C   1 
ATOM 260  O O   . VAL A 1 168 ? 2.113   8.762   -5.846  1.00 37.60 ? 36  VAL A O   1 
ATOM 261  C CB  . VAL A 1 168 ? 3.548   6.756   -7.281  1.00 37.60 ? 36  VAL A CB  1 
ATOM 262  C CG1 . VAL A 1 168 ? 2.982   5.800   -6.255  1.00 37.60 ? 36  VAL A CG1 1 
ATOM 263  C CG2 . VAL A 1 168 ? 4.324   6.005   -8.348  1.00 37.60 ? 36  VAL A CG2 1 
ATOM 264  N N   . HIS A 1 169 ? 0.335   8.552   -7.197  1.00 40.55 ? 37  HIS A N   1 
ATOM 265  C CA  . HIS A 1 169 ? -0.524  9.375   -6.358  1.00 40.55 ? 37  HIS A CA  1 
ATOM 266  C C   . HIS A 1 169 ? -0.940  8.687   -5.067  1.00 40.55 ? 37  HIS A C   1 
ATOM 267  O O   . HIS A 1 169 ? -1.463  9.359   -4.171  1.00 40.55 ? 37  HIS A O   1 
ATOM 268  C CB  . HIS A 1 169 ? -1.767  9.798   -7.143  1.00 40.55 ? 37  HIS A CB  1 
ATOM 269  C CG  . HIS A 1 169 ? -1.460  10.320  -8.510  1.00 40.55 ? 37  HIS A CG  1 
ATOM 270  N ND1 . HIS A 1 169 ? -2.297  10.124  -9.587  1.00 40.55 ? 37  HIS A ND1 1 
ATOM 271  C CD2 . HIS A 1 169 ? -0.408  11.031  -8.977  1.00 40.55 ? 37  HIS A CD2 1 
ATOM 272  C CE1 . HIS A 1 169 ? -1.772  10.691  -10.659 1.00 40.55 ? 37  HIS A CE1 1 
ATOM 273  N NE2 . HIS A 1 169 ? -0.625  11.248  -10.315 1.00 40.55 ? 37  HIS A NE2 1 
ATOM 274  N N   . LEU A 1 170 ? -0.731  7.380   -4.950  1.00 39.10 ? 38  LEU A N   1 
ATOM 275  C CA  . LEU A 1 170 ? -1.025  6.639   -3.731  1.00 39.10 ? 38  LEU A CA  1 
ATOM 276  C C   . LEU A 1 170 ? 0.268   6.459   -2.950  1.00 39.10 ? 38  LEU A C   1 
ATOM 277  O O   . LEU A 1 170 ? 1.252   5.938   -3.484  1.00 39.10 ? 38  LEU A O   1 
ATOM 278  C CB  . LEU A 1 170 ? -1.657  5.288   -4.055  1.00 39.10 ? 38  LEU A CB  1 
ATOM 279  C CG  . LEU A 1 170 ? -3.138  5.299   -4.426  1.00 39.10 ? 38  LEU A CG  1 
ATOM 280  C CD1 . LEU A 1 170 ? -3.512  4.066   -5.210  1.00 39.10 ? 38  LEU A CD1 1 
ATOM 281  C CD2 . LEU A 1 170 ? -3.952  5.353   -3.166  1.00 39.10 ? 38  LEU A CD2 1 
ATOM 282  N N   . ILE A 1 171 ? 0.268   6.892   -1.694  1.00 39.44 ? 39  ILE A N   1 
ATOM 283  C CA  . ILE A 1 171 ? 1.462   6.883   -0.861  1.00 39.44 ? 39  ILE A CA  1 
ATOM 284  C C   . ILE A 1 171 ? 1.072   6.388   0.523   1.00 39.44 ? 39  ILE A C   1 
ATOM 285  O O   . ILE A 1 171 ? 0.027   6.780   1.052   1.00 39.44 ? 39  ILE A O   1 
ATOM 286  C CB  . ILE A 1 171 ? 2.104   8.283   -0.786  1.00 39.44 ? 39  ILE A CB  1 
ATOM 287  C CG1 . ILE A 1 171 ? 2.822   8.605   -2.095  1.00 39.44 ? 39  ILE A CG1 1 
ATOM 288  C CG2 . ILE A 1 171 ? 3.065   8.383   0.383   1.00 39.44 ? 39  ILE A CG2 1 
ATOM 289  C CD1 . ILE A 1 171 ? 3.077   10.075  -2.299  1.00 39.44 ? 39  ILE A CD1 1 
ATOM 290  N N   . GLU A 1 172 ? 1.901   5.525   1.105   1.00 37.69 ? 40  GLU A N   1 
ATOM 291  C CA  . GLU A 1 172 ? 1.667   4.998   2.444   1.00 37.69 ? 40  GLU A CA  1 
ATOM 292  C C   . GLU A 1 172 ? 2.883   5.344   3.290   1.00 37.69 ? 40  GLU A C   1 
ATOM 293  O O   . GLU A 1 172 ? 4.016   5.038   2.908   1.00 37.69 ? 40  GLU A O   1 
ATOM 294  C CB  . GLU A 1 172 ? 1.442   3.487   2.413   1.00 37.69 ? 40  GLU A CB  1 
ATOM 295  C CG  . GLU A 1 172 ? 0.167   3.071   1.710   1.00 37.69 ? 40  GLU A CG  1 
ATOM 296  C CD  . GLU A 1 172 ? -0.031  1.562   1.676   1.00 37.69 ? 40  GLU A CD  1 
ATOM 297  O OE1 . GLU A 1 172 ? 0.879   0.827   2.098   1.00 37.69 ? 40  GLU A OE1 1 
ATOM 298  O OE2 . GLU A 1 172 ? -1.082  1.108   1.185   1.00 37.69 ? 40  GLU A OE2 1 
ATOM 299  N N   . ILE A 1 173 ? 2.655   5.983   4.434   1.00 36.90 ? 41  ILE A N   1 
ATOM 300  C CA  . ILE A 1 173 ? 3.732   6.333   5.352   1.00 36.90 ? 41  ILE A CA  1 
ATOM 301  C C   . ILE A 1 173 ? 3.825   5.214   6.381   1.00 36.90 ? 41  ILE A C   1 
ATOM 302  O O   . ILE A 1 173 ? 3.130   5.230   7.397   1.00 36.90 ? 41  ILE A O   1 
ATOM 303  C CB  . ILE A 1 173 ? 3.494   7.686   6.018   1.00 36.90 ? 41  ILE A CB  1 
ATOM 304  C CG1 . ILE A 1 173 ? 3.128   8.734   4.968   1.00 36.90 ? 41  ILE A CG1 1 
ATOM 305  C CG2 . ILE A 1 173 ? 4.722   8.101   6.797   1.00 36.90 ? 41  ILE A CG2 1 
ATOM 306  C CD1 . ILE A 1 173 ? 4.197   8.976   3.948   1.00 36.90 ? 41  ILE A CD1 1 
ATOM 307  N N   . THR A 1 174 ? 4.694   4.244   6.125   1.00 35.24 ? 42  THR A N   1 
ATOM 308  C CA  . THR A 1 174 ? 4.839   3.117   7.034   1.00 35.24 ? 42  THR A CA  1 
ATOM 309  C C   . THR A 1 174 ? 5.365   3.586   8.382   1.00 35.24 ? 42  THR A C   1 
ATOM 310  O O   . THR A 1 174 ? 6.313   4.370   8.455   1.00 35.24 ? 42  THR A O   1 
ATOM 311  C CB  . THR A 1 174 ? 5.784   2.080   6.443   1.00 35.24 ? 42  THR A CB  1 
ATOM 312  O OG1 . THR A 1 174 ? 7.077   2.666   6.257   1.00 35.24 ? 42  THR A OG1 1 
ATOM 313  C CG2 . THR A 1 174 ? 5.265   1.610   5.104   1.00 35.24 ? 42  THR A CG2 1 
ATOM 314  N N   . PHE A 1 175 ? 4.761   3.086   9.459   1.00 35.25 ? 43  PHE A N   1 
ATOM 315  C CA  . PHE A 1 175 ? 5.140   3.552   10.786  1.00 35.25 ? 43  PHE A CA  1 
ATOM 316  C C   . PHE A 1 175 ? 6.549   3.145   11.188  1.00 35.25 ? 43  PHE A C   1 
ATOM 317  O O   . PHE A 1 175 ? 6.967   3.479   12.302  1.00 35.25 ? 43  PHE A O   1 
ATOM 318  C CB  . PHE A 1 175 ? 4.156   3.049   11.840  1.00 35.25 ? 43  PHE A CB  1 
ATOM 319  C CG  . PHE A 1 175 ? 2.939   3.906   11.985  1.00 35.25 ? 43  PHE A CG  1 
ATOM 320  C CD1 . PHE A 1 175 ? 2.442   4.616   10.914  1.00 35.25 ? 43  PHE A CD1 1 
ATOM 321  C CD2 . PHE A 1 175 ? 2.310   4.029   13.209  1.00 35.25 ? 43  PHE A CD2 1 
ATOM 322  C CE1 . PHE A 1 175 ? 1.327   5.410   11.051  1.00 35.25 ? 43  PHE A CE1 1 
ATOM 323  C CE2 . PHE A 1 175 ? 1.197   4.825   13.352  1.00 35.25 ? 43  PHE A CE2 1 
ATOM 324  C CZ  . PHE A 1 175 ? 0.706   5.516   12.272  1.00 35.25 ? 43  PHE A CZ  1 
ATOM 325  N N   . THR A 1 176 ? 7.288   2.436   10.333  1.00 39.03 ? 44  THR A N   1 
ATOM 326  C CA  . THR A 1 176 ? 8.688   2.161   10.629  1.00 39.03 ? 44  THR A CA  1 
ATOM 327  C C   . THR A 1 176 ? 9.537   3.425   10.606  1.00 39.03 ? 44  THR A C   1 
ATOM 328  O O   . THR A 1 176 ? 10.605  3.447   11.227  1.00 39.03 ? 44  THR A O   1 
ATOM 329  C CB  . THR A 1 176 ? 9.250   1.136   9.645   1.00 39.03 ? 44  THR A CB  1 
ATOM 330  O OG1 . THR A 1 176 ? 8.873   1.489   8.309   1.00 39.03 ? 44  THR A OG1 1 
ATOM 331  C CG2 . THR A 1 176 ? 8.714   -0.245  9.966   1.00 39.03 ? 44  THR A CG2 1 
ATOM 332  N N   . VAL A 1 177 ? 9.095   4.469   9.912   1.00 39.44 ? 45  VAL A N   1 
ATOM 333  C CA  . VAL A 1 177 ? 9.769   5.762   9.964   1.00 39.44 ? 45  VAL A CA  1 
ATOM 334  C C   . VAL A 1 177 ? 9.463   6.368   11.328  1.00 39.44 ? 45  VAL A C   1 
ATOM 335  O O   . VAL A 1 177 ? 8.416   6.064   11.915  1.00 39.44 ? 45  VAL A O   1 
ATOM 336  C CB  . VAL A 1 177 ? 9.321   6.690   8.822   1.00 39.44 ? 45  VAL A CB  1 
ATOM 337  C CG1 . VAL A 1 177 ? 9.583   6.046   7.471   1.00 39.44 ? 45  VAL A CG1 1 
ATOM 338  C CG2 . VAL A 1 177 ? 7.863   7.075   8.973   1.00 39.44 ? 45  VAL A CG2 1 
ATOM 339  N N   . PRO A 1 178 ? 10.341  7.200   11.883  1.00 43.93 ? 46  PRO A N   1 
ATOM 340  C CA  . PRO A 1 178 ? 10.025  7.843   13.165  1.00 43.93 ? 46  PRO A CA  1 
ATOM 341  C C   . PRO A 1 178 ? 8.930   8.884   12.989  1.00 43.93 ? 46  PRO A C   1 
ATOM 342  O O   . PRO A 1 178 ? 9.018   9.755   12.121  1.00 43.93 ? 46  PRO A O   1 
ATOM 343  C CB  . PRO A 1 178 ? 11.355  8.484   13.584  1.00 43.93 ? 46  PRO A CB  1 
ATOM 344  C CG  . PRO A 1 178 ? 12.399  7.832   12.728  1.00 43.93 ? 46  PRO A CG  1 
ATOM 345  C CD  . PRO A 1 178 ? 11.716  7.488   11.446  1.00 43.93 ? 46  PRO A CD  1 
ATOM 346  N N   . ASP A 1 179 ? 7.891   8.780   13.818  1.00 43.11 ? 47  ASP A N   1 
ATOM 347  C CA  . ASP A 1 179 ? 6.807   9.762   13.863  1.00 43.11 ? 47  ASP A CA  1 
ATOM 348  C C   . ASP A 1 179 ? 6.096   9.879   12.513  1.00 43.11 ? 47  ASP A C   1 
ATOM 349  O O   . ASP A 1 179 ? 5.992   10.960  11.926  1.00 43.11 ? 47  ASP A O   1 
ATOM 350  C CB  . ASP A 1 179 ? 7.327   11.120  14.333  1.00 43.11 ? 47  ASP A CB  1 
ATOM 351  C CG  . ASP A 1 179 ? 7.947   11.056  15.711  1.00 43.11 ? 47  ASP A CG  1 
ATOM 352  O OD1 . ASP A 1 179 ? 7.278   10.558  16.640  1.00 43.11 ? 47  ASP A OD1 1 
ATOM 353  O OD2 . ASP A 1 179 ? 9.104   11.500  15.865  1.00 43.11 ? 47  ASP A OD2 1 
ATOM 354  N N   . ALA A 1 180 ? 5.595   8.743   12.024  1.00 41.33 ? 48  ALA A N   1 
ATOM 355  C CA  . ALA A 1 180 ? 4.819   8.760   10.790  1.00 41.33 ? 48  ALA A CA  1 
ATOM 356  C C   . ALA A 1 180 ? 3.530   9.551   10.954  1.00 41.33 ? 48  ALA A C   1 
ATOM 357  O O   . ALA A 1 180 ? 3.016   10.103  9.976   1.00 41.33 ? 48  ALA A O   1 
ATOM 358  C CB  . ALA A 1 180 ? 4.512   7.338   10.338  1.00 41.33 ? 48  ALA A CB  1 
ATOM 359  N N   . ASP A 1 181 ? 2.995   9.623   12.174  1.00 42.80 ? 49  ASP A N   1 
ATOM 360  C CA  . ASP A 1 181 ? 1.844   10.486  12.412  1.00 42.80 ? 49  ASP A CA  1 
ATOM 361  C C   . ASP A 1 181 ? 2.188   11.941  12.129  1.00 42.80 ? 49  ASP A C   1 
ATOM 362  O O   . ASP A 1 181 ? 1.423   12.650  11.464  1.00 42.80 ? 49  ASP A O   1 
ATOM 363  C CB  . ASP A 1 181 ? 1.346   10.319  13.848  1.00 42.80 ? 49  ASP A CB  1 
ATOM 364  C CG  . ASP A 1 181 ? 2.439   10.537  14.874  1.00 42.80 ? 49  ASP A CG  1 
ATOM 365  O OD1 . ASP A 1 181 ? 3.618   10.630  14.477  1.00 42.80 ? 49  ASP A OD1 1 
ATOM 366  O OD2 . ASP A 1 181 ? 2.117   10.620  16.078  1.00 42.80 ? 49  ASP A OD2 1 
ATOM 367  N N   . THR A 1 182 ? 3.348   12.399  12.606  1.00 42.61 ? 50  THR A N   1 
ATOM 368  C CA  . THR A 1 182 ? 3.772   13.763  12.317  1.00 42.61 ? 50  THR A CA  1 
ATOM 369  C C   . THR A 1 182 ? 4.064   13.941  10.834  1.00 42.61 ? 50  THR A C   1 
ATOM 370  O O   . THR A 1 182 ? 3.780   15.001  10.268  1.00 42.61 ? 50  THR A O   1 
ATOM 371  C CB  . THR A 1 182 ? 5.000   14.132  13.142  1.00 42.61 ? 50  THR A CB  1 
ATOM 372  O OG1 . THR A 1 182 ? 6.149   13.461  12.613  1.00 42.61 ? 50  THR A OG1 1 
ATOM 373  C CG2 . THR A 1 182 ? 4.804   13.729  14.594  1.00 42.61 ? 50  THR A CG2 1 
ATOM 374  N N   . VAL A 1 183 ? 4.634   12.921  10.190  1.00 41.23 ? 51  VAL A N   1 
ATOM 375  C CA  . VAL A 1 183 ? 4.891   13.016  8.754   1.00 41.23 ? 51  VAL A CA  1 
ATOM 376  C C   . VAL A 1 183 ? 3.588   13.232  7.997   1.00 41.23 ? 51  VAL A C   1 
ATOM 377  O O   . VAL A 1 183 ? 3.487   14.116  7.140   1.00 41.23 ? 51  VAL A O   1 
ATOM 378  C CB  . VAL A 1 183 ? 5.626   11.765  8.245   1.00 41.23 ? 51  VAL A CB  1 
ATOM 379  C CG1 . VAL A 1 183 ? 5.543   11.693  6.733   1.00 41.23 ? 51  VAL A CG1 1 
ATOM 380  C CG2 . VAL A 1 183 ? 7.068   11.789  8.685   1.00 41.23 ? 51  VAL A CG2 1 
ATOM 381  N N   . ILE A 1 184 ? 2.567   12.438  8.316   1.00 41.39 ? 52  ILE A N   1 
ATOM 382  C CA  . ILE A 1 184 ? 1.285   12.563  7.628   1.00 41.39 ? 52  ILE A CA  1 
ATOM 383  C C   . ILE A 1 184 ? 0.633   13.904  7.939   1.00 41.39 ? 52  ILE A C   1 
ATOM 384  O O   . ILE A 1 184 ? 0.084   14.564  7.047   1.00 41.39 ? 52  ILE A O   1 
ATOM 385  C CB  . ILE A 1 184 ? 0.370   11.381  7.993   1.00 41.39 ? 52  ILE A CB  1 
ATOM 386  C CG1 . ILE A 1 184 ? 0.781   10.135  7.211   1.00 41.39 ? 52  ILE A CG1 1 
ATOM 387  C CG2 . ILE A 1 184 ? -1.080  11.717  7.718   1.00 41.39 ? 52  ILE A CG2 1 
ATOM 388  C CD1 . ILE A 1 184 ? 0.410   8.841   7.887   1.00 41.39 ? 52  ILE A CD1 1 
ATOM 389  N N   . LYS A 1 185 ? 0.684   14.336  9.201   1.00 43.38 ? 53  LYS A N   1 
ATOM 390  C CA  . LYS A 1 185 ? 0.080   15.613  9.566   1.00 43.38 ? 53  LYS A CA  1 
ATOM 391  C C   . LYS A 1 185 ? 0.743   16.764  8.817   1.00 43.38 ? 53  LYS A C   1 
ATOM 392  O O   . LYS A 1 185 ? 0.065   17.658  8.301   1.00 43.38 ? 53  LYS A O   1 
ATOM 393  C CB  . LYS A 1 185 ? 0.173   15.820  11.079  1.00 43.38 ? 53  LYS A CB  1 
ATOM 394  C CG  . LYS A 1 185 ? -0.447  17.114  11.593  1.00 43.38 ? 53  LYS A CG  1 
ATOM 395  C CD  . LYS A 1 185 ? -1.758  17.452  10.891  1.00 43.38 ? 53  LYS A CD  1 
ATOM 396  C CE  . LYS A 1 185 ? -2.917  16.626  11.419  1.00 43.38 ? 53  LYS A CE  1 
ATOM 397  N NZ  . LYS A 1 185 ? -4.165  16.887  10.649  1.00 43.38 ? 53  LYS A NZ  1 
ATOM 398  N N   . GLU A 1 186 ? 2.074   16.747  8.731   1.00 42.14 ? 54  GLU A N   1 
ATOM 399  C CA  . GLU A 1 186 ? 2.779   17.831  8.061   1.00 42.14 ? 54  GLU A CA  1 
ATOM 400  C C   . GLU A 1 186 ? 2.643   17.749  6.548   1.00 42.14 ? 54  GLU A C   1 
ATOM 401  O O   . GLU A 1 186 ? 2.736   18.774  5.866   1.00 42.14 ? 54  GLU A O   1 
ATOM 402  C CB  . GLU A 1 186 ? 4.255   17.818  8.458   1.00 42.14 ? 54  GLU A CB  1 
ATOM 403  C CG  . GLU A 1 186 ? 4.518   18.200  9.901   1.00 42.14 ? 54  GLU A CG  1 
ATOM 404  C CD  . GLU A 1 186 ? 5.984   18.088  10.267  1.00 42.14 ? 54  GLU A CD  1 
ATOM 405  O OE1 . GLU A 1 186 ? 6.774   17.623  9.419   1.00 42.14 ? 54  GLU A OE1 1 
ATOM 406  O OE2 . GLU A 1 186 ? 6.347   18.466  11.400  1.00 42.14 ? 54  GLU A OE2 1 
ATOM 407  N N   . LEU A 1 187 ? 2.428   16.555  6.004   1.00 42.44 ? 55  LEU A N   1 
ATOM 408  C CA  . LEU A 1 187 ? 2.392   16.363  4.564   1.00 42.44 ? 55  LEU A CA  1 
ATOM 409  C C   . LEU A 1 187 ? 0.974   16.330  4.010   1.00 42.44 ? 55  LEU A C   1 
ATOM 410  O O   . LEU A 1 187 ? 0.797   16.200  2.797   1.00 42.44 ? 55  LEU A O   1 
ATOM 411  C CB  . LEU A 1 187 ? 3.159   15.083  4.211   1.00 42.44 ? 55  LEU A CB  1 
ATOM 412  C CG  . LEU A 1 187 ? 3.506   14.646  2.790   1.00 42.44 ? 55  LEU A CG  1 
ATOM 413  C CD1 . LEU A 1 187 ? 4.774   13.845  2.877   1.00 42.44 ? 55  LEU A CD1 1 
ATOM 414  C CD2 . LEU A 1 187 ? 2.426   13.782  2.178   1.00 42.44 ? 55  LEU A CD2 1 
ATOM 415  N N   . SER A 1 188 ? -0.039  16.491  4.865   1.00 47.05 ? 56  SER A N   1 
ATOM 416  C CA  . SER A 1 188 ? -1.419  16.567  4.391   1.00 47.05 ? 56  SER A CA  1 
ATOM 417  C C   . SER A 1 188 ? -1.624  17.609  3.298   1.00 47.05 ? 56  SER A C   1 
ATOM 418  O O   . SER A 1 188 ? -2.660  17.585  2.625   1.00 47.05 ? 56  SER A O   1 
ATOM 419  C CB  . SER A 1 188 ? -2.355  16.875  5.558   1.00 47.05 ? 56  SER A CB  1 
ATOM 420  O OG  . SER A 1 188 ? -2.445  18.272  5.777   1.00 47.05 ? 56  SER A OG  1 
ATOM 421  N N   . PHE A 1 189 ? -0.674  18.529  3.104   1.00 47.35 ? 57  PHE A N   1 
ATOM 422  C CA  . PHE A 1 189 ? -0.802  19.511  2.034   1.00 47.35 ? 57  PHE A CA  1 
ATOM 423  C C   . PHE A 1 189 ? -0.798  18.870  0.652   1.00 47.35 ? 57  PHE A C   1 
ATOM 424  O O   . PHE A 1 189 ? -1.257  19.495  -0.309  1.00 47.35 ? 57  PHE A O   1 
ATOM 425  C CB  . PHE A 1 189 ? 0.310   20.557  2.138   1.00 47.35 ? 57  PHE A CB  1 
ATOM 426  C CG  . PHE A 1 189 ? 1.688   20.026  1.846   1.00 47.35 ? 57  PHE A CG  1 
ATOM 427  C CD1 . PHE A 1 189 ? 2.504   19.594  2.875   1.00 47.35 ? 57  PHE A CD1 1 
ATOM 428  C CD2 . PHE A 1 189 ? 2.176   19.985  0.551   1.00 47.35 ? 57  PHE A CD2 1 
ATOM 429  C CE1 . PHE A 1 189 ? 3.775   19.114  2.616   1.00 47.35 ? 57  PHE A CE1 1 
ATOM 430  C CE2 . PHE A 1 189 ? 3.444   19.505  0.288   1.00 47.35 ? 57  PHE A CE2 1 
ATOM 431  C CZ  . PHE A 1 189 ? 4.245   19.070  1.322   1.00 47.35 ? 57  PHE A CZ  1 
ATOM 432  N N   . LEU A 1 190 ? -0.287  17.646  0.524   1.00 47.89 ? 58  LEU A N   1 
ATOM 433  C CA  . LEU A 1 190 ? -0.342  16.935  -0.746  1.00 47.89 ? 58  LEU A CA  1 
ATOM 434  C C   . LEU A 1 190 ? -1.737  16.423  -1.076  1.00 47.89 ? 58  LEU A C   1 
ATOM 435  O O   . LEU A 1 190 ? -1.993  16.074  -2.236  1.00 47.89 ? 58  LEU A O   1 
ATOM 436  C CB  . LEU A 1 190 ? 0.643   15.766  -0.738  1.00 47.89 ? 58  LEU A CB  1 
ATOM 437  C CG  . LEU A 1 190 ? 2.018   16.021  -1.350  1.00 47.89 ? 58  LEU A CG  1 
ATOM 438  C CD1 . LEU A 1 190 ? 2.795   14.725  -1.436  1.00 47.89 ? 58  LEU A CD1 1 
ATOM 439  C CD2 . LEU A 1 190 ? 1.875   16.639  -2.722  1.00 47.89 ? 58  LEU A CD2 1 
ATOM 440  N N   . LYS A 1 191 ? -2.638  16.371  -0.093  1.00 52.19 ? 59  LYS A N   1 
ATOM 441  C CA  . LYS A 1 191 ? -4.001  15.928  -0.359  1.00 52.19 ? 59  LYS A CA  1 
ATOM 442  C C   . LYS A 1 191 ? -4.678  16.832  -1.379  1.00 52.19 ? 59  LYS A C   1 
ATOM 443  O O   . LYS A 1 191 ? -5.360  16.353  -2.292  1.00 52.19 ? 59  LYS A O   1 
ATOM 444  C CB  . LYS A 1 191 ? -4.805  15.897  0.939   1.00 52.19 ? 59  LYS A CB  1 
ATOM 445  C CG  . LYS A 1 191 ? -4.316  14.880  1.947   1.00 52.19 ? 59  LYS A CG  1 
ATOM 446  C CD  . LYS A 1 191 ? -4.991  15.080  3.294   1.00 52.19 ? 59  LYS A CD  1 
ATOM 447  C CE  . LYS A 1 191 ? -6.456  14.686  3.246   1.00 52.19 ? 59  LYS A CE  1 
ATOM 448  N NZ  . LYS A 1 191 ? -7.087  14.756  4.591   1.00 52.19 ? 59  LYS A NZ  1 
ATOM 449  N N   . GLU A 1 192 ? -4.500  18.148  -1.237  1.00 52.44 ? 60  GLU A N   1 
ATOM 450  C CA  . GLU A 1 192 ? -5.068  19.078  -2.203  1.00 52.44 ? 60  GLU A CA  1 
ATOM 451  C C   . GLU A 1 192 ? -4.467  18.881  -3.587  1.00 52.44 ? 60  GLU A C   1 
ATOM 452  O O   . GLU A 1 192 ? -5.193  18.907  -4.588  1.00 52.44 ? 60  GLU A O   1 
ATOM 453  C CB  . GLU A 1 192 ? -4.856  20.517  -1.733  1.00 52.44 ? 60  GLU A CB  1 
ATOM 454  C CG  . GLU A 1 192 ? -5.616  20.877  -0.467  1.00 52.44 ? 60  GLU A CG  1 
ATOM 455  C CD  . GLU A 1 192 ? -4.825  20.589  0.791   1.00 52.44 ? 60  GLU A CD  1 
ATOM 456  O OE1 . GLU A 1 192 ? -3.868  19.791  0.723   1.00 52.44 ? 60  GLU A OE1 1 
ATOM 457  O OE2 . GLU A 1 192 ? -5.158  21.162  1.849   1.00 52.44 ? 60  GLU A OE2 1 
ATOM 458  N N   . MET A 1 193 ? -3.154  18.674  -3.666  1.00 51.38 ? 61  MET A N   1 
ATOM 459  C CA  . MET A 1 193 ? -2.503  18.476  -4.952  1.00 51.38 ? 61  MET A CA  1 
ATOM 460  C C   . MET A 1 193 ? -2.902  17.168  -5.618  1.00 51.38 ? 61  MET A C   1 
ATOM 461  O O   . MET A 1 193 ? -2.817  17.067  -6.846  1.00 51.38 ? 61  MET A O   1 
ATOM 462  C CB  . MET A 1 193 ? -0.983  18.528  -4.787  1.00 51.38 ? 61  MET A CB  1 
ATOM 463  C CG  . MET A 1 193 ? -0.456  19.896  -4.396  1.00 51.38 ? 61  MET A CG  1 
ATOM 464  S SD  . MET A 1 193 ? 1.333   19.920  -4.202  1.00 51.38 ? 61  MET A SD  1 
ATOM 465  C CE  . MET A 1 193 ? 1.591   21.604  -3.656  1.00 51.38 ? 61  MET A CE  1 
ATOM 466  N N   . GLY A 1 194 ? -3.335  16.171  -4.848  1.00 49.54 ? 62  GLY A N   1 
ATOM 467  C CA  . GLY A 1 194 ? -3.834  14.933  -5.413  1.00 49.54 ? 62  GLY A CA  1 
ATOM 468  C C   . GLY A 1 194 ? -3.193  13.670  -4.882  1.00 49.54 ? 62  GLY A C   1 
ATOM 469  O O   . GLY A 1 194 ? -3.506  12.584  -5.385  1.00 49.54 ? 62  GLY A O   1 
ATOM 470  N N   . ALA A 1 195 ? -2.310  13.766  -3.895  1.00 46.62 ? 63  ALA A N   1 
ATOM 471  C CA  . ALA A 1 195 ? -1.726  12.576  -3.300  1.00 46.62 ? 63  ALA A CA  1 
ATOM 472  C C   . ALA A 1 195 ? -2.707  11.932  -2.332  1.00 46.62 ? 63  ALA A C   1 
ATOM 473  O O   . ALA A 1 195 ? -3.531  12.605  -1.706  1.00 46.62 ? 63  ALA A O   1 
ATOM 474  C CB  . ALA A 1 195 ? -0.426  12.916  -2.573  1.00 46.62 ? 63  ALA A CB  1 
ATOM 475  N N   . ILE A 1 196 ? -2.612  10.613  -2.214  1.00 42.89 ? 64  ILE A N   1 
ATOM 476  C CA  . ILE A 1 196 ? -3.480  9.833   -1.343  1.00 42.89 ? 64  ILE A CA  1 
ATOM 477  C C   . ILE A 1 196 ? -2.569  9.185   -0.312  1.00 42.89 ? 64  ILE A C   1 
ATOM 478  O O   . ILE A 1 196 ? -1.863  8.215   -0.614  1.00 42.89 ? 64  ILE A O   1 
ATOM 479  C CB  . ILE A 1 196 ? -4.277  8.784   -2.117  1.00 42.89 ? 64  ILE A CB  1 
ATOM 480  C CG1 . ILE A 1 196 ? -5.198  9.464   -3.121  1.00 42.89 ? 64  ILE A CG1 1 
ATOM 481  C CG2 . ILE A 1 196 ? -5.120  7.971   -1.156  1.00 42.89 ? 64  ILE A CG2 1 
ATOM 482  C CD1 . ILE A 1 196 ? -5.814  8.508   -4.094  1.00 42.89 ? 64  ILE A CD1 1 
ATOM 483  N N   . ILE A 1 197 ? -2.582  9.706   0.910   1.00 42.07 ? 65  ILE A N   1 
ATOM 484  C CA  . ILE A 1 197 ? -1.619  9.334   1.938   1.00 42.07 ? 65  ILE A CA  1 
ATOM 485  C C   . ILE A 1 197 ? -2.275  8.367   2.913   1.00 42.07 ? 65  ILE A C   1 
ATOM 486  O O   . ILE A 1 197 ? -3.397  8.601   3.379   1.00 42.07 ? 65  ILE A O   1 
ATOM 487  C CB  . ILE A 1 197 ? -1.059  10.579  2.648   1.00 42.07 ? 65  ILE A CB  1 
ATOM 488  C CG1 . ILE A 1 197 ? -2.173  11.353  3.356   1.00 42.07 ? 65  ILE A CG1 1 
ATOM 489  C CG2 . ILE A 1 197 ? -0.336  11.466  1.655   1.00 42.07 ? 65  ILE A CG2 1 
ATOM 490  C CD1 . ILE A 1 197 ? -1.675  12.450  4.258   1.00 42.07 ? 65  ILE A CD1 1 
ATOM 491  N N   . GLY A 1 198 ? -1.580  7.263   3.199   1.00 38.53 ? 66  GLY A N   1 
ATOM 492  C CA  . GLY A 1 198 ? -2.061  6.289   4.155   1.00 38.53 ? 66  GLY A CA  1 
ATOM 493  C C   . GLY A 1 198 ? -0.941  5.851   5.075   1.00 38.53 ? 66  GLY A C   1 
ATOM 494  O O   . GLY A 1 198 ? 0.182   6.353   5.001   1.00 38.53 ? 66  GLY A O   1 
ATOM 495  N N   . ALA A 1 199 ? -1.262  4.899   5.942   1.00 33.54 ? 67  ALA A N   1 
ATOM 496  C CA  . ALA A 1 199 ? -0.316  4.394   6.926   1.00 33.54 ? 67  ALA A CA  1 
ATOM 497  C C   . ALA A 1 199 ? -0.044  2.922   6.665   1.00 33.54 ? 67  ALA A C   1 
ATOM 498  O O   . ALA A 1 199 ? -0.978  2.138   6.480   1.00 33.54 ? 67  ALA A O   1 
ATOM 499  C CB  . ALA A 1 199 ? -0.847  4.590   8.343   1.00 33.54 ? 67  ALA A CB  1 
ATOM 500  N N   . GLY A 1 200 ? 1.232   2.551   6.655   1.00 32.77 ? 68  GLY A N   1 
ATOM 501  C CA  . GLY A 1 200 ? 1.611   1.174   6.413   1.00 32.77 ? 68  GLY A CA  1 
ATOM 502  C C   . GLY A 1 200 ? 2.249   0.531   7.623   1.00 32.77 ? 68  GLY A C   1 
ATOM 503  O O   . GLY A 1 200 ? 2.715   1.233   8.525   1.00 32.77 ? 68  GLY A O   1 
ATOM 504  N N   . THR A 1 201 ? 2.271   -0.803  7.655   1.00 29.99 ? 69  THR A N   1 
ATOM 505  C CA  . THR A 1 201 ? 2.853   -1.561  8.762   1.00 29.99 ? 69  THR A CA  1 
ATOM 506  C C   . THR A 1 201 ? 2.291   -1.086  10.100  1.00 29.99 ? 69  THR A C   1 
ATOM 507  O O   . THR A 1 201 ? 3.017   -0.859  11.068  1.00 29.99 ? 69  THR A O   1 
ATOM 508  C CB  . THR A 1 201 ? 4.379   -1.479  8.731   1.00 29.99 ? 69  THR A CB  1 
ATOM 509  O OG1 . THR A 1 201 ? 4.826   -1.662  7.384   1.00 29.99 ? 69  THR A OG1 1 
ATOM 510  C CG2 . THR A 1 201 ? 4.996   -2.569  9.587   1.00 29.99 ? 69  THR A CG2 1 
ATOM 511  N N   . VAL A 1 202 ? 0.976   -0.915  10.145  1.00 31.14 ? 70  VAL A N   1 
ATOM 512  C CA  . VAL A 1 202 ? 0.285   -0.505  11.359  1.00 31.14 ? 70  VAL A CA  1 
ATOM 513  C C   . VAL A 1 202 ? -0.064  -1.767  12.137  1.00 31.14 ? 70  VAL A C   1 
ATOM 514  O O   . VAL A 1 202 ? -1.108  -2.382  11.907  1.00 31.14 ? 70  VAL A O   1 
ATOM 515  C CB  . VAL A 1 202 ? -0.966  0.316   11.040  1.00 31.14 ? 70  VAL A CB  1 
ATOM 516  C CG1 . VAL A 1 202 ? -1.550  0.897   12.307  1.00 31.14 ? 70  VAL A CG1 1 
ATOM 517  C CG2 . VAL A 1 202 ? -0.624  1.410   10.058  1.00 31.14 ? 70  VAL A CG2 1 
ATOM 518  N N   . THR A 1 203 ? 0.806   -2.145  13.071  1.00 34.28 ? 71  THR A N   1 
ATOM 519  C CA  . THR A 1 203 ? 0.647   -3.383  13.818  1.00 34.28 ? 71  THR A CA  1 
ATOM 520  C C   . THR A 1 203 ? -0.361  -3.282  14.954  1.00 34.28 ? 71  THR A C   1 
ATOM 521  O O   . THR A 1 203 ? -1.083  -4.252  15.205  1.00 34.28 ? 71  THR A O   1 
ATOM 522  C CB  . THR A 1 203 ? 2.001   -3.830  14.384  1.00 34.28 ? 71  THR A CB  1 
ATOM 523  O OG1 . THR A 1 203 ? 2.946   -3.956  13.315  1.00 34.28 ? 71  THR A OG1 1 
ATOM 524  C CG2 . THR A 1 203 ? 1.881   -5.163  15.095  1.00 34.28 ? 71  THR A CG2 1 
ATOM 525  N N   . SER A 1 204 ? -0.455  -2.139  15.625  1.00 37.54 ? 72  SER A N   1 
ATOM 526  C CA  . SER A 1 204 ? -1.220  -2.041  16.856  1.00 37.54 ? 72  SER A CA  1 
ATOM 527  C C   . SER A 1 204 ? -2.349  -1.030  16.716  1.00 37.54 ? 72  SER A C   1 
ATOM 528  O O   . SER A 1 204 ? -2.328  -0.139  15.860  1.00 37.54 ? 72  SER A O   1 
ATOM 529  C CB  . SER A 1 204 ? -0.324  -1.660  18.040  1.00 37.54 ? 72  SER A CB  1 
ATOM 530  O OG  . SER A 1 204 ? 0.045   -0.294  17.977  1.00 37.54 ? 72  SER A OG  1 
ATOM 531  N N   . VAL A 1 205 ? -3.343  -1.187  17.591  1.00 39.88 ? 73  VAL A N   1 
ATOM 532  C CA  . VAL A 1 205 ? -4.512  -0.315  17.590  1.00 39.88 ? 73  VAL A CA  1 
ATOM 533  C C   . VAL A 1 205 ? -4.135  1.113   17.967  1.00 39.88 ? 73  VAL A C   1 
ATOM 534  O O   . VAL A 1 205 ? -4.737  2.069   17.469  1.00 39.88 ? 73  VAL A O   1 
ATOM 535  C CB  . VAL A 1 205 ? -5.586  -0.900  18.524  1.00 39.88 ? 73  VAL A CB  1 
ATOM 536  C CG1 . VAL A 1 205 ? -6.597  0.148   18.922  1.00 39.88 ? 73  VAL A CG1 1 
ATOM 537  C CG2 . VAL A 1 205 ? -6.275  -2.064  17.845  1.00 39.88 ? 73  VAL A CG2 1 
ATOM 538  N N   . GLU A 1 206 ? -3.150  1.292   18.851  1.00 41.13 ? 74  GLU A N   1 
ATOM 539  C CA  . GLU A 1 206 ? -2.672  2.641   19.148  1.00 41.13 ? 74  GLU A CA  1 
ATOM 540  C C   . GLU A 1 206 ? -2.061  3.293   17.913  1.00 41.13 ? 74  GLU A C   1 
ATOM 541  O O   . GLU A 1 206 ? -2.264  4.490   17.661  1.00 41.13 ? 74  GLU A O   1 
ATOM 542  C CB  . GLU A 1 206 ? -1.661  2.595   20.291  1.00 41.13 ? 74  GLU A CB  1 
ATOM 543  C CG  . GLU A 1 206 ? -2.256  2.167   21.619  1.00 41.13 ? 74  GLU A CG  1 
ATOM 544  C CD  . GLU A 1 206 ? -2.275  0.661   21.787  1.00 41.13 ? 74  GLU A CD  1 
ATOM 545  O OE1 . GLU A 1 206 ? -1.724  -0.042  20.915  1.00 41.13 ? 74  GLU A OE1 1 
ATOM 546  O OE2 . GLU A 1 206 ? -2.838  0.182   22.794  1.00 41.13 ? 74  GLU A OE2 1 
ATOM 547  N N   . GLN A 1 207 ? -1.292  2.522   17.141  1.00 37.42 ? 75  GLN A N   1 
ATOM 548  C CA  . GLN A 1 207 ? -0.760  3.037   15.887  1.00 37.42 ? 75  GLN A CA  1 
ATOM 549  C C   . GLN A 1 207 ? -1.886  3.384   14.925  1.00 37.42 ? 75  GLN A C   1 
ATOM 550  O O   . GLN A 1 207 ? -1.811  4.386   14.206  1.00 37.42 ? 75  GLN A O   1 
ATOM 551  C CB  . GLN A 1 207 ? 0.197   2.019   15.265  1.00 37.42 ? 75  GLN A CB  1 
ATOM 552  C CG  . GLN A 1 207 ? 1.515   1.876   16.014  1.00 37.42 ? 75  GLN A CG  1 
ATOM 553  C CD  . GLN A 1 207 ? 2.508   0.984   15.293  1.00 37.42 ? 75  GLN A CD  1 
ATOM 554  O OE1 . GLN A 1 207 ? 2.128   0.132   14.494  1.00 37.42 ? 75  GLN A OE1 1 
ATOM 555  N NE2 . GLN A 1 207 ? 3.789   1.173   15.581  1.00 37.42 ? 75  GLN A NE2 1 
ATOM 556  N N   . ALA A 1 208 ? -2.945  2.573   14.904  1.00 38.96 ? 76  ALA A N   1 
ATOM 557  C CA  . ALA A 1 208 ? -4.108  2.905   14.084  1.00 38.96 ? 76  ALA A CA  1 
ATOM 558  C C   . ALA A 1 208 ? -4.752  4.209   14.539  1.00 38.96 ? 76  ALA A C   1 
ATOM 559  O O   . ALA A 1 208 ? -5.171  5.025   13.707  1.00 38.96 ? 76  ALA A O   1 
ATOM 560  C CB  . ALA A 1 208 ? -5.120  1.763   14.117  1.00 38.96 ? 76  ALA A CB  1 
ATOM 561  N N   . ARG A 1 209 ? -4.852  4.414   15.856  1.00 41.53 ? 77  ARG A N   1 
ATOM 562  C CA  . ARG A 1 209 ? -5.322  5.696   16.372  1.00 41.53 ? 77  ARG A CA  1 
ATOM 563  C C   . ARG A 1 209 ? -4.502  6.832   15.788  1.00 41.53 ? 77  ARG A C   1 
ATOM 564  O O   . ARG A 1 209 ? -5.019  7.650   15.017  1.00 41.53 ? 77  ARG A O   1 
ATOM 565  C CB  . ARG A 1 209 ? -5.207  5.759   17.896  1.00 41.53 ? 77  ARG A CB  1 
ATOM 566  C CG  . ARG A 1 209 ? -6.035  4.796   18.722  1.00 41.53 ? 77  ARG A CG  1 
ATOM 567  C CD  . ARG A 1 209 ? -7.514  5.098   18.654  1.00 41.53 ? 77  ARG A CD  1 
ATOM 568  N NE  . ARG A 1 209 ? -8.266  4.233   19.556  1.00 41.53 ? 77  ARG A NE  1 
ATOM 569  C CZ  . ARG A 1 209 ? -8.775  3.058   19.218  1.00 41.53 ? 77  ARG A CZ  1 
ATOM 570  N NH1 . ARG A 1 209 ? -8.530  2.516   18.039  1.00 41.53 ? 77  ARG A NH1 1 
ATOM 571  N NH2 . ARG A 1 209 ? -9.522  2.396   20.099  1.00 41.53 ? 77  ARG A NH2 1 
ATOM 572  N N   . LYS A 1 210 ? -3.200  6.831   16.081  1.00 40.41 ? 78  LYS A N   1 
ATOM 573  C CA  . LYS A 1 210 ? -2.326  7.913   15.641  1.00 40.41 ? 78  LYS A CA  1 
ATOM 574  C C   . LYS A 1 210 ? -2.423  8.130   14.138  1.00 40.41 ? 78  LYS A C   1 
ATOM 575  O O   . LYS A 1 210 ? -2.371  9.271   13.666  1.00 40.41 ? 78  LYS A O   1 
ATOM 576  C CB  . LYS A 1 210 ? -0.887  7.617   16.055  1.00 40.41 ? 78  LYS A CB  1 
ATOM 577  C CG  . LYS A 1 210 ? -0.654  7.732   17.550  1.00 40.41 ? 78  LYS A CG  1 
ATOM 578  C CD  . LYS A 1 210 ? 0.804   7.507   17.906  1.00 40.41 ? 78  LYS A CD  1 
ATOM 579  C CE  . LYS A 1 210 ? 0.983   7.359   19.408  1.00 40.41 ? 78  LYS A CE  1 
ATOM 580  N NZ  . LYS A 1 210 ? 2.397   7.074   19.776  1.00 40.41 ? 78  LYS A NZ  1 
ATOM 581  N N   . ALA A 1 211 ? -2.585  7.052   13.369  1.00 39.90 ? 79  ALA A N   1 
ATOM 582  C CA  . ALA A 1 211 ? -2.728  7.196   11.924  1.00 39.90 ? 79  ALA A CA  1 
ATOM 583  C C   . ALA A 1 211 ? -4.021  7.912   11.558  1.00 39.90 ? 79  ALA A C   1 
ATOM 584  O O   . ALA A 1 211 ? -4.027  8.783   10.682  1.00 39.90 ? 79  ALA A O   1 
ATOM 585  C CB  . ALA A 1 211 ? -2.671  5.827   11.253  1.00 39.90 ? 79  ALA A CB  1 
ATOM 586  N N   . VAL A 1 212 ? -5.131  7.551   12.204  1.00 41.13 ? 80  VAL A N   1 
ATOM 587  C CA  . VAL A 1 212 ? -6.410  8.174   11.868  1.00 41.13 ? 80  VAL A CA  1 
ATOM 588  C C   . VAL A 1 212 ? -6.416  9.644   12.276  1.00 41.13 ? 80  VAL A C   1 
ATOM 589  O O   . VAL A 1 212 ? -6.762  10.524  11.480  1.00 41.13 ? 80  VAL A O   1 
ATOM 590  C CB  . VAL A 1 212 ? -7.574  7.405   12.515  1.00 41.13 ? 80  VAL A CB  1 
ATOM 591  C CG1 . VAL A 1 212 ? -8.817  8.274   12.561  1.00 41.13 ? 80  VAL A CG1 1 
ATOM 592  C CG2 . VAL A 1 212 ? -7.857  6.138   11.736  1.00 41.13 ? 80  VAL A CG2 1 
ATOM 593  N N   . GLU A 1 213 ? -6.022  9.931   13.518  1.00 42.15 ? 81  GLU A N   1 
ATOM 594  C CA  . GLU A 1 213 ? -5.987  11.315  13.981  1.00 42.15 ? 81  GLU A CA  1 
ATOM 595  C C   . GLU A 1 213 ? -4.863  12.124  13.345  1.00 42.15 ? 81  GLU A C   1 
ATOM 596  O O   . GLU A 1 213 ? -4.843  13.349  13.494  1.00 42.15 ? 81  GLU A O   1 
ATOM 597  C CB  . GLU A 1 213 ? -5.888  11.370  15.506  1.00 42.15 ? 81  GLU A CB  1 
ATOM 598  C CG  . GLU A 1 213 ? -7.239  11.312  16.213  1.00 42.15 ? 81  GLU A CG  1 
ATOM 599  C CD  . GLU A 1 213 ? -7.796  9.912   16.355  1.00 42.15 ? 81  GLU A CD  1 
ATOM 600  O OE1 . GLU A 1 213 ? -7.112  8.951   15.960  1.00 42.15 ? 81  GLU A OE1 1 
ATOM 601  O OE2 . GLU A 1 213 ? -8.927  9.775   16.864  1.00 42.15 ? 81  GLU A OE2 1 
ATOM 602  N N   . SER A 1 214 ? -3.933  11.477  12.649  1.00 42.08 ? 82  SER A N   1 
ATOM 603  C CA  . SER A 1 214 ? -2.920  12.205  11.899  1.00 42.08 ? 82  SER A CA  1 
ATOM 604  C C   . SER A 1 214 ? -3.395  12.613  10.512  1.00 42.08 ? 82  SER A C   1 
ATOM 605  O O   . SER A 1 214 ? -2.715  13.405  9.853   1.00 42.08 ? 82  SER A O   1 
ATOM 606  C CB  . SER A 1 214 ? -1.649  11.364  11.779  1.00 42.08 ? 82  SER A CB  1 
ATOM 607  O OG  . SER A 1 214 ? -0.671  12.031  11.008  1.00 42.08 ? 82  SER A OG  1 
ATOM 608  N N   . GLY A 1 215 ? -4.536  12.107  10.061  1.00 42.57 ? 83  GLY A N   1 
ATOM 609  C CA  . GLY A 1 215 ? -5.063  12.452  8.760   1.00 42.57 ? 83  GLY A CA  1 
ATOM 610  C C   . GLY A 1 215 ? -4.898  11.408  7.679   1.00 42.57 ? 83  GLY A C   1 
ATOM 611  O O   . GLY A 1 215 ? -5.260  11.679  6.529   1.00 42.57 ? 83  GLY A O   1 
ATOM 612  N N   . ALA A 1 216 ? -4.364  10.232  8.001   1.00 40.21 ? 84  ALA A N   1 
ATOM 613  C CA  . ALA A 1 216 ? -4.281  9.164   7.016   1.00 40.21 ? 84  ALA A CA  1 
ATOM 614  C C   . ALA A 1 216 ? -5.678  8.668   6.669   1.00 40.21 ? 84  ALA A C   1 
ATOM 615  O O   . ALA A 1 216 ? -6.534  8.512   7.544   1.00 40.21 ? 84  ALA A O   1 
ATOM 616  C CB  . ALA A 1 216 ? -3.426  8.014   7.541   1.00 40.21 ? 84  ALA A CB  1 
ATOM 617  N N   . GLU A 1 217 ? -5.910  8.422   5.382   1.00 40.90 ? 85  GLU A N   1 
ATOM 618  C CA  . GLU A 1 217 ? -7.233  8.054   4.899   1.00 40.90 ? 85  GLU A CA  1 
ATOM 619  C C   . GLU A 1 217 ? -7.384  6.564   4.634   1.00 40.90 ? 85  GLU A C   1 
ATOM 620  O O   . GLU A 1 217 ? -8.439  6.142   4.148   1.00 40.90 ? 85  GLU A O   1 
ATOM 621  C CB  . GLU A 1 217 ? -7.576  8.853   3.639   1.00 40.90 ? 85  GLU A CB  1 
ATOM 622  C CG  . GLU A 1 217 ? -6.465  8.925   2.609   1.00 40.90 ? 85  GLU A CG  1 
ATOM 623  C CD  . GLU A 1 217 ? -6.644  10.096  1.659   1.00 40.90 ? 85  GLU A CD  1 
ATOM 624  O OE1 . GLU A 1 217 ? -7.707  10.749  1.717   1.00 40.90 ? 85  GLU A OE1 1 
ATOM 625  O OE2 . GLU A 1 217 ? -5.721  10.372  0.865   1.00 40.90 ? 85  GLU A OE2 1 
ATOM 626  N N   . PHE A 1 218 ? -6.370  5.759   4.946   1.00 36.87 ? 86  PHE A N   1 
ATOM 627  C CA  . PHE A 1 218 ? -6.525  4.311   4.938   1.00 36.87 ? 86  PHE A CA  1 
ATOM 628  C C   . PHE A 1 218 ? -5.347  3.677   5.660   1.00 36.87 ? 86  PHE A C   1 
ATOM 629  O O   . PHE A 1 218 ? -4.199  4.076   5.457   1.00 36.87 ? 86  PHE A O   1 
ATOM 630  C CB  . PHE A 1 218 ? -6.653  3.752   3.516   1.00 36.87 ? 86  PHE A CB  1 
ATOM 631  C CG  . PHE A 1 218 ? -5.400  3.834   2.713   1.00 36.87 ? 86  PHE A CG  1 
ATOM 632  C CD1 . PHE A 1 218 ? -5.096  4.978   2.008   1.00 36.87 ? 86  PHE A CD1 1 
ATOM 633  C CD2 . PHE A 1 218 ? -4.545  2.757   2.633   1.00 36.87 ? 86  PHE A CD2 1 
ATOM 634  C CE1 . PHE A 1 218 ? -3.949  5.053   1.260   1.00 36.87 ? 86  PHE A CE1 1 
ATOM 635  C CE2 . PHE A 1 218 ? -3.402  2.829   1.886   1.00 36.87 ? 86  PHE A CE2 1 
ATOM 636  C CZ  . PHE A 1 218 ? -3.104  3.978   1.196   1.00 36.87 ? 86  PHE A CZ  1 
ATOM 637  N N   . ILE A 1 219 ? -5.647  2.689   6.497   1.00 31.74 ? 87  ILE A N   1 
ATOM 638  C CA  . ILE A 1 219 ? -4.660  2.004   7.320   1.00 31.74 ? 87  ILE A CA  1 
ATOM 639  C C   . ILE A 1 219 ? -4.332  0.670   6.670   1.00 31.74 ? 87  ILE A C   1 
ATOM 640  O O   . ILE A 1 219 ? -5.225  -0.016  6.161   1.00 31.74 ? 87  ILE A O   1 
ATOM 641  C CB  . ILE A 1 219 ? -5.172  1.811   8.755   1.00 31.74 ? 87  ILE A CB  1 
ATOM 642  C CG1 . ILE A 1 219 ? -5.398  3.165   9.420   1.00 31.74 ? 87  ILE A CG1 1 
ATOM 643  C CG2 . ILE A 1 219 ? -4.207  0.982   9.572   1.00 31.74 ? 87  ILE A CG2 1 
ATOM 644  C CD1 . ILE A 1 219 ? -6.135  3.072   10.727  1.00 31.74 ? 87  ILE A CD1 1 
ATOM 645  N N   . VAL A 1 220 ? -3.051  0.318   6.662   1.00 29.45 ? 88  VAL A N   1 
ATOM 646  C CA  . VAL A 1 220 ? -2.570  -0.946  6.126   1.00 29.45 ? 88  VAL A CA  1 
ATOM 647  C C   . VAL A 1 220 ? -1.739  -1.636  7.194   1.00 29.45 ? 88  VAL A C   1 
ATOM 648  O O   . VAL A 1 220 ? -0.937  -0.992  7.877   1.00 29.45 ? 88  VAL A O   1 
ATOM 649  C CB  . VAL A 1 220 ? -1.746  -0.731  4.843   1.00 29.45 ? 88  VAL A CB  1 
ATOM 650  C CG1 . VAL A 1 220 ? -1.151  -2.031  4.381   1.00 29.45 ? 88  VAL A CG1 1 
ATOM 651  C CG2 . VAL A 1 220 ? -2.621  -0.147  3.760   1.00 29.45 ? 88  VAL A CG2 1 
ATOM 652  N N   . SER A 1 221 ? -1.934  -2.941  7.344   1.00 28.20 ? 89  SER A N   1 
ATOM 653  C CA  . SER A 1 221 ? -1.189  -3.726  8.311   1.00 28.20 ? 89  SER A CA  1 
ATOM 654  C C   . SER A 1 221 ? -0.507  -4.883  7.600   1.00 28.20 ? 89  SER A C   1 
ATOM 655  O O   . SER A 1 221 ? -0.957  -5.304  6.532   1.00 28.20 ? 89  SER A O   1 
ATOM 656  C CB  . SER A 1 221 ? -2.107  -4.271  9.412   1.00 28.20 ? 89  SER A CB  1 
ATOM 657  O OG  . SER A 1 221 ? -3.157  -5.033  8.854   1.00 28.20 ? 89  SER A OG  1 
ATOM 658  N N   . PRO A 1 222 ? 0.589   -5.410  8.155   1.00 29.07 ? 90  PRO A N   1 
ATOM 659  C CA  . PRO A 1 222 ? 1.251   -6.548  7.509   1.00 29.07 ? 90  PRO A CA  1 
ATOM 660  C C   . PRO A 1 222 ? 0.556   -7.868  7.766   1.00 29.07 ? 90  PRO A C   1 
ATOM 661  O O   . PRO A 1 222 ? 0.704   -8.795  6.960   1.00 29.07 ? 90  PRO A O   1 
ATOM 662  C CB  . PRO A 1 222 ? 2.649   -6.532  8.128   1.00 29.07 ? 90  PRO A CB  1 
ATOM 663  C CG  . PRO A 1 222 ? 2.412   -6.016  9.502   1.00 29.07 ? 90  PRO A CG  1 
ATOM 664  C CD  . PRO A 1 222 ? 1.265   -5.033  9.410   1.00 29.07 ? 90  PRO A CD  1 
ATOM 665  N N   . HIS A 1 223 ? -0.196  -7.978  8.852   1.00 32.17 ? 91  HIS A N   1 
ATOM 666  C CA  . HIS A 1 223 ? -0.923  -9.180  9.224   1.00 32.17 ? 91  HIS A CA  1 
ATOM 667  C C   . HIS A 1 223 ? -2.412  -8.867  9.245   1.00 32.17 ? 91  HIS A C   1 
ATOM 668  O O   . HIS A 1 223 ? -2.853  -7.803  8.808   1.00 32.17 ? 91  HIS A O   1 
ATOM 669  C CB  . HIS A 1 223 ? -0.460  -9.695  10.584  1.00 32.17 ? 91  HIS A CB  1 
ATOM 670  C CG  . HIS A 1 223 ? -0.826  -8.794  11.721  1.00 32.17 ? 91  HIS A CG  1 
ATOM 671  N ND1 . HIS A 1 223 ? -0.378  -7.495  11.817  1.00 32.17 ? 91  HIS A ND1 1 
ATOM 672  C CD2 . HIS A 1 223 ? -1.609  -9.001  12.806  1.00 32.17 ? 91  HIS A CD2 1 
ATOM 673  C CE1 . HIS A 1 223 ? -0.862  -6.943  12.915  1.00 32.17 ? 91  HIS A CE1 1 
ATOM 674  N NE2 . HIS A 1 223 ? -1.613  -7.836  13.533  1.00 32.17 ? 91  HIS A NE2 1 
ATOM 675  N N   . LEU A 1 224 ? -3.192  -9.805  9.761   1.00 33.56 ? 92  LEU A N   1 
ATOM 676  C CA  . LEU A 1 224 ? -4.616  -9.603  9.977   1.00 33.56 ? 92  LEU A CA  1 
ATOM 677  C C   . LEU A 1 224 ? -4.840  -9.330  11.459  1.00 33.56 ? 92  LEU A C   1 
ATOM 678  O O   . LEU A 1 224 ? -4.431  -10.128 12.307  1.00 33.56 ? 92  LEU A O   1 
ATOM 679  C CB  . LEU A 1 224 ? -5.412  -10.821 9.518   1.00 33.56 ? 92  LEU A CB  1 
ATOM 680  C CG  . LEU A 1 224 ? -6.879  -10.601 9.156   1.00 33.56 ? 92  LEU A CG  1 
ATOM 681  C CD1 . LEU A 1 224 ? -7.373  -11.770 8.340   1.00 33.56 ? 92  LEU A CD1 1 
ATOM 682  C CD2 . LEU A 1 224 ? -7.737  -10.422 10.392  1.00 33.56 ? 92  LEU A CD2 1 
ATOM 683  N N   . ASP A 1 225 ? -5.487  -8.209  11.765  1.00 37.62 ? 93  ASP A N   1 
ATOM 684  C CA  . ASP A 1 225 ? -5.789  -7.829  13.141  1.00 37.62 ? 93  ASP A CA  1 
ATOM 685  C C   . ASP A 1 225 ? -7.281  -7.548  13.245  1.00 37.62 ? 93  ASP A C   1 
ATOM 686  O O   . ASP A 1 225 ? -7.784  -6.599  12.634  1.00 37.62 ? 93  ASP A O   1 
ATOM 687  C CB  . ASP A 1 225 ? -4.969  -6.616  13.574  1.00 37.62 ? 93  ASP A CB  1 
ATOM 688  C CG  . ASP A 1 225 ? -4.877  -6.488  15.079  1.00 37.62 ? 93  ASP A CG  1 
ATOM 689  O OD1 . ASP A 1 225 ? -5.933  -6.348  15.733  1.00 37.62 ? 93  ASP A OD1 1 
ATOM 690  O OD2 . ASP A 1 225 ? -3.748  -6.530  15.612  1.00 37.62 ? 93  ASP A OD2 1 
ATOM 691  N N   . GLU A 1 226 ? -7.982  -8.368  14.028  1.00 39.91 ? 94  GLU A N   1 
ATOM 692  C CA  . GLU A 1 226 ? -9.431  -8.239  14.134  1.00 39.91 ? 94  GLU A CA  1 
ATOM 693  C C   . GLU A 1 226 ? -9.831  -6.931  14.805  1.00 39.91 ? 94  GLU A C   1 
ATOM 694  O O   . GLU A 1 226 ? -10.790 -6.277  14.379  1.00 39.91 ? 94  GLU A O   1 
ATOM 695  C CB  . GLU A 1 226 ? -10.006 -9.435  14.890  1.00 39.91 ? 94  GLU A CB  1 
ATOM 696  C CG  . GLU A 1 226 ? -9.778  -10.764 14.185  1.00 39.91 ? 94  GLU A CG  1 
ATOM 697  C CD  . GLU A 1 226 ? -9.740  -11.940 15.139  1.00 39.91 ? 94  GLU A CD  1 
ATOM 698  O OE1 . GLU A 1 226 ? -10.822 -12.398 15.562  1.00 39.91 ? 94  GLU A OE1 1 
ATOM 699  O OE2 . GLU A 1 226 ? -8.630  -12.410 15.462  1.00 39.91 ? 94  GLU A OE2 1 
ATOM 700  N N   . GLU A 1 227 ? -9.112  -6.526  15.853  1.00 40.97 ? 95  GLU A N   1 
ATOM 701  C CA  . GLU A 1 227 ? -9.476  -5.299  16.556  1.00 40.97 ? 95  GLU A CA  1 
ATOM 702  C C   . GLU A 1 227 ? -9.184  -4.067  15.705  1.00 40.97 ? 95  GLU A C   1 
ATOM 703  O O   . GLU A 1 227 ? -9.976  -3.116  15.686  1.00 40.97 ? 95  GLU A O   1 
ATOM 704  C CB  . GLU A 1 227 ? -8.745  -5.233  17.895  1.00 40.97 ? 95  GLU A CB  1 
ATOM 705  C CG  . GLU A 1 227 ? -9.151  -4.074  18.782  1.00 40.97 ? 95  GLU A CG  1 
ATOM 706  C CD  . GLU A 1 227 ? -8.425  -4.089  20.112  1.00 40.97 ? 95  GLU A CD  1 
ATOM 707  O OE1 . GLU A 1 227 ? -8.614  -5.058  20.876  1.00 40.97 ? 95  GLU A OE1 1 
ATOM 708  O OE2 . GLU A 1 227 ? -7.679  -3.134  20.406  1.00 40.97 ? 95  GLU A OE2 1 
ATOM 709  N N   . ILE A 1 228 ? -8.059  -4.069  14.988  1.00 38.35 ? 96  ILE A N   1 
ATOM 710  C CA  . ILE A 1 228 ? -7.768  -2.975  14.067  1.00 38.35 ? 96  ILE A CA  1 
ATOM 711  C C   . ILE A 1 228 ? -8.822  -2.914  12.971  1.00 38.35 ? 96  ILE A C   1 
ATOM 712  O O   . ILE A 1 228 ? -9.275  -1.831  12.588  1.00 38.35 ? 96  ILE A O   1 
ATOM 713  C CB  . ILE A 1 228 ? -6.348  -3.117  13.486  1.00 38.35 ? 96  ILE A CB  1 
ATOM 714  C CG1 . ILE A 1 228 ? -5.318  -2.516  14.443  1.00 38.35 ? 96  ILE A CG1 1 
ATOM 715  C CG2 . ILE A 1 228 ? -6.250  -2.458  12.116  1.00 38.35 ? 96  ILE A CG2 1 
ATOM 716  C CD1 . ILE A 1 228 ? -3.885  -2.761  14.028  1.00 38.35 ? 96  ILE A CD1 1 
ATOM 717  N N   . SER A 1 229 ? -9.230  -4.069  12.451  1.00 37.90 ? 97  SER A N   1 
ATOM 718  C CA  . SER A 1 229 ? -10.266 -4.114  11.428  1.00 37.90 ? 97  SER A CA  1 
ATOM 719  C C   . SER A 1 229 ? -11.626 -3.667  11.944  1.00 37.90 ? 97  SER A C   1 
ATOM 720  O O   . SER A 1 229 ? -12.424 -3.135  11.165  1.00 37.90 ? 97  SER A O   1 
ATOM 721  C CB  . SER A 1 229 ? -10.375 -5.523  10.849  1.00 37.90 ? 97  SER A CB  1 
ATOM 722  O OG  . SER A 1 229 ? -11.395 -5.585  9.870   1.00 37.90 ? 97  SER A OG  1 
ATOM 723  N N   . GLN A 1 230 ? -11.917 -3.885  13.225  1.00 40.17 ? 98  GLN A N   1 
ATOM 724  C CA  . GLN A 1 230 ? -13.133 -3.364  13.836  1.00 40.17 ? 98  GLN A CA  1 
ATOM 725  C C   . GLN A 1 230 ? -13.086 -1.854  14.009  1.00 40.17 ? 98  GLN A C   1 
ATOM 726  O O   . GLN A 1 230 ? -14.072 -1.161  13.740  1.00 40.17 ? 98  GLN A O   1 
ATOM 727  C CB  . GLN A 1 230 ? -13.375 -4.033  15.193  1.00 40.17 ? 98  GLN A CB  1 
ATOM 728  C CG  . GLN A 1 230 ? -14.664 -3.595  15.860  1.00 40.17 ? 98  GLN A CG  1 
ATOM 729  C CD  . GLN A 1 230 ? -15.888 -4.045  15.097  1.00 40.17 ? 98  GLN A CD  1 
ATOM 730  O OE1 . GLN A 1 230 ? -15.943 -5.167  14.599  1.00 40.17 ? 98  GLN A OE1 1 
ATOM 731  N NE2 . GLN A 1 230 ? -16.877 -3.166  14.995  1.00 40.17 ? 98  GLN A NE2 1 
ATOM 732  N N   . PHE A 1 231 ? -11.948 -1.322  14.452  1.00 40.01 ? 99  PHE A N   1 
ATOM 733  C CA  . PHE A 1 231 ? -11.813 0.126   14.558  1.00 40.01 ? 99  PHE A CA  1 
ATOM 734  C C   . PHE A 1 231 ? -11.911 0.793   13.192  1.00 40.01 ? 99  PHE A C   1 
ATOM 735  O O   . PHE A 1 231 ? -12.550 1.841   13.045  1.00 40.01 ? 99  PHE A O   1 
ATOM 736  C CB  . PHE A 1 231 ? -10.505 0.488   15.259  1.00 40.01 ? 99  PHE A CB  1 
ATOM 737  C CG  . PHE A 1 231 ? -10.149 1.942   15.168  1.00 40.01 ? 99  PHE A CG  1 
ATOM 738  C CD1 . PHE A 1 231 ? -9.376  2.417   14.124  1.00 40.01 ? 99  PHE A CD1 1 
ATOM 739  C CD2 . PHE A 1 231 ? -10.647 2.845   16.087  1.00 40.01 ? 99  PHE A CD2 1 
ATOM 740  C CE1 . PHE A 1 231 ? -9.053  3.754   14.037  1.00 40.01 ? 99  PHE A CE1 1 
ATOM 741  C CE2 . PHE A 1 231 ? -10.326 4.186   16.010  1.00 40.01 ? 99  PHE A CE2 1 
ATOM 742  C CZ  . PHE A 1 231 ? -9.531  4.643   14.980  1.00 40.01 ? 99  PHE A CZ  1 
ATOM 743  N N   . ALA A 1 232 ? -11.270 0.208   12.180  1.00 38.22 ? 100 ALA A N   1 
ATOM 744  C CA  . ALA A 1 232 ? -11.362 0.760   10.835  1.00 38.22 ? 100 ALA A CA  1 
ATOM 745  C C   . ALA A 1 232 ? -12.798 0.721   10.332  1.00 38.22 ? 100 ALA A C   1 
ATOM 746  O O   . ALA A 1 232 ? -13.269 1.664   9.686   1.00 38.22 ? 100 ALA A O   1 
ATOM 747  C CB  . ALA A 1 232 ? -10.437 0.000   9.890   1.00 38.22 ? 100 ALA A CB  1 
ATOM 748  N N   . LYS A 1 233 ? -13.511 -0.369  10.619  1.00 41.36 ? 101 LYS A N   1 
ATOM 749  C CA  . LYS A 1 233 ? -14.906 -0.462  10.204  1.00 41.36 ? 101 LYS A CA  1 
ATOM 750  C C   . LYS A 1 233 ? -15.761 0.592   10.894  1.00 41.36 ? 101 LYS A C   1 
ATOM 751  O O   . LYS A 1 233 ? -16.646 1.188   10.268  1.00 41.36 ? 101 LYS A O   1 
ATOM 752  C CB  . LYS A 1 233 ? -15.447 -1.864  10.489  1.00 41.36 ? 101 LYS A CB  1 
ATOM 753  C CG  . LYS A 1 233 ? -16.838 -2.120  9.939   1.00 41.36 ? 101 LYS A CG  1 
ATOM 754  C CD  . LYS A 1 233 ? -17.280 -3.547  10.215  1.00 41.36 ? 101 LYS A CD  1 
ATOM 755  C CE  . LYS A 1 233 ? -16.541 -4.534  9.324   1.00 41.36 ? 101 LYS A CE  1 
ATOM 756  N NZ  . LYS A 1 233 ? -17.040 -5.927  9.497   1.00 41.36 ? 101 LYS A NZ  1 
ATOM 757  N N   . GLU A 1 234 ? -15.517 0.837   12.184  1.00 41.21 ? 102 GLU A N   1 
ATOM 758  C CA  . GLU A 1 234 ? -16.362 1.785   12.905  1.00 41.21 ? 102 GLU A CA  1 
ATOM 759  C C   . GLU A 1 234 ? -16.023 3.229   12.557  1.00 41.21 ? 102 GLU A C   1 
ATOM 760  O O   . GLU A 1 234 ? -16.896 4.100   12.635  1.00 41.21 ? 102 GLU A O   1 
ATOM 761  C CB  . GLU A 1 234 ? -16.257 1.569   14.416  1.00 41.21 ? 102 GLU A CB  1 
ATOM 762  C CG  . GLU A 1 234 ? -14.961 2.035   15.047  1.00 41.21 ? 102 GLU A CG  1 
ATOM 763  C CD  . GLU A 1 234 ? -14.956 1.875   16.554  1.00 41.21 ? 102 GLU A CD  1 
ATOM 764  O OE1 . GLU A 1 234 ? -15.952 1.360   17.103  1.00 41.21 ? 102 GLU A OE1 1 
ATOM 765  O OE2 . GLU A 1 234 ? -13.960 2.272   17.192  1.00 41.21 ? 102 GLU A OE2 1 
ATOM 766  N N   . LYS A 1 235 ? -14.775 3.510   12.183  1.00 38.36 ? 103 LYS A N   1 
ATOM 767  C CA  . LYS A 1 235 ? -14.364 4.859   11.822  1.00 38.36 ? 103 LYS A CA  1 
ATOM 768  C C   . LYS A 1 235 ? -14.376 5.101   10.319  1.00 38.36 ? 103 LYS A C   1 
ATOM 769  O O   . LYS A 1 235 ? -13.992 6.187   9.876   1.00 38.36 ? 103 LYS A O   1 
ATOM 770  C CB  . LYS A 1 235 ? -12.976 5.161   12.387  1.00 38.36 ? 103 LYS A CB  1 
ATOM 771  C CG  . LYS A 1 235 ? -12.888 5.033   13.894  1.00 38.36 ? 103 LYS A CG  1 
ATOM 772  C CD  . LYS A 1 235 ? -13.676 6.126   14.587  1.00 38.36 ? 103 LYS A CD  1 
ATOM 773  C CE  . LYS A 1 235 ? -13.059 6.497   15.925  1.00 38.36 ? 103 LYS A CE  1 
ATOM 774  N NZ  . LYS A 1 235 ? -12.121 7.646   15.803  1.00 38.36 ? 103 LYS A NZ  1 
ATOM 775  N N   . GLY A 1 236 ? -14.799 4.120   9.530   1.00 37.58 ? 104 GLY A N   1 
ATOM 776  C CA  . GLY A 1 236 ? -14.884 4.328   8.090   1.00 37.58 ? 104 GLY A CA  1 
ATOM 777  C C   . GLY A 1 236 ? -13.546 4.593   7.437   1.00 37.58 ? 104 GLY A C   1 
ATOM 778  O O   . GLY A 1 236 ? -13.448 5.429   6.532   1.00 37.58 ? 104 GLY A O   1 
ATOM 779  N N   . VAL A 1 237 ? -12.506 3.893   7.880   1.00 35.34 ? 105 VAL A N   1 
ATOM 780  C CA  . VAL A 1 237 ? -11.163 4.029   7.332   1.00 35.34 ? 105 VAL A CA  1 
ATOM 781  C C   . VAL A 1 237 ? -10.836 2.757   6.566   1.00 35.34 ? 105 VAL A C   1 
ATOM 782  O O   . VAL A 1 237 ? -10.856 1.660   7.137   1.00 35.34 ? 105 VAL A O   1 
ATOM 783  C CB  . VAL A 1 237 ? -10.128 4.290   8.438   1.00 35.34 ? 105 VAL A CB  1 
ATOM 784  C CG1 . VAL A 1 237 ? -8.751  4.472   7.837   1.00 35.34 ? 105 VAL A CG1 1 
ATOM 785  C CG2 . VAL A 1 237 ? -10.526 5.504   9.257   1.00 35.34 ? 105 VAL A CG2 1 
ATOM 786  N N   . PHE A 1 238 ? -10.540 2.904   5.277   1.00 32.66 ? 106 PHE A N   1 
ATOM 787  C CA  . PHE A 1 238 ? -10.256 1.754   4.433   1.00 32.66 ? 106 PHE A CA  1 
ATOM 788  C C   . PHE A 1 238 ? -9.065  0.981   4.977   1.00 32.66 ? 106 PHE A C   1 
ATOM 789  O O   . PHE A 1 238 ? -8.034  1.564   5.314   1.00 32.66 ? 106 PHE A O   1 
ATOM 790  C CB  . PHE A 1 238 ? -9.985  2.213   3.003   1.00 32.66 ? 106 PHE A CB  1 
ATOM 791  C CG  . PHE A 1 238 ? -9.462  1.134   2.108   1.00 32.66 ? 106 PHE A CG  1 
ATOM 792  C CD1 . PHE A 1 238 ? -10.328 0.244   1.505   1.00 32.66 ? 106 PHE A CD1 1 
ATOM 793  C CD2 . PHE A 1 238 ? -8.110  1.023   1.849   1.00 32.66 ? 106 PHE A CD2 1 
ATOM 794  C CE1 . PHE A 1 238 ? -9.853  -0.741  0.674   1.00 32.66 ? 106 PHE A CE1 1 
ATOM 795  C CE2 . PHE A 1 238 ? -7.632  0.039   1.017   1.00 32.66 ? 106 PHE A CE2 1 
ATOM 796  C CZ  . PHE A 1 238 ? -8.504  -0.844  0.431   1.00 32.66 ? 106 PHE A CZ  1 
ATOM 797  N N   . TYR A 1 239 ? -9.216  -0.336  5.078   1.00 30.71 ? 107 TYR A N   1 
ATOM 798  C CA  . TYR A 1 239 ? -8.212  -1.185  5.701   1.00 30.71 ? 107 TYR A CA  1 
ATOM 799  C C   . TYR A 1 239 ? -8.029  -2.447  4.876   1.00 30.71 ? 107 TYR A C   1 
ATOM 800  O O   . TYR A 1 239 ? -9.005  -3.143  4.581   1.00 30.71 ? 107 TYR A O   1 
ATOM 801  C CB  . TYR A 1 239 ? -8.627  -1.533  7.132   1.00 30.71 ? 107 TYR A CB  1 
ATOM 802  C CG  . TYR A 1 239 ? -7.721  -2.510  7.825   1.00 30.71 ? 107 TYR A CG  1 
ATOM 803  C CD1 . TYR A 1 239 ? -6.350  -2.387  7.740   1.00 30.71 ? 107 TYR A CD1 1 
ATOM 804  C CD2 . TYR A 1 239 ? -8.239  -3.549  8.581   1.00 30.71 ? 107 TYR A CD2 1 
ATOM 805  C CE1 . TYR A 1 239 ? -5.519  -3.272  8.377   1.00 30.71 ? 107 TYR A CE1 1 
ATOM 806  C CE2 . TYR A 1 239 ? -7.413  -4.442  9.223   1.00 30.71 ? 107 TYR A CE2 1 
ATOM 807  C CZ  . TYR A 1 239 ? -6.053  -4.300  9.117   1.00 30.71 ? 107 TYR A CZ  1 
ATOM 808  O OH  . TYR A 1 239 ? -5.217  -5.184  9.752   1.00 30.71 ? 107 TYR A OH  1 
ATOM 809  N N   . MET A 1 240 ? -6.785  -2.745  4.507   1.00 27.61 ? 108 MET A N   1 
ATOM 810  C CA  . MET A 1 240 ? -6.461  -3.970  3.777   1.00 27.61 ? 108 MET A CA  1 
ATOM 811  C C   . MET A 1 240 ? -5.379  -4.719  4.543   1.00 27.61 ? 108 MET A C   1 
ATOM 812  O O   . MET A 1 240 ? -4.182  -4.439  4.403   1.00 27.61 ? 108 MET A O   1 
ATOM 813  C CB  . MET A 1 240 ? -6.065  -3.682  2.325   1.00 27.61 ? 108 MET A CB  1 
ATOM 814  C CG  . MET A 1 240 ? -4.790  -2.892  2.083   1.00 27.61 ? 108 MET A CG  1 
ATOM 815  S SD  . MET A 1 240 ? -4.504  -2.610  0.330   1.00 27.61 ? 108 MET A SD  1 
ATOM 816  C CE  . MET A 1 240 ? -2.985  -1.674  0.387   1.00 27.61 ? 108 MET A CE  1 
ATOM 817  N N   . PRO A 1 241 ? -5.762  -5.678  5.376   1.00 27.43 ? 109 PRO A N   1 
ATOM 818  C CA  . PRO A 1 241 ? -4.766  -6.400  6.165   1.00 27.43 ? 109 PRO A CA  1 
ATOM 819  C C   . PRO A 1 241 ? -3.941  -7.311  5.274   1.00 27.43 ? 109 PRO A C   1 
ATOM 820  O O   . PRO A 1 241 ? -4.216  -7.492  4.088   1.00 27.43 ? 109 PRO A O   1 
ATOM 821  C CB  . PRO A 1 241 ? -5.602  -7.194  7.170   1.00 27.43 ? 109 PRO A CB  1 
ATOM 822  C CG  . PRO A 1 241 ? -7.004  -7.191  6.636   1.00 27.43 ? 109 PRO A CG  1 
ATOM 823  C CD  . PRO A 1 241 ? -7.069  -6.349  5.398   1.00 27.43 ? 109 PRO A CD  1 
ATOM 824  N N   . GLY A 1 242 ? -2.895  -7.878  5.866   1.00 27.30 ? 110 GLY A N   1 
ATOM 825  C CA  . GLY A 1 242 ? -1.989  -8.756  5.154   1.00 27.30 ? 110 GLY A CA  1 
ATOM 826  C C   . GLY A 1 242 ? -2.341  -10.207 5.416   1.00 27.30 ? 110 GLY A C   1 
ATOM 827  O O   . GLY A 1 242 ? -2.420  -10.641 6.567   1.00 27.30 ? 110 GLY A O   1 
ATOM 828  N N   . VAL A 1 243 ? -2.560  -10.947 4.333   1.00 25.29 ? 111 VAL A N   1 
ATOM 829  C CA  . VAL A 1 243 ? -2.859  -12.371 4.403   1.00 25.29 ? 111 VAL A CA  1 
ATOM 830  C C   . VAL A 1 243 ? -1.933  -13.090 3.433   1.00 25.29 ? 111 VAL A C   1 
ATOM 831  O O   . VAL A 1 243 ? -1.855  -12.726 2.256   1.00 25.29 ? 111 VAL A O   1 
ATOM 832  C CB  . VAL A 1 243 ? -4.326  -12.685 4.088   1.00 25.29 ? 111 VAL A CB  1 
ATOM 833  C CG1 . VAL A 1 243 ? -5.213  -12.207 5.220   1.00 25.29 ? 111 VAL A CG1 1 
ATOM 834  C CG2 . VAL A 1 243 ? -4.739  -12.033 2.790   1.00 25.29 ? 111 VAL A CG2 1 
ATOM 835  N N   . MET A 1 244 ? -1.228  -14.103 3.928   1.00 27.25 ? 112 MET A N   1 
ATOM 836  C CA  . MET A 1 244 ? -0.308  -14.866 3.099   1.00 27.25 ? 112 MET A CA  1 
ATOM 837  C C   . MET A 1 244 ? -0.893  -16.202 2.663   1.00 27.25 ? 112 MET A C   1 
ATOM 838  O O   . MET A 1 244 ? -0.525  -16.715 1.602   1.00 27.25 ? 112 MET A O   1 
ATOM 839  C CB  . MET A 1 244 ? 0.994   -15.093 3.863   1.00 27.25 ? 112 MET A CB  1 
ATOM 840  C CG  . MET A 1 244 ? 2.201   -15.414 3.017   1.00 27.25 ? 112 MET A CG  1 
ATOM 841  S SD  . MET A 1 244 ? 3.345   -16.397 4.007   1.00 27.25 ? 112 MET A SD  1 
ATOM 842  C CE  . MET A 1 244 ? 4.708   -16.597 2.877   1.00 27.25 ? 112 MET A CE  1 
ATOM 843  N N   . THR A 1 245 ? -1.804  -16.771 3.448   1.00 25.94 ? 113 THR A N   1 
ATOM 844  C CA  . THR A 1 245 ? -2.258  -18.140 3.262   1.00 25.94 ? 113 THR A CA  1 
ATOM 845  C C   . THR A 1 245 ? -3.778  -18.200 3.237   1.00 25.94 ? 113 THR A C   1 
ATOM 846  O O   . THR A 1 245 ? -4.446  -17.340 3.823   1.00 25.94 ? 113 THR A O   1 
ATOM 847  C CB  . THR A 1 245 ? -1.724  -19.043 4.381   1.00 25.94 ? 113 THR A CB  1 
ATOM 848  O OG1 . THR A 1 245 ? -1.841  -18.360 5.634   1.00 25.94 ? 113 THR A OG1 1 
ATOM 849  C CG2 . THR A 1 245 ? -0.267  -19.384 4.129   1.00 25.94 ? 113 THR A CG2 1 
ATOM 850  N N   . PRO A 1 246 ? -4.355  -19.215 2.568   1.00 27.04 ? 114 PRO A N   1 
ATOM 851  C CA  . PRO A 1 246 ? -5.816  -19.295 2.436   1.00 27.04 ? 114 PRO A CA  1 
ATOM 852  C C   . PRO A 1 246 ? -6.574  -19.322 3.754   1.00 27.04 ? 114 PRO A C   1 
ATOM 853  O O   . PRO A 1 246 ? -7.680  -18.782 3.836   1.00 27.04 ? 114 PRO A O   1 
ATOM 854  C CB  . PRO A 1 246 ? -6.017  -20.604 1.665   1.00 27.04 ? 114 PRO A CB  1 
ATOM 855  C CG  . PRO A 1 246 ? -4.792  -20.745 0.868   1.00 27.04 ? 114 PRO A CG  1 
ATOM 856  C CD  . PRO A 1 246 ? -3.679  -20.214 1.723   1.00 27.04 ? 114 PRO A CD  1 
ATOM 857  N N   . THR A 1 247 ? -6.016  -19.952 4.786   1.00 26.06 ? 115 THR A N   1 
ATOM 858  C CA  . THR A 1 247 ? -6.693  -19.959 6.076   1.00 26.06 ? 115 THR A CA  1 
ATOM 859  C C   . THR A 1 247 ? -6.693  -18.592 6.746   1.00 26.06 ? 115 THR A C   1 
ATOM 860  O O   . THR A 1 247 ? -7.444  -18.391 7.705   1.00 26.06 ? 115 THR A O   1 
ATOM 861  C CB  . THR A 1 247 ? -6.067  -20.998 7.006   1.00 26.06 ? 115 THR A CB  1 
ATOM 862  O OG1 . THR A 1 247 ? -6.851  -21.099 8.200   1.00 26.06 ? 115 THR A OG1 1 
ATOM 863  C CG2 . THR A 1 247 ? -4.639  -20.630 7.356   1.00 26.06 ? 115 THR A CG2 1 
ATOM 864  N N   . GLU A 1 248 ? -5.866  -17.660 6.270   1.00 27.73 ? 116 GLU A N   1 
ATOM 865  C CA  . GLU A 1 248 ? -5.963  -16.269 6.699   1.00 27.73 ? 116 GLU A CA  1 
ATOM 866  C C   . GLU A 1 248 ? -6.859  -15.473 5.760   1.00 27.73 ? 116 GLU A C   1 
ATOM 867  O O   . GLU A 1 248 ? -7.585  -14.569 6.193   1.00 27.73 ? 116 GLU A O   1 
ATOM 868  C CB  . GLU A 1 248 ? -4.569  -15.644 6.759   1.00 27.73 ? 116 GLU A CB  1 
ATOM 869  C CG  . GLU A 1 248 ? -3.770  -15.984 8.007   1.00 27.73 ? 116 GLU A CG  1 
ATOM 870  C CD  . GLU A 1 248 ? -2.325  -15.524 7.918   1.00 27.73 ? 116 GLU A CD  1 
ATOM 871  O OE1 . GLU A 1 248 ? -1.778  -15.479 6.797   1.00 27.73 ? 116 GLU A OE1 1 
ATOM 872  O OE2 . GLU A 1 248 ? -1.740  -15.189 8.968   1.00 27.73 ? 116 GLU A OE2 1 
ATOM 873  N N   . LEU A 1 249 ? -6.820  -15.813 4.472   1.00 27.86 ? 117 LEU A N   1 
ATOM 874  C CA  . LEU A 1 249 ? -7.658  -15.145 3.482   1.00 27.86 ? 117 LEU A CA  1 
ATOM 875  C C   . LEU A 1 249 ? -9.136  -15.346 3.790   1.00 27.86 ? 117 LEU A C   1 
ATOM 876  O O   . LEU A 1 249 ? -9.937  -14.414 3.665   1.00 27.86 ? 117 LEU A O   1 
ATOM 877  C CB  . LEU A 1 249 ? -7.314  -15.680 2.093   1.00 27.86 ? 117 LEU A CB  1 
ATOM 878  C CG  . LEU A 1 249 ? -7.619  -14.911 0.810   1.00 27.86 ? 117 LEU A CG  1 
ATOM 879  C CD1 . LEU A 1 249 ? -6.992  -15.651 -0.346  1.00 27.86 ? 117 LEU A CD1 1 
ATOM 880  C CD2 . LEU A 1 249 ? -9.101  -14.748 0.573   1.00 27.86 ? 117 LEU A CD2 1 
ATOM 881  N N   . VAL A 1 250 ? -9.516  -16.563 4.183   1.00 28.81 ? 118 VAL A N   1 
ATOM 882  C CA  . VAL A 1 250 ? -10.915 -16.850 4.477   1.00 28.81 ? 118 VAL A CA  1 
ATOM 883  C C   . VAL A 1 250 ? -11.368 -16.097 5.722   1.00 28.81 ? 118 VAL A C   1 
ATOM 884  O O   . VAL A 1 250 ? -12.499 -15.598 5.784   1.00 28.81 ? 118 VAL A O   1 
ATOM 885  C CB  . VAL A 1 250 ? -11.128 -18.366 4.615   1.00 28.81 ? 118 VAL A CB  1 
ATOM 886  C CG1 . VAL A 1 250 ? -12.544 -18.666 5.063   1.00 28.81 ? 118 VAL A CG1 1 
ATOM 887  C CG2 . VAL A 1 250 ? -10.835 -19.047 3.300   1.00 28.81 ? 118 VAL A CG2 1 
ATOM 888  N N   . LYS A 1 251 ? -10.503 -16.001 6.731   1.00 29.72 ? 119 LYS A N   1 
ATOM 889  C CA  . LYS A 1 251 ? -10.832 -15.187 7.896   1.00 29.72 ? 119 LYS A CA  1 
ATOM 890  C C   . LYS A 1 251 ? -11.025 -13.730 7.501   1.00 29.72 ? 119 LYS A C   1 
ATOM 891  O O   . LYS A 1 251 ? -11.955 -13.064 7.976   1.00 29.72 ? 119 LYS A O   1 
ATOM 892  C CB  . LYS A 1 251 ? -9.738  -15.312 8.954   1.00 29.72 ? 119 LYS A CB  1 
ATOM 893  C CG  . LYS A 1 251 ? -10.161 -14.852 10.338  1.00 29.72 ? 119 LYS A CG  1 
ATOM 894  C CD  . LYS A 1 251 ? -8.958  -14.679 11.252  1.00 29.72 ? 119 LYS A CD  1 
ATOM 895  C CE  . LYS A 1 251 ? -8.051  -15.899 11.220  1.00 29.72 ? 119 LYS A CE  1 
ATOM 896  N NZ  . LYS A 1 251 ? -8.405  -16.893 12.270  1.00 29.72 ? 119 LYS A NZ  1 
ATOM 897  N N   . ALA A 1 252 ? -10.158 -13.221 6.623   1.00 30.10 ? 120 ALA A N   1 
ATOM 898  C CA  . ALA A 1 252 ? -10.306 -11.847 6.153   1.00 30.10 ? 120 ALA A CA  1 
ATOM 899  C C   . ALA A 1 252 ? -11.639 -11.653 5.441   1.00 30.10 ? 120 ALA A C   1 
ATOM 900  O O   . ALA A 1 252 ? -12.351 -10.674 5.689   1.00 30.10 ? 120 ALA A O   1 
ATOM 901  C CB  . ALA A 1 252 ? -9.145  -11.483 5.231   1.00 30.10 ? 120 ALA A CB  1 
ATOM 902  N N   . MET A 1 253 ? -11.993 -12.585 4.555   1.00 29.96 ? 121 MET A N   1 
ATOM 903  C CA  . MET A 1 253 ? -13.272 -12.490 3.859   1.00 29.96 ? 121 MET A CA  1 
ATOM 904  C C   . MET A 1 253 ? -14.429 -12.489 4.844   1.00 29.96 ? 121 MET A C   1 
ATOM 905  O O   . MET A 1 253 ? -15.359 -11.684 4.720   1.00 29.96 ? 121 MET A O   1 
ATOM 906  C CB  . MET A 1 253 ? -13.431 -13.644 2.872   1.00 29.96 ? 121 MET A CB  1 
ATOM 907  C CG  . MET A 1 253 ? -12.472 -13.624 1.709   1.00 29.96 ? 121 MET A CG  1 
ATOM 908  S SD  . MET A 1 253 ? -12.699 -15.076 0.666   1.00 29.96 ? 121 MET A SD  1 
ATOM 909  C CE  . MET A 1 253 ? -14.283 -14.713 -0.077  1.00 29.96 ? 121 MET A CE  1 
ATOM 910  N N   . LYS A 1 254 ? -14.388 -13.379 5.836   1.00 32.02 ? 122 LYS A N   1 
ATOM 911  C CA  . LYS A 1 254 ? -15.454 -13.429 6.826   1.00 32.02 ? 122 LYS A CA  1 
ATOM 912  C C   . LYS A 1 254 ? -15.495 -12.178 7.691   1.00 32.02 ? 122 LYS A C   1 
ATOM 913  O O   . LYS A 1 254 ? -16.534 -11.892 8.293   1.00 32.02 ? 122 LYS A O   1 
ATOM 914  C CB  . LYS A 1 254 ? -15.309 -14.676 7.698   1.00 32.02 ? 122 LYS A CB  1 
ATOM 915  C CG  . LYS A 1 254 ? -15.582 -15.969 6.946   1.00 32.02 ? 122 LYS A CG  1 
ATOM 916  C CD  . LYS A 1 254 ? -15.598 -17.173 7.871   1.00 32.02 ? 122 LYS A CD  1 
ATOM 917  C CE  . LYS A 1 254 ? -16.090 -18.414 7.142   1.00 32.02 ? 122 LYS A CE  1 
ATOM 918  N NZ  . LYS A 1 254 ? -15.682 -19.673 7.824   1.00 32.02 ? 122 LYS A NZ  1 
ATOM 919  N N   . LEU A 1 255 ? -14.395 -11.429 7.773   1.00 32.71 ? 123 LEU A N   1 
ATOM 920  C CA  . LEU A 1 255 ? -14.458 -10.129 8.427   1.00 32.71 ? 123 LEU A CA  1 
ATOM 921  C C   . LEU A 1 255 ? -14.959 -9.021  7.510   1.00 32.71 ? 123 LEU A C   1 
ATOM 922  O O   . LEU A 1 255 ? -15.271 -7.931  8.002   1.00 32.71 ? 123 LEU A O   1 
ATOM 923  C CB  . LEU A 1 255 ? -13.093 -9.743  8.994   1.00 32.71 ? 123 LEU A CB  1 
ATOM 924  C CG  . LEU A 1 255 ? -12.647 -10.580 10.187  1.00 32.71 ? 123 LEU A CG  1 
ATOM 925  C CD1 . LEU A 1 255 ? -11.248 -10.195 10.605  1.00 32.71 ? 123 LEU A CD1 1 
ATOM 926  C CD2 . LEU A 1 255 ? -13.619 -10.399 11.339  1.00 32.71 ? 123 LEU A CD2 1 
ATOM 927  N N   . GLY A 1 256 ? -15.046 -9.263  6.207   1.00 32.56 ? 124 GLY A N   1 
ATOM 928  C CA  . GLY A 1 256 ? -15.646 -8.311  5.297   1.00 32.56 ? 124 GLY A CA  1 
ATOM 929  C C   . GLY A 1 256 ? -14.709 -7.580  4.361   1.00 32.56 ? 124 GLY A C   1 
ATOM 930  O O   . GLY A 1 256 ? -15.169 -6.701  3.625   1.00 32.56 ? 124 GLY A O   1 
ATOM 931  N N   . HIS A 1 257 ? -13.422 -7.908  4.357   1.00 31.07 ? 125 HIS A N   1 
ATOM 932  C CA  . HIS A 1 257 ? -12.472 -7.294  3.441   1.00 31.07 ? 125 HIS A CA  1 
ATOM 933  C C   . HIS A 1 257 ? -12.246 -8.214  2.252   1.00 31.07 ? 125 HIS A C   1 
ATOM 934  O O   . HIS A 1 257 ? -11.800 -9.353  2.419   1.00 31.07 ? 125 HIS A O   1 
ATOM 935  C CB  . HIS A 1 257 ? -11.142 -7.002  4.136   1.00 31.07 ? 125 HIS A CB  1 
ATOM 936  C CG  . HIS A 1 257 ? -11.289 -6.382  5.489   1.00 31.07 ? 125 HIS A CG  1 
ATOM 937  N ND1 . HIS A 1 257 ? -11.529 -5.038  5.668   1.00 31.07 ? 125 HIS A ND1 1 
ATOM 938  C CD2 . HIS A 1 257 ? -11.220 -6.921  6.729   1.00 31.07 ? 125 HIS A CD2 1 
ATOM 939  C CE1 . HIS A 1 257 ? -11.608 -4.775  6.960   1.00 31.07 ? 125 HIS A CE1 1 
ATOM 940  N NE2 . HIS A 1 257 ? -11.423 -5.901  7.626   1.00 31.07 ? 125 HIS A NE2 1 
ATOM 941  N N   . THR A 1 258 ? -12.551 -7.722  1.055   1.00 30.83 ? 126 THR A N   1 
ATOM 942  C CA  . THR A 1 258 ? -12.299 -8.460  -0.172  1.00 30.83 ? 126 THR A CA  1 
ATOM 943  C C   . THR A 1 258 ? -11.077 -7.949  -0.916  1.00 30.83 ? 126 THR A C   1 
ATOM 944  O O   . THR A 1 258 ? -10.689 -8.543  -1.929  1.00 30.83 ? 126 THR A O   1 
ATOM 945  C CB  . THR A 1 258 ? -13.518 -8.399  -1.093  1.00 30.83 ? 126 THR A CB  1 
ATOM 946  O OG1 . THR A 1 258 ? -13.313 -9.269  -2.212  1.00 30.83 ? 126 THR A OG1 1 
ATOM 947  C CG2 . THR A 1 258 ? -13.725 -6.981  -1.598  1.00 30.83 ? 126 THR A CG2 1 
ATOM 948  N N   . ILE A 1 259 ? -10.469 -6.864  -0.448  1.00 28.84 ? 127 ILE A N   1 
ATOM 949  C CA  . ILE A 1 259 ? -9.230  -6.331  -1.000  1.00 28.84 ? 127 ILE A CA  1 
ATOM 950  C C   . ILE A 1 259 ? -8.141  -6.556  0.040   1.00 28.84 ? 127 ILE A C   1 
ATOM 951  O O   . ILE A 1 259 ? -8.255  -6.089  1.180   1.00 28.84 ? 127 ILE A O   1 
ATOM 952  C CB  . ILE A 1 259 ? -9.371  -4.847  -1.365  1.00 28.84 ? 127 ILE A CB  1 
ATOM 953  C CG1 . ILE A 1 259 ? -8.020  -4.261  -1.766  1.00 28.84 ? 127 ILE A CG1 1 
ATOM 954  C CG2 . ILE A 1 259 ? -10.016 -4.065  -0.229  1.00 28.84 ? 127 ILE A CG2 1 
ATOM 955  C CD1 . ILE A 1 259 ? -8.119  -2.871  -2.326  1.00 28.84 ? 127 ILE A CD1 1 
ATOM 956  N N   . LEU A 1 260 ? -7.092  -7.280  -0.341  1.00 24.84 ? 128 LEU A N   1 
ATOM 957  C CA  . LEU A 1 260 ? -6.152  -7.819  0.629   1.00 24.84 ? 128 LEU A CA  1 
ATOM 958  C C   . LEU A 1 260 ? -4.717  -7.567  0.200   1.00 24.84 ? 128 LEU A C   1 
ATOM 959  O O   . LEU A 1 260 ? -4.423  -7.398  -0.987  1.00 24.84 ? 128 LEU A O   1 
ATOM 960  C CB  . LEU A 1 260 ? -6.381  -9.317  0.831   1.00 24.84 ? 128 LEU A CB  1 
ATOM 961  C CG  . LEU A 1 260 ? -7.623  -9.620  1.664   1.00 24.84 ? 128 LEU A CG  1 
ATOM 962  C CD1 . LEU A 1 260 ? -7.971  -11.085 1.592   1.00 24.84 ? 128 LEU A CD1 1 
ATOM 963  C CD2 . LEU A 1 260 ? -7.401  -9.192  3.096   1.00 24.84 ? 128 LEU A CD2 1 
ATOM 964  N N   . LYS A 1 261 ? -3.828  -7.547  1.190   1.00 24.94 ? 129 LYS A N   1 
ATOM 965  C CA  . LYS A 1 261 ? -2.407  -7.291  0.993   1.00 24.94 ? 129 LYS A CA  1 
ATOM 966  C C   . LYS A 1 261 ? -1.664  -8.620  1.015   1.00 24.94 ? 129 LYS A C   1 
ATOM 967  O O   . LYS A 1 261 ? -1.583  -9.275  2.057   1.00 24.94 ? 129 LYS A O   1 
ATOM 968  C CB  . LYS A 1 261 ? -1.881  -6.353  2.074   1.00 24.94 ? 129 LYS A CB  1 
ATOM 969  C CG  . LYS A 1 261 ? -0.379  -6.181  2.081   1.00 24.94 ? 129 LYS A CG  1 
ATOM 970  C CD  . LYS A 1 261 ? 0.014   -4.941  2.858   1.00 24.94 ? 129 LYS A CD  1 
ATOM 971  C CE  . LYS A 1 261 ? 1.362   -5.099  3.528   1.00 24.94 ? 129 LYS A CE  1 
ATOM 972  N NZ  . LYS A 1 261 ? 1.887   -3.808  4.048   1.00 24.94 ? 129 LYS A NZ  1 
ATOM 973  N N   . LEU A 1 262 ? -1.115  -9.010  -0.128  1.00 22.64 ? 130 LEU A N   1 
ATOM 974  C CA  . LEU A 1 262 ? -0.428  -10.290 -0.264  1.00 22.64 ? 130 LEU A CA  1 
ATOM 975  C C   . LEU A 1 262 ? 1.017   -10.115 0.182   1.00 22.64 ? 130 LEU A C   1 
ATOM 976  O O   . LEU A 1 262 ? 1.901   -9.825  -0.625  1.00 22.64 ? 130 LEU A O   1 
ATOM 977  C CB  . LEU A 1 262 ? -0.518  -10.778 -1.702  1.00 22.64 ? 130 LEU A CB  1 
ATOM 978  C CG  . LEU A 1 262 ? 0.224   -12.057 -2.044  1.00 22.64 ? 130 LEU A CG  1 
ATOM 979  C CD1 . LEU A 1 262 ? -0.421  -13.205 -1.325  1.00 22.64 ? 130 LEU A CD1 1 
ATOM 980  C CD2 . LEU A 1 262 ? 0.219   -12.283 -3.538  1.00 22.64 ? 130 LEU A CD2 1 
ATOM 981  N N   . PHE A 1 263 ? 1.266   -10.299 1.476   1.00 25.20 ? 131 PHE A N   1 
ATOM 982  C CA  . PHE A 1 263 ? 2.570   -10.032 2.075   1.00 25.20 ? 131 PHE A CA  1 
ATOM 983  C C   . PHE A 1 263 ? 3.124   -11.343 2.615   1.00 25.20 ? 131 PHE A C   1 
ATOM 984  O O   . PHE A 1 263 ? 2.480   -11.972 3.479   1.00 25.20 ? 131 PHE A O   1 
ATOM 985  C CB  . PHE A 1 263 ? 2.427   -8.989  3.185   1.00 25.20 ? 131 PHE A CB  1 
ATOM 986  C CG  . PHE A 1 263 ? 3.730   -8.474  3.722   1.00 25.20 ? 131 PHE A CG  1 
ATOM 987  C CD1 . PHE A 1 263 ? 4.656   -7.882  2.884   1.00 25.20 ? 131 PHE A CD1 1 
ATOM 988  C CD2 . PHE A 1 263 ? 4.013   -8.547  5.074   1.00 25.20 ? 131 PHE A CD2 1 
ATOM 989  C CE1 . PHE A 1 263 ? 5.850   -7.396  3.379   1.00 25.20 ? 131 PHE A CE1 1 
ATOM 990  C CE2 . PHE A 1 263 ? 5.205   -8.061  5.574   1.00 25.20 ? 131 PHE A CE2 1 
ATOM 991  C CZ  . PHE A 1 263 ? 6.123   -7.484  4.724   1.00 25.20 ? 131 PHE A CZ  1 
ATOM 992  N N   . PRO A 1 264 ? 4.302   -11.801 2.160   1.00 24.93 ? 132 PRO A N   1 
ATOM 993  C CA  . PRO A 1 264 ? 5.167   -11.190 1.149   1.00 24.93 ? 132 PRO A CA  1 
ATOM 994  C C   . PRO A 1 264 ? 5.057   -11.781 -0.259  1.00 24.93 ? 132 PRO A C   1 
ATOM 995  O O   . PRO A 1 264 ? 5.131   -13.004 -0.480  1.00 24.93 ? 132 PRO A O   1 
ATOM 996  C CB  . PRO A 1 264 ? 6.563   -11.434 1.716   1.00 24.93 ? 132 PRO A CB  1 
ATOM 997  C CG  . PRO A 1 264 ? 6.438   -12.689 2.506   1.00 24.93 ? 132 PRO A CG  1 
ATOM 998  C CD  . PRO A 1 264 ? 4.987   -12.903 2.852   1.00 24.93 ? 132 PRO A CD  1 
ATOM 999  N N   . GLY A 1 265 ? 4.903   -10.871 -1.220  1.00 22.90 ? 133 GLY A N   1 
ATOM 1000 C CA  . GLY A 1 265 ? 4.879   -11.275 -2.611  1.00 22.90 ? 133 GLY A CA  1 
ATOM 1001 C C   . GLY A 1 265 ? 6.152   -11.978 -3.031  1.00 22.90 ? 133 GLY A C   1 
ATOM 1002 O O   . GLY A 1 265 ? 6.111   -12.940 -3.798  1.00 22.90 ? 133 GLY A O   1 
ATOM 1003 N N   . GLU A 1 266 ? 7.295   -11.527 -2.511  1.00 24.74 ? 134 GLU A N   1 
ATOM 1004 C CA  . GLU A 1 266 ? 8.573   -12.145 -2.857  1.00 24.74 ? 134 GLU A CA  1 
ATOM 1005 C C   . GLU A 1 266 ? 8.595   -13.629 -2.526  1.00 24.74 ? 134 GLU A C   1 
ATOM 1006 O O   . GLU A 1 266 ? 9.299   -14.400 -3.189  1.00 24.74 ? 134 GLU A O   1 
ATOM 1007 C CB  . GLU A 1 266 ? 9.713   -11.427 -2.134  1.00 24.74 ? 134 GLU A CB  1 
ATOM 1008 C CG  . GLU A 1 266 ? 9.475   -11.227 -0.646  1.00 24.74 ? 134 GLU A CG  1 
ATOM 1009 C CD  . GLU A 1 266 ? 10.476  -10.281 -0.018  1.00 24.74 ? 134 GLU A CD  1 
ATOM 1010 O OE1 . GLU A 1 266 ? 11.430  -9.877  -0.714  1.00 24.74 ? 134 GLU A OE1 1 
ATOM 1011 O OE2 . GLU A 1 266 ? 10.301  -9.930  1.168   1.00 24.74 ? 134 GLU A OE2 1 
ATOM 1012 N N   . VAL A 1 267 ? 7.839   -14.051 -1.520  1.00 23.08 ? 135 VAL A N   1 
ATOM 1013 C CA  . VAL A 1 267 ? 7.776   -15.463 -1.164  1.00 23.08 ? 135 VAL A CA  1 
ATOM 1014 C C   . VAL A 1 267 ? 6.680   -16.182 -1.937  1.00 23.08 ? 135 VAL A C   1 
ATOM 1015 O O   . VAL A 1 267 ? 6.903   -17.270 -2.474  1.00 23.08 ? 135 VAL A O   1 
ATOM 1016 C CB  . VAL A 1 267 ? 7.582   -15.626 0.354   1.00 23.08 ? 135 VAL A CB  1 
ATOM 1017 C CG1 . VAL A 1 267 ? 7.412   -17.088 0.697   1.00 23.08 ? 135 VAL A CG1 1 
ATOM 1018 C CG2 . VAL A 1 267 ? 8.762   -15.042 1.094   1.00 23.08 ? 135 VAL A CG2 1 
ATOM 1019 N N   . VAL A 1 268 ? 5.479   -15.600 -2.019  1.00 23.03 ? 136 VAL A N   1 
ATOM 1020 C CA  . VAL A 1 268 ? 4.373   -16.335 -2.632  1.00 23.03 ? 136 VAL A CA  1 
ATOM 1021 C C   . VAL A 1 268 ? 4.513   -16.369 -4.154  1.00 23.03 ? 136 VAL A C   1 
ATOM 1022 O O   . VAL A 1 268 ? 4.512   -17.443 -4.764  1.00 23.03 ? 136 VAL A O   1 
ATOM 1023 C CB  . VAL A 1 268 ? 3.018   -15.762 -2.185  1.00 23.03 ? 136 VAL A CB  1 
ATOM 1024 C CG1 . VAL A 1 268 ? 2.775   -16.085 -0.727  1.00 23.03 ? 136 VAL A CG1 1 
ATOM 1025 C CG2 . VAL A 1 268 ? 2.975   -14.280 -2.384  1.00 23.03 ? 136 VAL A CG2 1 
ATOM 1026 N N   . GLY A 1 269 ? 4.648   -15.207 -4.792  1.00 26.93 ? 137 GLY A N   1 
ATOM 1027 C CA  . GLY A 1 269 ? 4.738   -15.144 -6.232  1.00 26.93 ? 137 GLY A CA  1 
ATOM 1028 C C   . GLY A 1 269 ? 3.411   -14.815 -6.884  1.00 26.93 ? 137 GLY A C   1 
ATOM 1029 O O   . GLY A 1 269 ? 2.367   -14.773 -6.228  1.00 26.93 ? 137 GLY A O   1 
ATOM 1030 N N   . PRO A 1 270 ? 3.430   -14.556 -8.192  1.00 28.57 ? 138 PRO A N   1 
ATOM 1031 C CA  . PRO A 1 270 ? 2.163   -14.435 -8.932  1.00 28.57 ? 138 PRO A CA  1 
ATOM 1032 C C   . PRO A 1 270 ? 1.390   -15.736 -8.975  1.00 28.57 ? 138 PRO A C   1 
ATOM 1033 O O   . PRO A 1 270 ? 0.188   -15.725 -9.273  1.00 28.57 ? 138 PRO A O   1 
ATOM 1034 C CB  . PRO A 1 270 ? 2.606   -14.007 -10.338 1.00 28.57 ? 138 PRO A CB  1 
ATOM 1035 C CG  . PRO A 1 270 ? 4.069   -13.690 -10.232 1.00 28.57 ? 138 PRO A CG  1 
ATOM 1036 C CD  . PRO A 1 270 ? 4.598   -14.464 -9.079  1.00 28.57 ? 138 PRO A CD  1 
ATOM 1037 N N   . GLN A 1 271 ? 2.059   -16.858 -8.701  1.00 26.29 ? 139 GLN A N   1 
ATOM 1038 C CA  . GLN A 1 271 ? 1.395   -18.153 -8.709  1.00 26.29 ? 139 GLN A CA  1 
ATOM 1039 C C   . GLN A 1 271 ? 0.295   -18.212 -7.663  1.00 26.29 ? 139 GLN A C   1 
ATOM 1040 O O   . GLN A 1 271 ? -0.761  -18.801 -7.902  1.00 26.29 ? 139 GLN A O   1 
ATOM 1041 C CB  . GLN A 1 271 ? 2.420   -19.260 -8.474  1.00 26.29 ? 139 GLN A CB  1 
ATOM 1042 C CG  . GLN A 1 271 ? 3.554   -19.267 -9.482  1.00 26.29 ? 139 GLN A CG  1 
ATOM 1043 C CD  . GLN A 1 271 ? 4.881   -19.652 -8.860  1.00 26.29 ? 139 GLN A CD  1 
ATOM 1044 O OE1 . GLN A 1 271 ? 5.201   -19.238 -7.747  1.00 26.29 ? 139 GLN A OE1 1 
ATOM 1045 N NE2 . GLN A 1 271 ? 5.663   -20.445 -9.580  1.00 26.29 ? 139 GLN A NE2 1 
ATOM 1046 N N   . PHE A 1 272 ? 0.524   -17.613 -6.494  1.00 23.70 ? 140 PHE A N   1 
ATOM 1047 C CA  . PHE A 1 272 ? -0.508  -17.609 -5.464  1.00 23.70 ? 140 PHE A CA  1 
ATOM 1048 C C   . PHE A 1 272 ? -1.764  -16.910 -5.960  1.00 23.70 ? 140 PHE A C   1 
ATOM 1049 O O   . PHE A 1 272 ? -2.874  -17.427 -5.807  1.00 23.70 ? 140 PHE A O   1 
ATOM 1050 C CB  . PHE A 1 272 ? 0.016   -16.935 -4.199  1.00 23.70 ? 140 PHE A CB  1 
ATOM 1051 C CG  . PHE A 1 272 ? -0.979  -16.891 -3.072  1.00 23.70 ? 140 PHE A CG  1 
ATOM 1052 C CD1 . PHE A 1 272 ? -1.884  -15.855 -2.964  1.00 23.70 ? 140 PHE A CD1 1 
ATOM 1053 C CD2 . PHE A 1 272 ? -0.990  -17.876 -2.107  1.00 23.70 ? 140 PHE A CD2 1 
ATOM 1054 C CE1 . PHE A 1 272 ? -2.786  -15.810 -1.926  1.00 23.70 ? 140 PHE A CE1 1 
ATOM 1055 C CE2 . PHE A 1 272 ? -1.892  -17.832 -1.066  1.00 23.70 ? 140 PHE A CE2 1 
ATOM 1056 C CZ  . PHE A 1 272 ? -2.789  -16.797 -0.976  1.00 23.70 ? 140 PHE A CZ  1 
ATOM 1057 N N   . VAL A 1 273 ? -1.605  -15.734 -6.569  1.00 26.57 ? 141 VAL A N   1 
ATOM 1058 C CA  . VAL A 1 273 ? -2.761  -14.994 -7.072  1.00 26.57 ? 141 VAL A CA  1 
ATOM 1059 C C   . VAL A 1 273 ? -3.461  -15.788 -8.167  1.00 26.57 ? 141 VAL A C   1 
ATOM 1060 O O   . VAL A 1 273 ? -4.691  -15.918 -8.177  1.00 26.57 ? 141 VAL A O   1 
ATOM 1061 C CB  . VAL A 1 273 ? -2.334  -13.605 -7.579  1.00 26.57 ? 141 VAL A CB  1 
ATOM 1062 C CG1 . VAL A 1 273 ? -3.510  -12.901 -8.221  1.00 26.57 ? 141 VAL A CG1 1 
ATOM 1063 C CG2 . VAL A 1 273 ? -1.771  -12.775 -6.450  1.00 26.57 ? 141 VAL A CG2 1 
ATOM 1064 N N   . LYS A 1 274 ? -2.686  -16.334 -9.105  1.00 26.87 ? 142 LYS A N   1 
ATOM 1065 C CA  . LYS A 1 274 ? -3.285  -17.043 -10.229 1.00 26.87 ? 142 LYS A CA  1 
ATOM 1066 C C   . LYS A 1 274 ? -4.049  -18.274 -9.759  1.00 26.87 ? 142 LYS A C   1 
ATOM 1067 O O   . LYS A 1 274 ? -5.162  -18.541 -10.223 1.00 26.87 ? 142 LYS A O   1 
ATOM 1068 C CB  . LYS A 1 274 ? -2.207  -17.428 -11.239 1.00 26.87 ? 142 LYS A CB  1 
ATOM 1069 C CG  . LYS A 1 274 ? -2.752  -18.077 -12.493 1.00 26.87 ? 142 LYS A CG  1 
ATOM 1070 C CD  . LYS A 1 274 ? -1.751  -17.996 -13.629 1.00 26.87 ? 142 LYS A CD  1 
ATOM 1071 C CE  . LYS A 1 274 ? -2.304  -17.187 -14.788 1.00 26.87 ? 142 LYS A CE  1 
ATOM 1072 N NZ  . LYS A 1 274 ? -1.352  -17.135 -15.929 1.00 26.87 ? 142 LYS A NZ  1 
ATOM 1073 N N   . ALA A 1 275 ? -3.470  -19.033 -8.828  1.00 27.41 ? 143 ALA A N   1 
ATOM 1074 C CA  . ALA A 1 275 ? -4.111  -20.241 -8.334  1.00 27.41 ? 143 ALA A CA  1 
ATOM 1075 C C   . ALA A 1 275 ? -5.274  -19.950 -7.399  1.00 27.41 ? 143 ALA A C   1 
ATOM 1076 O O   . ALA A 1 275 ? -6.209  -20.753 -7.335  1.00 27.41 ? 143 ALA A O   1 
ATOM 1077 C CB  . ALA A 1 275 ? -3.091  -21.129 -7.617  1.00 27.41 ? 143 ALA A CB  1 
ATOM 1078 N N   . MET A 1 276 ? -5.243  -18.833 -6.679  1.00 26.04 ? 144 MET A N   1 
ATOM 1079 C CA  . MET A 1 276 ? -6.315  -18.486 -5.763  1.00 26.04 ? 144 MET A CA  1 
ATOM 1080 C C   . MET A 1 276 ? -7.424  -17.705 -6.449  1.00 26.04 ? 144 MET A C   1 
ATOM 1081 O O   . MET A 1 276 ? -8.475  -17.473 -5.844  1.00 26.04 ? 144 MET A O   1 
ATOM 1082 C CB  . MET A 1 276 ? -5.743  -17.686 -4.591  1.00 26.04 ? 144 MET A CB  1 
ATOM 1083 C CG  . MET A 1 276 ? -6.681  -17.495 -3.425  1.00 26.04 ? 144 MET A CG  1 
ATOM 1084 S SD  . MET A 1 276 ? -6.822  -19.015 -2.473  1.00 26.04 ? 144 MET A SD  1 
ATOM 1085 C CE  . MET A 1 276 ? -5.142  -19.625 -2.549  1.00 26.04 ? 144 MET A CE  1 
ATOM 1086 N N   . LYS A 1 277 ? -7.214  -17.299 -7.703  1.00 28.00 ? 145 LYS A N   1 
ATOM 1087 C CA  . LYS A 1 277 ? -8.291  -16.676 -8.462  1.00 28.00 ? 145 LYS A CA  1 
ATOM 1088 C C   . LYS A 1 277 ? -9.460  -17.629 -8.669  1.00 28.00 ? 145 LYS A C   1 
ATOM 1089 O O   . LYS A 1 277 ? -10.599 -17.182 -8.836  1.00 28.00 ? 145 LYS A O   1 
ATOM 1090 C CB  . LYS A 1 277 ? -7.761  -16.185 -9.810  1.00 28.00 ? 145 LYS A CB  1 
ATOM 1091 C CG  . LYS A 1 277 ? -8.688  -15.230 -10.541 1.00 28.00 ? 145 LYS A CG  1 
ATOM 1092 C CD  . LYS A 1 277 ? -8.849  -13.927 -9.775  1.00 28.00 ? 145 LYS A CD  1 
ATOM 1093 C CE  . LYS A 1 277 ? -7.517  -13.216 -9.604  1.00 28.00 ? 145 LYS A CE  1 
ATOM 1094 N NZ  . LYS A 1 277 ? -7.591  -12.139 -8.580  1.00 28.00 ? 145 LYS A NZ  1 
ATOM 1095 N N   . GLY A 1 278 ? -9.205  -18.934 -8.666  1.00 29.10 ? 146 GLY A N   1 
ATOM 1096 C CA  . GLY A 1 278 ? -10.247 -19.910 -8.876  1.00 29.10 ? 146 GLY A CA  1 
ATOM 1097 C C   . GLY A 1 278 ? -11.215 -20.031 -7.715  1.00 29.10 ? 146 GLY A C   1 
ATOM 1098 O O   . GLY A 1 278 ? -12.378 -19.627 -7.808  1.00 29.10 ? 146 GLY A O   1 
ATOM 1099 N N   . PRO A 1 279 ? -10.753 -20.591 -6.595  1.00 27.61 ? 147 PRO A N   1 
ATOM 1100 C CA  . PRO A 1 279 ? -11.656 -20.796 -5.450  1.00 27.61 ? 147 PRO A CA  1 
ATOM 1101 C C   . PRO A 1 279 ? -12.246 -19.519 -4.883  1.00 27.61 ? 147 PRO A C   1 
ATOM 1102 O O   . PRO A 1 279 ? -13.387 -19.537 -4.403  1.00 27.61 ? 147 PRO A O   1 
ATOM 1103 C CB  . PRO A 1 279 ? -10.762 -21.509 -4.426  1.00 27.61 ? 147 PRO A CB  1 
ATOM 1104 C CG  . PRO A 1 279 ? -9.371  -21.254 -4.874  1.00 27.61 ? 147 PRO A CG  1 
ATOM 1105 C CD  . PRO A 1 279 ? -9.432  -21.188 -6.359  1.00 27.61 ? 147 PRO A CD  1 
ATOM 1106 N N   . PHE A 1 280 ? -11.513 -18.409 -4.918  1.00 28.64 ? 148 PHE A N   1 
ATOM 1107 C CA  . PHE A 1 280 ? -11.989 -17.124 -4.408  1.00 28.64 ? 148 PHE A CA  1 
ATOM 1108 C C   . PHE A 1 280 ? -11.819 -16.082 -5.503  1.00 28.64 ? 148 PHE A C   1 
ATOM 1109 O O   . PHE A 1 280 ? -10.861 -15.297 -5.490  1.00 28.64 ? 148 PHE A O   1 
ATOM 1110 C CB  . PHE A 1 280 ? -11.243 -16.716 -3.138  1.00 28.64 ? 148 PHE A CB  1 
ATOM 1111 C CG  . PHE A 1 280 ? -11.223 -17.778 -2.080  1.00 28.64 ? 148 PHE A CG  1 
ATOM 1112 C CD1 . PHE A 1 280 ? -12.309 -17.964 -1.246  1.00 28.64 ? 148 PHE A CD1 1 
ATOM 1113 C CD2 . PHE A 1 280 ? -10.121 -18.595 -1.924  1.00 28.64 ? 148 PHE A CD2 1 
ATOM 1114 C CE1 . PHE A 1 280 ? -12.289 -18.941 -0.275  1.00 28.64 ? 148 PHE A CE1 1 
ATOM 1115 C CE2 . PHE A 1 280 ? -10.096 -19.574 -0.956  1.00 28.64 ? 148 PHE A CE2 1 
ATOM 1116 C CZ  . PHE A 1 280 ? -11.181 -19.747 -0.132  1.00 28.64 ? 148 PHE A CZ  1 
ATOM 1117 N N   . PRO A 1 281 ? -12.731 -16.050 -6.479  1.00 29.47 ? 149 PRO A N   1 
ATOM 1118 C CA  . PRO A 1 281 ? -12.613 -15.070 -7.568  1.00 29.47 ? 149 PRO A CA  1 
ATOM 1119 C C   . PRO A 1 281 ? -13.033 -13.665 -7.177  1.00 29.47 ? 149 PRO A C   1 
ATOM 1120 O O   . PRO A 1 281 ? -12.781 -12.728 -7.945  1.00 29.47 ? 149 PRO A O   1 
ATOM 1121 C CB  . PRO A 1 281 ? -13.535 -15.640 -8.649  1.00 29.47 ? 149 PRO A CB  1 
ATOM 1122 C CG  . PRO A 1 281 ? -14.572 -16.389 -7.881  1.00 29.47 ? 149 PRO A CG  1 
ATOM 1123 C CD  . PRO A 1 281 ? -13.895 -16.938 -6.652  1.00 29.47 ? 149 PRO A CD  1 
ATOM 1124 N N   . ASN A 1 282 ? -13.658 -13.486 -6.017  1.00 29.91 ? 150 ASN A N   1 
ATOM 1125 C CA  . ASN A 1 282 ? -14.129 -12.183 -5.572  1.00 29.91 ? 150 ASN A CA  1 
ATOM 1126 C C   . ASN A 1 282 ? -13.125 -11.463 -4.681  1.00 29.91 ? 150 ASN A C   1 
ATOM 1127 O O   . ASN A 1 282 ? -13.435 -10.381 -4.172  1.00 29.91 ? 150 ASN A O   1 
ATOM 1128 C CB  . ASN A 1 282 ? -15.459 -12.333 -4.836  1.00 29.91 ? 150 ASN A CB  1 
ATOM 1129 C CG  . ASN A 1 282 ? -15.321 -13.100 -3.540  1.00 29.91 ? 150 ASN A CG  1 
ATOM 1130 O OD1 . ASN A 1 282 ? -15.298 -12.514 -2.459  1.00 29.91 ? 150 ASN A OD1 1 
ATOM 1131 N ND2 . ASN A 1 282 ? -15.226 -14.420 -3.641  1.00 29.91 ? 150 ASN A ND2 1 
ATOM 1132 N N   . VAL A 1 283 ? -11.939 -12.033 -4.479  1.00 29.71 ? 151 VAL A N   1 
ATOM 1133 C CA  . VAL A 1 283 ? -10.890 -11.437 -3.659  1.00 29.71 ? 151 VAL A CA  1 
ATOM 1134 C C   . VAL A 1 283 ? -9.769  -10.977 -4.576  1.00 29.71 ? 151 VAL A C   1 
ATOM 1135 O O   . VAL A 1 283 ? -9.270  -11.756 -5.396  1.00 29.71 ? 151 VAL A O   1 
ATOM 1136 C CB  . VAL A 1 283 ? -10.362 -12.424 -2.606  1.00 29.71 ? 151 VAL A CB  1 
ATOM 1137 C CG1 . VAL A 1 283 ? -9.140  -11.855 -1.924  1.00 29.71 ? 151 VAL A CG1 1 
ATOM 1138 C CG2 . VAL A 1 283 ? -11.434 -12.717 -1.592  1.00 29.71 ? 151 VAL A CG2 1 
ATOM 1139 N N   . LYS A 1 284 ? -9.371  -9.718  -4.430  1.00 27.85 ? 152 LYS A N   1 
ATOM 1140 C CA  . LYS A 1 284 ? -8.384  -9.097  -5.299  1.00 27.85 ? 152 LYS A CA  1 
ATOM 1141 C C   . LYS A 1 284 ? -7.230  -8.575  -4.453  1.00 27.85 ? 152 LYS A C   1 
ATOM 1142 O O   . LYS A 1 284 ? -7.455  -7.940  -3.418  1.00 27.85 ? 152 LYS A O   1 
ATOM 1143 C CB  . LYS A 1 284 ? -9.031  -7.975  -6.106  1.00 27.85 ? 152 LYS A CB  1 
ATOM 1144 C CG  . LYS A 1 284 ? -10.239 -8.404  -6.916  1.00 27.85 ? 152 LYS A CG  1 
ATOM 1145 C CD  . LYS A 1 284 ? -10.496 -7.451  -8.070  1.00 27.85 ? 152 LYS A CD  1 
ATOM 1146 C CE  . LYS A 1 284 ? -11.402 -6.310  -7.643  1.00 27.85 ? 152 LYS A CE  1 
ATOM 1147 N NZ  . LYS A 1 284 ? -12.589 -6.795  -6.889  1.00 27.85 ? 152 LYS A NZ  1 
ATOM 1148 N N   . PHE A 1 285 ? -6.002  -8.832  -4.900  1.00 25.57 ? 153 PHE A N   1 
ATOM 1149 C CA  . PHE A 1 285 ? -4.816  -8.736  -4.061  1.00 25.57 ? 153 PHE A CA  1 
ATOM 1150 C C   . PHE A 1 285 ? -3.998  -7.483  -4.349  1.00 25.57 ? 153 PHE A C   1 
ATOM 1151 O O   . PHE A 1 285 ? -4.072  -6.902  -5.434  1.00 25.57 ? 153 PHE A O   1 
ATOM 1152 C CB  . PHE A 1 285 ? -3.921  -9.960  -4.246  1.00 25.57 ? 153 PHE A CB  1 
ATOM 1153 C CG  . PHE A 1 285 ? -4.506  -11.218 -3.699  1.00 25.57 ? 153 PHE A CG  1 
ATOM 1154 C CD1 . PHE A 1 285 ? -4.856  -11.308 -2.367  1.00 25.57 ? 153 PHE A CD1 1 
ATOM 1155 C CD2 . PHE A 1 285 ? -4.708  -12.312 -4.518  1.00 25.57 ? 153 PHE A CD2 1 
ATOM 1156 C CE1 . PHE A 1 285 ? -5.396  -12.465 -1.862  1.00 25.57 ? 153 PHE A CE1 1 
ATOM 1157 C CE2 . PHE A 1 285 ? -5.247  -13.470 -4.019  1.00 25.57 ? 153 PHE A CE2 1 
ATOM 1158 C CZ  . PHE A 1 285 ? -5.591  -13.547 -2.689  1.00 25.57 ? 153 PHE A CZ  1 
ATOM 1159 N N   . VAL A 1 286 ? -3.201  -7.095  -3.358  1.00 23.86 ? 154 VAL A N   1 
ATOM 1160 C CA  . VAL A 1 286 ? -2.288  -5.957  -3.426  1.00 23.86 ? 154 VAL A CA  1 
ATOM 1161 C C   . VAL A 1 286 ? -0.913  -6.461  -2.999  1.00 23.86 ? 154 VAL A C   1 
ATOM 1162 O O   . VAL A 1 286 ? -0.540  -6.333  -1.825  1.00 23.86 ? 154 VAL A O   1 
ATOM 1163 C CB  . VAL A 1 286 ? -2.783  -4.801  -2.542  1.00 23.86 ? 154 VAL A CB  1 
ATOM 1164 C CG1 . VAL A 1 286 ? -1.787  -3.661  -2.514  1.00 23.86 ? 154 VAL A CG1 1 
ATOM 1165 C CG2 . VAL A 1 286 ? -4.127  -4.307  -3.025  1.00 23.86 ? 154 VAL A CG2 1 
ATOM 1166 N N   . PRO A 1 287 ? -0.142  -7.064  -3.898  1.00 23.55 ? 155 PRO A N   1 
ATOM 1167 C CA  . PRO A 1 287 ? 1.107   -7.718  -3.483  1.00 23.55 ? 155 PRO A CA  1 
ATOM 1168 C C   . PRO A 1 287 ? 2.219   -6.753  -3.123  1.00 23.55 ? 155 PRO A C   1 
ATOM 1169 O O   . PRO A 1 287 ? 2.843   -6.166  -4.009  1.00 23.55 ? 155 PRO A O   1 
ATOM 1170 C CB  . PRO A 1 287 ? 1.483   -8.547  -4.713  1.00 23.55 ? 155 PRO A CB  1 
ATOM 1171 C CG  . PRO A 1 287 ? 0.868   -7.818  -5.842  1.00 23.55 ? 155 PRO A CG  1 
ATOM 1172 C CD  . PRO A 1 287 ? -0.434  -7.298  -5.318  1.00 23.55 ? 155 PRO A CD  1 
ATOM 1173 N N   . THR A 1 288 ? 2.507   -6.612  -1.835  1.00 25.16 ? 156 THR A N   1 
ATOM 1174 C CA  . THR A 1 288 ? 3.543   -5.705  -1.359  1.00 25.16 ? 156 THR A CA  1 
ATOM 1175 C C   . THR A 1 288 ? 4.799   -6.502  -1.040  1.00 25.16 ? 156 THR A C   1 
ATOM 1176 O O   . THR A 1 288 ? 4.753   -7.451  -0.253  1.00 25.16 ? 156 THR A O   1 
ATOM 1177 C CB  . THR A 1 288 ? 3.076   -4.937  -0.125  1.00 25.16 ? 156 THR A CB  1 
ATOM 1178 O OG1 . THR A 1 288 ? 3.116   -5.802  1.014   1.00 25.16 ? 156 THR A OG1 1 
ATOM 1179 C CG2 . THR A 1 288 ? 1.659   -4.430  -0.320  1.00 25.16 ? 156 THR A CG2 1 
ATOM 1180 N N   . GLY A 1 289 ? 5.916   -6.108  -1.640  1.00 27.09 ? 157 GLY A N   1 
ATOM 1181 C CA  . GLY A 1 289 ? 7.172   -6.794  -1.420  1.00 27.09 ? 157 GLY A CA  1 
ATOM 1182 C C   . GLY A 1 289 ? 7.503   -7.744  -2.548  1.00 27.09 ? 157 GLY A C   1 
ATOM 1183 O O   . GLY A 1 289 ? 6.667   -8.562  -2.939  1.00 27.09 ? 157 GLY A O   1 
ATOM 1184 N N   . GLY A 1 290 ? 8.714   -7.646  -3.086  1.00 28.14 ? 158 GLY A N   1 
ATOM 1185 C CA  . GLY A 1 290 ? 9.116   -8.492  -4.186  1.00 28.14 ? 158 GLY A CA  1 
ATOM 1186 C C   . GLY A 1 290 ? 8.652   -8.040  -5.550  1.00 28.14 ? 158 GLY A C   1 
ATOM 1187 O O   . GLY A 1 290 ? 8.874   -8.763  -6.529  1.00 28.14 ? 158 GLY A O   1 
ATOM 1188 N N   . VAL A 1 291 ? 8.015   -6.880  -5.651  1.00 29.64 ? 159 VAL A N   1 
ATOM 1189 C CA  . VAL A 1 291 ? 7.575   -6.336  -6.930  1.00 29.64 ? 159 VAL A CA  1 
ATOM 1190 C C   . VAL A 1 291 ? 8.564   -5.266  -7.376  1.00 29.64 ? 159 VAL A C   1 
ATOM 1191 O O   . VAL A 1 291 ? 8.947   -4.393  -6.591  1.00 29.64 ? 159 VAL A O   1 
ATOM 1192 C CB  . VAL A 1 291 ? 6.152   -5.771  -6.822  1.00 29.64 ? 159 VAL A CB  1 
ATOM 1193 C CG1 . VAL A 1 291 ? 5.151   -6.899  -6.782  1.00 29.64 ? 159 VAL A CG1 1 
ATOM 1194 C CG2 . VAL A 1 291 ? 6.015   -4.938  -5.570  1.00 29.64 ? 159 VAL A CG2 1 
ATOM 1195 N N   . ASN A 1 292 ? 8.984   -5.337  -8.635  1.00 33.68 ? 160 ASN A N   1 
ATOM 1196 C CA  . ASN A 1 292 ? 9.995   -4.431  -9.160  1.00 33.68 ? 160 ASN A CA  1 
ATOM 1197 C C   . ASN A 1 292 ? 9.705   -4.177  -10.636 1.00 33.68 ? 160 ASN A C   1 
ATOM 1198 O O   . ASN A 1 292 ? 8.618   -4.479  -11.136 1.00 33.68 ? 160 ASN A O   1 
ATOM 1199 C CB  . ASN A 1 292 ? 11.399  -5.002  -8.924  1.00 33.68 ? 160 ASN A CB  1 
ATOM 1200 C CG  . ASN A 1 292 ? 11.574  -6.389  -9.508  1.00 33.68 ? 160 ASN A CG  1 
ATOM 1201 O OD1 . ASN A 1 292 ? 11.174  -6.659  -10.638 1.00 33.68 ? 160 ASN A OD1 1 
ATOM 1202 N ND2 . ASN A 1 292 ? 12.179  -7.280  -8.734  1.00 33.68 ? 160 ASN A ND2 1 
ATOM 1203 N N   . LEU A 1 293 ? 10.692  -3.610  -11.336 1.00 36.72 ? 161 LEU A N   1 
ATOM 1204 C CA  . LEU A 1 293 ? 10.517  -3.272  -12.745 1.00 36.72 ? 161 LEU A CA  1 
ATOM 1205 C C   . LEU A 1 293 ? 10.256  -4.498  -13.606 1.00 36.72 ? 161 LEU A C   1 
ATOM 1206 O O   . LEU A 1 293 ? 9.405   -4.456  -14.498 1.00 36.72 ? 161 LEU A O   1 
ATOM 1207 C CB  . LEU A 1 293 ? 11.748  -2.535  -13.274 1.00 36.72 ? 161 LEU A CB  1 
ATOM 1208 C CG  . LEU A 1 293 ? 11.925  -1.028  -13.071 1.00 36.72 ? 161 LEU A CG  1 
ATOM 1209 C CD1 . LEU A 1 293 ? 10.831  -0.271  -13.804 1.00 36.72 ? 161 LEU A CD1 1 
ATOM 1210 C CD2 . LEU A 1 293 ? 11.963  -0.648  -11.597 1.00 36.72 ? 161 LEU A CD2 1 
ATOM 1211 N N   . ASP A 1 294 ? 10.975  -5.593  -13.359 1.00 38.99 ? 162 ASP A N   1 
ATOM 1212 C CA  . ASP A 1 294 ? 10.957  -6.714  -14.290 1.00 38.99 ? 162 ASP A CA  1 
ATOM 1213 C C   . ASP A 1 294 ? 9.608   -7.420  -14.324 1.00 38.99 ? 162 ASP A C   1 
ATOM 1214 O O   . ASP A 1 294 ? 9.203   -7.926  -15.375 1.00 38.99 ? 162 ASP A O   1 
ATOM 1215 C CB  . ASP A 1 294 ? 12.062  -7.706  -13.933 1.00 38.99 ? 162 ASP A CB  1 
ATOM 1216 C CG  . ASP A 1 294 ? 13.446  -7.152  -14.196 1.00 38.99 ? 162 ASP A CG  1 
ATOM 1217 O OD1 . ASP A 1 294 ? 13.586  -6.313  -15.109 1.00 38.99 ? 162 ASP A OD1 1 
ATOM 1218 O OD2 . ASP A 1 294 ? 14.395  -7.554  -13.490 1.00 38.99 ? 162 ASP A OD2 1 
ATOM 1219 N N   . ASN A 1 295 ? 8.894   -7.471  -13.200 1.00 34.58 ? 163 ASN A N   1 
ATOM 1220 C CA  . ASN A 1 295 ? 7.714   -8.320  -13.102 1.00 34.58 ? 163 ASN A CA  1 
ATOM 1221 C C   . ASN A 1 295 ? 6.471   -7.613  -12.579 1.00 34.58 ? 163 ASN A C   1 
ATOM 1222 O O   . ASN A 1 295 ? 5.531   -8.291  -12.155 1.00 34.58 ? 163 ASN A O   1 
ATOM 1223 C CB  . ASN A 1 295 ? 8.021   -9.538  -12.224 1.00 34.58 ? 163 ASN A CB  1 
ATOM 1224 C CG  . ASN A 1 295 ? 8.420   -9.160  -10.810 1.00 34.58 ? 163 ASN A CG  1 
ATOM 1225 O OD1 . ASN A 1 295 ? 8.268   -8.015  -10.389 1.00 34.58 ? 163 ASN A OD1 1 
ATOM 1226 N ND2 . ASN A 1 295 ? 8.938   -10.131 -10.067 1.00 34.58 ? 163 ASN A ND2 1 
ATOM 1227 N N   . VAL A 1 296 ? 6.422   -6.280  -12.594 1.00 33.85 ? 164 VAL A N   1 
ATOM 1228 C CA  . VAL A 1 296 ? 5.240   -5.612  -12.056 1.00 33.85 ? 164 VAL A CA  1 
ATOM 1229 C C   . VAL A 1 296 ? 4.014   -5.893  -12.919 1.00 33.85 ? 164 VAL A C   1 
ATOM 1230 O O   . VAL A 1 296 ? 2.946   -6.251  -12.403 1.00 33.85 ? 164 VAL A O   1 
ATOM 1231 C CB  . VAL A 1 296 ? 5.500   -4.103  -11.885 1.00 33.85 ? 164 VAL A CB  1 
ATOM 1232 C CG1 . VAL A 1 296 ? 5.944   -3.469  -13.192 1.00 33.85 ? 164 VAL A CG1 1 
ATOM 1233 C CG2 . VAL A 1 296 ? 4.266   -3.420  -11.341 1.00 33.85 ? 164 VAL A CG2 1 
ATOM 1234 N N   . CYS A 1 297 ? 4.139   -5.788  -14.239 1.00 35.88 ? 165 CYS A N   1 
ATOM 1235 C CA  . CYS A 1 297 ? 2.990   -6.164  -15.047 1.00 35.88 ? 165 CYS A CA  1 
ATOM 1236 C C   . CYS A 1 297 ? 2.837   -7.676  -15.158 1.00 35.88 ? 165 CYS A C   1 
ATOM 1237 O O   . CYS A 1 297 ? 1.761   -8.145  -15.537 1.00 35.88 ? 165 CYS A O   1 
ATOM 1238 C CB  . CYS A 1 297 ? 3.057   -5.508  -16.430 1.00 35.88 ? 165 CYS A CB  1 
ATOM 1239 S SG  . CYS A 1 297 ? 4.302   -6.106  -17.571 1.00 35.88 ? 165 CYS A SG  1 
ATOM 1240 N N   . GLU A 1 298 ? 3.856   -8.452  -14.783 1.00 32.91 ? 166 GLU A N   1 
ATOM 1241 C CA  . GLU A 1 298 ? 3.645   -9.875  -14.559 1.00 32.91 ? 166 GLU A CA  1 
ATOM 1242 C C   . GLU A 1 298 ? 2.704   -10.145 -13.392 1.00 32.91 ? 166 GLU A C   1 
ATOM 1243 O O   . GLU A 1 298 ? 1.827   -11.005 -13.511 1.00 32.91 ? 166 GLU A O   1 
ATOM 1244 C CB  . GLU A 1 298 ? 4.979   -10.583 -14.322 1.00 32.91 ? 166 GLU A CB  1 
ATOM 1245 C CG  . GLU A 1 298 ? 4.848   -12.058 -14.006 1.00 32.91 ? 166 GLU A CG  1 
ATOM 1246 C CD  . GLU A 1 298 ? 6.192   -12.743 -13.873 1.00 32.91 ? 166 GLU A CD  1 
ATOM 1247 O OE1 . GLU A 1 298 ? 7.224   -12.076 -14.083 1.00 32.91 ? 166 GLU A OE1 1 
ATOM 1248 O OE2 . GLU A 1 298 ? 6.219   -13.949 -13.551 1.00 32.91 ? 166 GLU A OE2 1 
ATOM 1249 N N   . TRP A 1 299 ? 2.859   -9.435  -12.275 1.00 30.01 ? 167 TRP A N   1 
ATOM 1250 C CA  . TRP A 1 299 ? 1.864   -9.472  -11.210 1.00 30.01 ? 167 TRP A CA  1 
ATOM 1251 C C   . TRP A 1 299 ? 0.522   -8.915  -11.650 1.00 30.01 ? 167 TRP A C   1 
ATOM 1252 O O   . TRP A 1 299 ? -0.511  -9.337  -11.121 1.00 30.01 ? 167 TRP A O   1 
ATOM 1253 C CB  . TRP A 1 299 ? 2.327   -8.681  -9.982  1.00 30.01 ? 167 TRP A CB  1 
ATOM 1254 C CG  . TRP A 1 299 ? 3.487   -9.264  -9.254  1.00 30.01 ? 167 TRP A CG  1 
ATOM 1255 C CD1 . TRP A 1 299 ? 4.805   -9.103  -9.545  1.00 30.01 ? 167 TRP A CD1 1 
ATOM 1256 C CD2 . TRP A 1 299 ? 3.432   -10.102 -8.099  1.00 30.01 ? 167 TRP A CD2 1 
ATOM 1257 N NE1 . TRP A 1 299 ? 5.578   -9.790  -8.647  1.00 30.01 ? 167 TRP A NE1 1 
ATOM 1258 C CE2 . TRP A 1 299 ? 4.758   -10.414 -7.747  1.00 30.01 ? 167 TRP A CE2 1 
ATOM 1259 C CE3 . TRP A 1 299 ? 2.391   -10.625 -7.331  1.00 30.01 ? 167 TRP A CE3 1 
ATOM 1260 C CZ2 . TRP A 1 299 ? 5.068   -11.221 -6.660  1.00 30.01 ? 167 TRP A CZ2 1 
ATOM 1261 C CZ3 . TRP A 1 299 ? 2.700   -11.426 -6.254  1.00 30.01 ? 167 TRP A CZ3 1 
ATOM 1262 C CH2 . TRP A 1 299 ? 4.027   -11.715 -5.927  1.00 30.01 ? 167 TRP A CH2 1 
ATOM 1263 N N   . PHE A 1 300 ? 0.516   -7.963  -12.578 1.00 32.77 ? 168 PHE A N   1 
ATOM 1264 C CA  . PHE A 1 300 ? -0.728  -7.412  -13.102 1.00 32.77 ? 168 PHE A CA  1 
ATOM 1265 C C   . PHE A 1 300 ? -1.461  -8.357  -14.045 1.00 32.77 ? 168 PHE A C   1 
ATOM 1266 O O   . PHE A 1 300 ? -2.687  -8.260  -14.165 1.00 32.77 ? 168 PHE A O   1 
ATOM 1267 C CB  . PHE A 1 300 ? -0.454  -6.087  -13.816 1.00 32.77 ? 168 PHE A CB  1 
ATOM 1268 C CG  . PHE A 1 300 ? -0.520  -4.909  -12.911 1.00 32.77 ? 168 PHE A CG  1 
ATOM 1269 C CD1 . PHE A 1 300 ? -1.662  -4.654  -12.185 1.00 32.77 ? 168 PHE A CD1 1 
ATOM 1270 C CD2 . PHE A 1 300 ? 0.566   -4.080  -12.755 1.00 32.77 ? 168 PHE A CD2 1 
ATOM 1271 C CE1 . PHE A 1 300 ? -1.728  -3.582  -11.343 1.00 32.77 ? 168 PHE A CE1 1 
ATOM 1272 C CE2 . PHE A 1 300 ? 0.503   -3.006  -11.907 1.00 32.77 ? 168 PHE A CE2 1 
ATOM 1273 C CZ  . PHE A 1 300 ? -0.647  -2.755  -11.201 1.00 32.77 ? 168 PHE A CZ  1 
ATOM 1274 N N   . LYS A 1 301 ? -0.746  -9.262  -14.711 1.00 34.47 ? 169 LYS A N   1 
ATOM 1275 C CA  . LYS A 1 301 ? -1.352  -10.262 -15.578 1.00 34.47 ? 169 LYS A CA  1 
ATOM 1276 C C   . LYS A 1 301 ? -1.919  -11.440 -14.794 1.00 34.47 ? 169 LYS A C   1 
ATOM 1277 O O   . LYS A 1 301 ? -2.158  -12.504 -15.372 1.00 34.47 ? 169 LYS A O   1 
ATOM 1278 C CB  . LYS A 1 301 ? -0.336  -10.760 -16.607 1.00 34.47 ? 169 LYS A CB  1 
ATOM 1279 C CG  . LYS A 1 301 ? -0.059  -9.785  -17.735 1.00 34.47 ? 169 LYS A CG  1 
ATOM 1280 C CD  . LYS A 1 301 ? 0.879   -10.396 -18.761 1.00 34.47 ? 169 LYS A CD  1 
ATOM 1281 C CE  . LYS A 1 301 ? 1.728   -9.336  -19.440 1.00 34.47 ? 169 LYS A CE  1 
ATOM 1282 N NZ  . LYS A 1 301 ? 3.041   -9.880  -19.879 1.00 34.47 ? 169 LYS A NZ  1 
ATOM 1283 N N   . ALA A 1 302 ? -2.127  -11.273 -13.491 1.00 31.05 ? 170 ALA A N   1 
ATOM 1284 C CA  . ALA A 1 302 ? -2.681  -12.318 -12.643 1.00 31.05 ? 170 ALA A CA  1 
ATOM 1285 C C   . ALA A 1 302 ? -3.935  -11.872 -11.912 1.00 31.05 ? 170 ALA A C   1 
ATOM 1286 O O   . ALA A 1 302 ? -4.653  -12.711 -11.358 1.00 31.05 ? 170 ALA A O   1 
ATOM 1287 C CB  . ALA A 1 302 ? -1.626  -12.796 -11.635 1.00 31.05 ? 170 ALA A CB  1 
ATOM 1288 N N   . GLY A 1 303 ? -4.227  -10.573 -11.893 1.00 29.12 ? 171 GLY A N   1 
ATOM 1289 C CA  . GLY A 1 303 ? -5.463  -10.107 -11.296 1.00 29.12 ? 171 GLY A CA  1 
ATOM 1290 C C   . GLY A 1 303 ? -5.321  -9.339  -9.998  1.00 29.12 ? 171 GLY A C   1 
ATOM 1291 O O   . GLY A 1 303 ? -6.138  -9.501  -9.088  1.00 29.12 ? 171 GLY A O   1 
ATOM 1292 N N   . VAL A 1 304 ? -4.291  -8.503  -9.896  1.00 28.62 ? 172 VAL A N   1 
ATOM 1293 C CA  . VAL A 1 304 ? -4.098  -7.659  -8.722  1.00 28.62 ? 172 VAL A CA  1 
ATOM 1294 C C   . VAL A 1 304 ? -4.572  -6.247  -9.036  1.00 28.62 ? 172 VAL A C   1 
ATOM 1295 O O   . VAL A 1 304 ? -4.723  -5.880  -10.206 1.00 28.62 ? 172 VAL A O   1 
ATOM 1296 C CB  . VAL A 1 304 ? -2.625  -7.662  -8.278  1.00 28.62 ? 172 VAL A CB  1 
ATOM 1297 C CG1 . VAL A 1 304 ? -2.137  -9.081  -8.100  1.00 28.62 ? 172 VAL A CG1 1 
ATOM 1298 C CG2 . VAL A 1 304 ? -1.770  -6.946  -9.298  1.00 28.62 ? 172 VAL A CG2 1 
ATOM 1299 N N   . LEU A 1 305 ? -4.818  -5.443  -8.002  1.00 29.82 ? 173 LEU A N   1 
ATOM 1300 C CA  . LEU A 1 305 ? -5.186  -4.050  -8.223  1.00 29.82 ? 173 LEU A CA  1 
ATOM 1301 C C   . LEU A 1 305 ? -3.952  -3.207  -8.482  1.00 29.82 ? 173 LEU A C   1 
ATOM 1302 O O   . LEU A 1 305 ? -3.828  -2.566  -9.529  1.00 29.82 ? 173 LEU A O   1 
ATOM 1303 C CB  . LEU A 1 305 ? -5.914  -3.443  -7.024  1.00 29.82 ? 173 LEU A CB  1 
ATOM 1304 C CG  . LEU A 1 305 ? -7.362  -3.768  -6.713  1.00 29.82 ? 173 LEU A CG  1 
ATOM 1305 C CD1 . LEU A 1 305 ? -7.396  -5.107  -6.086  1.00 29.82 ? 173 LEU A CD1 1 
ATOM 1306 C CD2 . LEU A 1 305 ? -7.938  -2.732  -5.787  1.00 29.82 ? 173 LEU A CD2 1 
ATOM 1307 N N   . ALA A 1 306 ? -3.048  -3.189  -7.509  1.00 28.51 ? 174 ALA A N   1 
ATOM 1308 C CA  . ALA A 1 306 ? -1.936  -2.259  -7.491  1.00 28.51 ? 174 ALA A CA  1 
ATOM 1309 C C   . ALA A 1 306 ? -0.829  -2.829  -6.627  1.00 28.51 ? 174 ALA A C   1 
ATOM 1310 O O   . ALA A 1 306 ? -1.051  -3.143  -5.458  1.00 28.51 ? 174 ALA A O   1 
ATOM 1311 C CB  . ALA A 1 306 ? -2.374  -0.900  -6.943  1.00 28.51 ? 174 ALA A CB  1 
ATOM 1312 N N   . VAL A 1 307 ? 0.364   -2.949  -7.201  1.00 27.39 ? 175 VAL A N   1 
ATOM 1313 C CA  . VAL A 1 307 ? 1.507   -3.467  -6.465  1.00 27.39 ? 175 VAL A CA  1 
ATOM 1314 C C   . VAL A 1 307 ? 1.823   -2.523  -5.313  1.00 27.39 ? 175 VAL A C   1 
ATOM 1315 O O   . VAL A 1 307 ? 1.410   -1.361  -5.321  1.00 27.39 ? 175 VAL A O   1 
ATOM 1316 C CB  . VAL A 1 307 ? 2.719   -3.652  -7.391  1.00 27.39 ? 175 VAL A CB  1 
ATOM 1317 C CG1 . VAL A 1 307 ? 2.388   -4.647  -8.479  1.00 27.39 ? 175 VAL A CG1 1 
ATOM 1318 C CG2 . VAL A 1 307 ? 3.115   -2.331  -7.999  1.00 27.39 ? 175 VAL A CG2 1 
ATOM 1319 N N   . GLY A 1 308 ? 2.536   -3.017  -4.309  1.00 27.66 ? 176 GLY A N   1 
ATOM 1320 C CA  . GLY A 1 308 ? 2.833   -2.223  -3.133  1.00 27.66 ? 176 GLY A CA  1 
ATOM 1321 C C   . GLY A 1 308 ? 4.306   -1.915  -2.977  1.00 27.66 ? 176 GLY A C   1 
ATOM 1322 O O   . GLY A 1 308 ? 4.806   -1.814  -1.853  1.00 27.66 ? 176 GLY A O   1 
ATOM 1323 N N   . VAL A 1 309 ? 5.011   -1.780  -4.101  1.00 28.01 ? 177 VAL A N   1 
ATOM 1324 C CA  . VAL A 1 309 ? 6.459   -1.595  -4.134  1.00 28.01 ? 177 VAL A CA  1 
ATOM 1325 C C   . VAL A 1 309 ? 6.906   -0.461  -3.220  1.00 28.01 ? 177 VAL A C   1 
ATOM 1326 O O   . VAL A 1 309 ? 6.303   0.617   -3.204  1.00 28.01 ? 177 VAL A O   1 
ATOM 1327 C CB  . VAL A 1 309 ? 6.934   -1.359  -5.577  1.00 28.01 ? 177 VAL A CB  1 
ATOM 1328 C CG1 . VAL A 1 309 ? 6.294   -0.114  -6.147  1.00 28.01 ? 177 VAL A CG1 1 
ATOM 1329 C CG2 . VAL A 1 309 ? 8.442   -1.256  -5.623  1.00 28.01 ? 177 VAL A CG2 1 
ATOM 1330 N N   . GLY A 1 310 ? 7.941   -0.710  -2.420  1.00 26.90 ? 178 GLY A N   1 
ATOM 1331 C CA  . GLY A 1 310 ? 8.437   0.311   -1.523  1.00 26.90 ? 178 GLY A CA  1 
ATOM 1332 C C   . GLY A 1 310 ? 9.927   0.327   -1.252  1.00 26.90 ? 178 GLY A C   1 
ATOM 1333 O O   . GLY A 1 310 ? 10.379  1.044   -0.357  1.00 26.90 ? 178 GLY A O   1 
ATOM 1334 N N   . SER A 1 311 ? 10.707  -0.457  -1.993  1.00 25.12 ? 179 SER A N   1 
ATOM 1335 C CA  . SER A 1 311 ? 12.154  -0.424  -1.816  1.00 25.12 ? 179 SER A CA  1 
ATOM 1336 C C   . SER A 1 311 ? 12.858  -0.436  -3.162  1.00 25.12 ? 179 SER A C   1 
ATOM 1337 O O   . SER A 1 311 ? 14.088  -0.346  -3.229  1.00 25.12 ? 179 SER A O   1 
ATOM 1338 C CB  . SER A 1 311 ? 12.628  -1.597  -0.960  1.00 25.12 ? 179 SER A CB  1 
ATOM 1339 O OG  . SER A 1 311 ? 14.034  -1.735  -1.039  1.00 25.12 ? 179 SER A OG  1 
ATOM 1340 N N   . ALA A 1 312 ? 12.086  -0.561  -4.236  1.00 26.29 ? 180 ALA A N   1 
ATOM 1341 C CA  . ALA A 1 312 ? 12.574  -0.326  -5.587  1.00 26.29 ? 180 ALA A CA  1 
ATOM 1342 C C   . ALA A 1 312 ? 11.949  0.943   -6.139  1.00 26.29 ? 180 ALA A C   1 
ATOM 1343 O O   . ALA A 1 312 ? 12.001  1.205   -7.342  1.00 26.29 ? 180 ALA A O   1 
ATOM 1344 C CB  . ALA A 1 312 ? 12.284  -1.514  -6.501  1.00 26.29 ? 180 ALA A CB  1 
ATOM 1345 N N   . LEU A 1 313 ? 11.406  1.744   -5.237  1.00 28.29 ? 181 LEU A N   1 
ATOM 1346 C CA  . LEU A 1 313 ? 10.773  2.996   -5.586  1.00 28.29 ? 181 LEU A CA  1 
ATOM 1347 C C   . LEU A 1 313 ? 10.746  3.885   -4.351  1.00 28.29 ? 181 LEU A C   1 
ATOM 1348 O O   . LEU A 1 313 ? 9.780   4.571   -4.092  1.00 28.29 ? 181 LEU A O   1 
ATOM 1349 C CB  . LEU A 1 313 ? 9.372   2.739   -6.107  1.00 28.29 ? 181 LEU A CB  1 
ATOM 1350 C CG  . LEU A 1 313 ? 8.480   3.933   -6.351  1.00 28.29 ? 181 LEU A CG  1 
ATOM 1351 C CD1 . LEU A 1 313 ? 8.526   4.370   -7.796  1.00 28.29 ? 181 LEU A CD1 1 
ATOM 1352 C CD2 . LEU A 1 313 ? 7.067   3.687   -5.867  1.00 28.29 ? 181 LEU A CD2 1 
ATOM 1353 N N   . VAL A 1 314 ? 11.829  3.842   -3.587  1.00 28.69 ? 182 VAL A N   1 
ATOM 1354 C CA  . VAL A 1 314 ? 11.995  4.639   -2.385  1.00 28.69 ? 182 VAL A CA  1 
ATOM 1355 C C   . VAL A 1 314 ? 13.471  4.632   -1.989  1.00 28.69 ? 182 VAL A C   1 
ATOM 1356 O O   . VAL A 1 314 ? 13.889  5.416   -1.155  1.00 28.69 ? 182 VAL A O   1 
ATOM 1357 C CB  . VAL A 1 314 ? 11.132  4.136   -1.211  1.00 28.69 ? 182 VAL A CB  1 
ATOM 1358 C CG1 . VAL A 1 314 ? 11.954  3.983   0.057   1.00 28.69 ? 182 VAL A CG1 1 
ATOM 1359 C CG2 . VAL A 1 314 ? 9.984   5.088   -0.938  1.00 28.69 ? 182 VAL A CG2 1 
ATOM 1360 N N   . LYS A 1 315 ? 14.265  3.749   -2.582  1.00 31.51 ? 183 LYS A N   1 
ATOM 1361 C CA  . LYS A 1 315 ? 15.680  3.671   -2.250  1.00 31.51 ? 183 LYS A CA  1 
ATOM 1362 C C   . LYS A 1 315 ? 16.498  4.405   -3.279  1.00 31.51 ? 183 LYS A C   1 
ATOM 1363 O O   . LYS A 1 315 ? 16.786  3.889   -4.331  1.00 31.51 ? 183 LYS A O   1 
ATOM 1364 C CB  . LYS A 1 315 ? 16.146  2.227   -2.150  1.00 31.51 ? 183 LYS A CB  1 
ATOM 1365 C CG  . LYS A 1 315 ? 17.080  1.981   -0.981  1.00 31.51 ? 183 LYS A CG  1 
ATOM 1366 C CD  . LYS A 1 315 ? 17.538  0.533   -0.925  1.00 31.51 ? 183 LYS A CD  1 
ATOM 1367 C CE  . LYS A 1 315 ? 18.424  0.189   -2.109  1.00 31.51 ? 183 LYS A CE  1 
ATOM 1368 N NZ  . LYS A 1 315 ? 17.717  0.381   -3.403  1.00 31.51 ? 183 LYS A NZ  1 
ATOM 1369 N N   . GLY A 1 316 ? 16.943  5.588   -2.903  1.00 33.20 ? 184 GLY A N   1 
ATOM 1370 C CA  . GLY A 1 316 ? 17.665  6.512   -3.749  1.00 33.20 ? 184 GLY A CA  1 
ATOM 1371 C C   . GLY A 1 316 ? 17.535  7.922   -3.211  1.00 33.20 ? 184 GLY A C   1 
ATOM 1372 O O   . GLY A 1 316 ? 17.006  8.147   -2.127  1.00 33.20 ? 184 GLY A O   1 
ATOM 1373 N N   . THR A 1 317 ? 18.043  8.868   -3.994  1.00 34.23 ? 185 THR A N   1 
ATOM 1374 C CA  . THR A 1 317 ? 17.923  10.289  -3.691  1.00 34.23 ? 185 THR A CA  1 
ATOM 1375 C C   . THR A 1 317 ? 16.741  10.889  -4.455  1.00 34.23 ? 185 THR A C   1 
ATOM 1376 O O   . THR A 1 317 ? 16.396  10.408  -5.539  1.00 34.23 ? 185 THR A O   1 
ATOM 1377 C CB  . THR A 1 317 ? 19.218  11.021  -4.043  1.00 34.23 ? 185 THR A CB  1 
ATOM 1378 O OG1 . THR A 1 317 ? 19.130  12.397  -3.655  1.00 34.23 ? 185 THR A OG1 1 
ATOM 1379 C CG2 . THR A 1 317 ? 19.526  10.916  -5.518  1.00 34.23 ? 185 THR A CG2 1 
ATOM 1380 N N   . PRO A 1 318 ? 16.077  11.919  -3.909  1.00 33.91 ? 186 PRO A N   1 
ATOM 1381 C CA  . PRO A 1 318 ? 14.812  12.385  -4.498  1.00 33.91 ? 186 PRO A CA  1 
ATOM 1382 C C   . PRO A 1 318 ? 14.863  12.797  -5.963  1.00 33.91 ? 186 PRO A C   1 
ATOM 1383 O O   . PRO A 1 318 ? 13.814  13.070  -6.554  1.00 33.91 ? 186 PRO A O   1 
ATOM 1384 C CB  . PRO A 1 318 ? 14.450  13.577  -3.608  1.00 33.91 ? 186 PRO A CB  1 
ATOM 1385 C CG  . PRO A 1 318 ? 14.984  13.202  -2.292  1.00 33.91 ? 186 PRO A CG  1 
ATOM 1386 C CD  . PRO A 1 318 ? 16.281  12.487  -2.565  1.00 33.91 ? 186 PRO A CD  1 
ATOM 1387 N N   . VAL A 1 319 ? 16.049  12.857  -6.573  1.00 34.55 ? 187 VAL A N   1 
ATOM 1388 C CA  . VAL A 1 319 ? 16.140  13.148  -7.999  1.00 34.55 ? 187 VAL A CA  1 
ATOM 1389 C C   . VAL A 1 319 ? 16.065  11.885  -8.845  1.00 34.55 ? 187 VAL A C   1 
ATOM 1390 O O   . VAL A 1 319 ? 15.724  11.962  -10.032 1.00 34.55 ? 187 VAL A O   1 
ATOM 1391 C CB  . VAL A 1 319 ? 17.418  13.949  -8.324  1.00 34.55 ? 187 VAL A CB  1 
ATOM 1392 C CG1 . VAL A 1 319 ? 18.659  13.119  -8.075  1.00 34.55 ? 187 VAL A CG1 1 
ATOM 1393 C CG2 . VAL A 1 319 ? 17.390  14.481  -9.749  1.00 34.55 ? 187 VAL A CG2 1 
ATOM 1394 N N   . GLU A 1 320 ? 16.352  10.719  -8.264  1.00 34.48 ? 188 GLU A N   1 
ATOM 1395 C CA  . GLU A 1 320 ? 16.166  9.445   -8.948  1.00 34.48 ? 188 GLU A CA  1 
ATOM 1396 C C   . GLU A 1 320 ? 14.993  8.642   -8.416  1.00 34.48 ? 188 GLU A C   1 
ATOM 1397 O O   . GLU A 1 320 ? 14.502  7.758   -9.117  1.00 34.48 ? 188 GLU A O   1 
ATOM 1398 C CB  . GLU A 1 320 ? 17.434  8.590   -8.857  1.00 34.48 ? 188 GLU A CB  1 
ATOM 1399 C CG  . GLU A 1 320 ? 17.972  8.420   -7.457  1.00 34.48 ? 188 GLU A CG  1 
ATOM 1400 C CD  . GLU A 1 320 ? 19.161  7.486   -7.404  1.00 34.48 ? 188 GLU A CD  1 
ATOM 1401 O OE1 . GLU A 1 320 ? 19.092  6.470   -6.683  1.00 34.48 ? 188 GLU A OE1 1 
ATOM 1402 O OE2 . GLU A 1 320 ? 20.167  7.768   -8.088  1.00 34.48 ? 188 GLU A OE2 1 
ATOM 1403 N N   . VAL A 1 321 ? 14.524  8.933   -7.203  1.00 33.32 ? 189 VAL A N   1 
ATOM 1404 C CA  . VAL A 1 321 ? 13.278  8.332   -6.739  1.00 33.32 ? 189 VAL A CA  1 
ATOM 1405 C C   . VAL A 1 321 ? 12.130  8.740   -7.652  1.00 33.32 ? 189 VAL A C   1 
ATOM 1406 O O   . VAL A 1 321 ? 11.316  7.904   -8.063  1.00 33.32 ? 189 VAL A O   1 
ATOM 1407 C CB  . VAL A 1 321 ? 13.002  8.725   -5.279  1.00 33.32 ? 189 VAL A CB  1 
ATOM 1408 C CG1 . VAL A 1 321 ? 11.557  8.462   -4.931  1.00 33.32 ? 189 VAL A CG1 1 
ATOM 1409 C CG2 . VAL A 1 321 ? 13.913  7.963   -4.349  1.00 33.32 ? 189 VAL A CG2 1 
ATOM 1410 N N   . ALA A 1 322 ? 12.056  10.027  -7.997  1.00 34.20 ? 190 ALA A N   1 
ATOM 1411 C CA  . ALA A 1 322 ? 11.060  10.497  -8.950  1.00 34.20 ? 190 ALA A CA  1 
ATOM 1412 C C   . ALA A 1 322 ? 11.247  9.881   -10.326 1.00 34.20 ? 190 ALA A C   1 
ATOM 1413 O O   . ALA A 1 322 ? 10.255  9.568   -10.990 1.00 34.20 ? 190 ALA A O   1 
ATOM 1414 C CB  . ALA A 1 322 ? 11.110  12.019  -9.055  1.00 34.20 ? 190 ALA A CB  1 
ATOM 1415 N N   . GLU A 1 323 ? 12.486  9.707   -10.772 1.00 35.94 ? 191 GLU A N   1 
ATOM 1416 C CA  . GLU A 1 323 ? 12.752  9.058   -12.046 1.00 35.94 ? 191 GLU A CA  1 
ATOM 1417 C C   . GLU A 1 323 ? 12.288  7.611   -12.076 1.00 35.94 ? 191 GLU A C   1 
ATOM 1418 O O   . GLU A 1 323 ? 11.740  7.178   -13.094 1.00 35.94 ? 191 GLU A O   1 
ATOM 1419 C CB  . GLU A 1 323 ? 14.247  9.121   -12.369 1.00 35.94 ? 191 GLU A CB  1 
ATOM 1420 C CG  . GLU A 1 323 ? 14.604  8.672   -13.777 1.00 35.94 ? 191 GLU A CG  1 
ATOM 1421 C CD  . GLU A 1 323 ? 14.754  7.169   -13.896 1.00 35.94 ? 191 GLU A CD  1 
ATOM 1422 O OE1 . GLU A 1 323 ? 15.123  6.529   -12.889 1.00 35.94 ? 191 GLU A OE1 1 
ATOM 1423 O OE2 . GLU A 1 323 ? 14.494  6.627   -14.990 1.00 35.94 ? 191 GLU A OE2 1 
ATOM 1424 N N   . LYS A 1 324 ? 12.500  6.854   -11.000 1.00 33.89 ? 192 LYS A N   1 
ATOM 1425 C CA  . LYS A 1 324 ? 11.977  5.496   -10.900 1.00 33.89 ? 192 LYS A CA  1 
ATOM 1426 C C   . LYS A 1 324 ? 10.454  5.492   -10.834 1.00 33.89 ? 192 LYS A C   1 
ATOM 1427 O O   . LYS A 1 324 ? 9.812   4.639   -11.444 1.00 33.89 ? 192 LYS A O   1 
ATOM 1428 C CB  . LYS A 1 324 ? 12.562  4.763   -9.686  1.00 33.89 ? 192 LYS A CB  1 
ATOM 1429 C CG  . LYS A 1 324 ? 14.046  4.483   -9.785  1.00 33.89 ? 192 LYS A CG  1 
ATOM 1430 C CD  . LYS A 1 324 ? 14.513  3.614   -8.633  1.00 33.89 ? 192 LYS A CD  1 
ATOM 1431 C CE  . LYS A 1 324 ? 14.571  4.392   -7.338  1.00 33.89 ? 192 LYS A CE  1 
ATOM 1432 N NZ  . LYS A 1 324 ? 15.132  3.568   -6.236  1.00 33.89 ? 192 LYS A NZ  1 
ATOM 1433 N N   . ALA A 1 325 ? 9.862   6.443   -10.110 1.00 34.57 ? 193 ALA A N   1 
ATOM 1434 C CA  . ALA A 1 325 ? 8.407   6.508   -10.045 1.00 34.57 ? 193 ALA A CA  1 
ATOM 1435 C C   . ALA A 1 325 ? 7.802   6.772   -11.417 1.00 34.57 ? 193 ALA A C   1 
ATOM 1436 O O   . ALA A 1 325 ? 6.801   6.153   -11.792 1.00 34.57 ? 193 ALA A O   1 
ATOM 1437 C CB  . ALA A 1 325 ? 7.972   7.579   -9.048  1.00 34.57 ? 193 ALA A CB  1 
ATOM 1438 N N   . LYS A 1 326 ? 8.400   7.679   -12.184 1.00 35.08 ? 194 LYS A N   1 
ATOM 1439 C CA  . LYS A 1 326 ? 7.906   7.985   -13.519 1.00 35.08 ? 194 LYS A CA  1 
ATOM 1440 C C   . LYS A 1 326 ? 8.096   6.836   -14.498 1.00 35.08 ? 194 LYS A C   1 
ATOM 1441 O O   . LYS A 1 326 ? 7.227   6.624   -15.349 1.00 35.08 ? 194 LYS A O   1 
ATOM 1442 C CB  . LYS A 1 326 ? 8.590   9.247   -14.054 1.00 35.08 ? 194 LYS A CB  1 
ATOM 1443 C CG  . LYS A 1 326 ? 8.122   9.696   -15.430 1.00 35.08 ? 194 LYS A CG  1 
ATOM 1444 C CD  . LYS A 1 326 ? 9.093   9.273   -16.521 1.00 35.08 ? 194 LYS A CD  1 
ATOM 1445 C CE  . LYS A 1 326 ? 10.455  9.911   -16.315 1.00 35.08 ? 194 LYS A CE  1 
ATOM 1446 N NZ  . LYS A 1 326 ? 11.473  9.380   -17.262 1.00 35.08 ? 194 LYS A NZ  1 
ATOM 1447 N N   . ALA A 1 327 ? 9.196   6.096   -14.405 1.00 35.21 ? 195 ALA A N   1 
ATOM 1448 C CA  . ALA A 1 327 ? 9.425   4.936   -15.253 1.00 35.21 ? 195 ALA A CA  1 
ATOM 1449 C C   . ALA A 1 327 ? 8.732   3.688   -14.732 1.00 35.21 ? 195 ALA A C   1 
ATOM 1450 O O   . ALA A 1 327 ? 8.771   2.647   -15.395 1.00 35.21 ? 195 ALA A O   1 
ATOM 1451 C CB  . ALA A 1 327 ? 10.925  4.669   -15.397 1.00 35.21 ? 195 ALA A CB  1 
ATOM 1452 N N   . PHE A 1 328 ? 8.114   3.766   -13.558 1.00 34.96 ? 196 PHE A N   1 
ATOM 1453 C CA  . PHE A 1 328 ? 7.435   2.636   -12.948 1.00 34.96 ? 196 PHE A CA  1 
ATOM 1454 C C   . PHE A 1 328 ? 5.924   2.745   -12.993 1.00 34.96 ? 196 PHE A C   1 
ATOM 1455 O O   . PHE A 1 328 ? 5.245   1.721   -12.938 1.00 34.96 ? 196 PHE A O   1 
ATOM 1456 C CB  . PHE A 1 328 ? 7.876   2.499   -11.487 1.00 34.96 ? 196 PHE A CB  1 
ATOM 1457 C CG  . PHE A 1 328 ? 7.710   1.128   -10.926 1.00 34.96 ? 196 PHE A CG  1 
ATOM 1458 C CD1 . PHE A 1 328 ? 8.563   0.113   -11.298 1.00 34.96 ? 196 PHE A CD1 1 
ATOM 1459 C CD2 . PHE A 1 328 ? 6.716   0.853   -10.019 1.00 34.96 ? 196 PHE A CD2 1 
ATOM 1460 C CE1 . PHE A 1 328 ? 8.424   -1.150  -10.783 1.00 34.96 ? 196 PHE A CE1 1 
ATOM 1461 C CE2 . PHE A 1 328 ? 6.567   -0.411  -9.500  1.00 34.96 ? 196 PHE A CE2 1 
ATOM 1462 C CZ  . PHE A 1 328 ? 7.424   -1.414  -9.881  1.00 34.96 ? 196 PHE A CZ  1 
ATOM 1463 N N   . VAL A 1 329 ? 5.380   3.960   -13.083 1.00 36.05 ? 197 VAL A N   1 
ATOM 1464 C CA  . VAL A 1 329 ? 3.944   4.147   -13.249 1.00 36.05 ? 197 VAL A CA  1 
ATOM 1465 C C   . VAL A 1 329 ? 3.559   4.176   -14.723 1.00 36.05 ? 197 VAL A C   1 
ATOM 1466 O O   . VAL A 1 329 ? 2.371   4.182   -15.054 1.00 36.05 ? 197 VAL A O   1 
ATOM 1467 C CB  . VAL A 1 329 ? 3.464   5.420   -12.531 1.00 36.05 ? 197 VAL A CB  1 
ATOM 1468 C CG1 . VAL A 1 329 ? 4.009   6.654   -13.222 1.00 36.05 ? 197 VAL A CG1 1 
ATOM 1469 C CG2 . VAL A 1 329 ? 1.944   5.462   -12.395 1.00 36.05 ? 197 VAL A CG2 1 
ATOM 1470 N N   . GLU A 1 330 ? 4.543   4.176   -15.622 1.00 38.69 ? 198 GLU A N   1 
ATOM 1471 C CA  . GLU A 1 330 ? 4.270   4.084   -17.046 1.00 38.69 ? 198 GLU A CA  1 
ATOM 1472 C C   . GLU A 1 330 ? 4.344   2.666   -17.587 1.00 38.69 ? 198 GLU A C   1 
ATOM 1473 O O   . GLU A 1 330 ? 3.585   2.339   -18.505 1.00 38.69 ? 198 GLU A O   1 
ATOM 1474 C CB  . GLU A 1 330 ? 5.232   4.982   -17.846 1.00 38.69 ? 198 GLU A CB  1 
ATOM 1475 C CG  . GLU A 1 330 ? 6.676   4.512   -17.895 1.00 38.69 ? 198 GLU A CG  1 
ATOM 1476 C CD  . GLU A 1 330 ? 6.947   3.585   -19.065 1.00 38.69 ? 198 GLU A CD  1 
ATOM 1477 O OE1 . GLU A 1 330 ? 6.165   3.615   -20.037 1.00 38.69 ? 198 GLU A OE1 1 
ATOM 1478 O OE2 . GLU A 1 330 ? 7.936   2.826   -19.012 1.00 38.69 ? 198 GLU A OE2 1 
ATOM 1479 N N   . LYS A 1 331 ? 5.218   1.814   -17.049 1.00 38.29 ? 199 LYS A N   1 
ATOM 1480 C CA  . LYS A 1 331 ? 5.198   0.405   -17.414 1.00 38.29 ? 199 LYS A CA  1 
ATOM 1481 C C   . LYS A 1 331 ? 3.953   -0.290  -16.882 1.00 38.29 ? 199 LYS A C   1 
ATOM 1482 O O   . LYS A 1 331 ? 3.416   -1.190  -17.535 1.00 38.29 ? 199 LYS A O   1 
ATOM 1483 C CB  . LYS A 1 331 ? 6.453   -0.301  -16.902 1.00 38.29 ? 199 LYS A CB  1 
ATOM 1484 C CG  . LYS A 1 331 ? 6.566   -1.737  -17.366 1.00 38.29 ? 199 LYS A CG  1 
ATOM 1485 C CD  . LYS A 1 331 ? 7.493   -2.540  -16.486 1.00 38.29 ? 199 LYS A CD  1 
ATOM 1486 C CE  . LYS A 1 331 ? 8.191   -3.614  -17.297 1.00 38.29 ? 199 LYS A CE  1 
ATOM 1487 N NZ  . LYS A 1 331 ? 9.038   -3.026  -18.369 1.00 38.29 ? 199 LYS A NZ  1 
ATOM 1488 N N   . ILE A 1 332 ? 3.486   0.119   -15.701 1.00 35.95 ? 200 ILE A N   1 
ATOM 1489 C CA  . ILE A 1 332 ? 2.198   -0.354  -15.200 1.00 35.95 ? 200 ILE A CA  1 
ATOM 1490 C C   . ILE A 1 332 ? 1.093   0.011   -16.179 1.00 35.95 ? 200 ILE A C   1 
ATOM 1491 O O   . ILE A 1 332 ? 0.237   -0.813  -16.522 1.00 35.95 ? 200 ILE A O   1 
ATOM 1492 C CB  . ILE A 1 332 ? 1.918   0.231   -13.806 1.00 35.95 ? 200 ILE A CB  1 
ATOM 1493 C CG1 . ILE A 1 332 ? 2.710   -0.521  -12.746 1.00 35.95 ? 200 ILE A CG1 1 
ATOM 1494 C CG2 . ILE A 1 332 ? 0.436   0.206   -13.493 1.00 35.95 ? 200 ILE A CG2 1 
ATOM 1495 C CD1 . ILE A 1 332 ? 2.488   0.008   -11.363 1.00 35.95 ? 200 ILE A CD1 1 
ATOM 1496 N N   . ARG A 1 333 ? 1.102   1.258   -16.648 1.00 40.31 ? 201 ARG A N   1 
ATOM 1497 C CA  . ARG A 1 333 ? 0.063   1.718   -17.561 1.00 40.31 ? 201 ARG A CA  1 
ATOM 1498 C C   . ARG A 1 333 ? 0.109   0.944   -18.872 1.00 40.31 ? 201 ARG A C   1 
ATOM 1499 O O   . ARG A 1 333 ? -0.904  0.397   -19.322 1.00 40.31 ? 201 ARG A O   1 
ATOM 1500 C CB  . ARG A 1 333 ? 0.228   3.217   -17.803 1.00 40.31 ? 201 ARG A CB  1 
ATOM 1501 C CG  . ARG A 1 333 ? -0.802  4.075   -17.092 1.00 40.31 ? 201 ARG A CG  1 
ATOM 1502 C CD  . ARG A 1 333 ? -0.590  5.548   -17.392 1.00 40.31 ? 201 ARG A CD  1 
ATOM 1503 N NE  . ARG A 1 333 ? -1.402  6.397   -16.529 1.00 40.31 ? 201 ARG A NE  1 
ATOM 1504 C CZ  . ARG A 1 333 ? -1.065  7.623   -16.153 1.00 40.31 ? 201 ARG A CZ  1 
ATOM 1505 N NH1 . ARG A 1 333 ? 0.066   8.183   -16.552 1.00 40.31 ? 201 ARG A NH1 1 
ATOM 1506 N NH2 . ARG A 1 333 ? -1.880  8.303   -15.352 1.00 40.31 ? 201 ARG A NH2 1 
ATOM 1507 N N   . GLY A 1 334 ? 1.280   0.889   -19.502 1.00 42.93 ? 202 GLY A N   1 
ATOM 1508 C CA  . GLY A 1 334 ? 1.423   0.185   -20.761 1.00 42.93 ? 202 GLY A CA  1 
ATOM 1509 C C   . GLY A 1 334 ? 1.649   -1.313  -20.678 1.00 42.93 ? 202 GLY A C   1 
ATOM 1510 O O   . GLY A 1 334 ? 0.770   -2.096  -21.051 1.00 42.93 ? 202 GLY A O   1 
ATOM 1511 N N   . CYS A 1 335 ? 2.803   -1.716  -20.147 1.00 44.03 ? 203 CYS A N   1 
ATOM 1512 C CA  . CYS A 1 335 ? 3.337   -3.073  -20.315 1.00 44.03 ? 203 CYS A CA  1 
ATOM 1513 C C   . CYS A 1 335 ? 3.093   -3.606  -21.724 1.00 44.03 ? 203 CYS A C   1 
ATOM 1514 O O   . CYS A 1 335 ? 2.140   -4.349  -21.962 1.00 44.03 ? 203 CYS A O   1 
ATOM 1515 C CB  . CYS A 1 335 ? 2.750   -4.048  -19.286 1.00 44.03 ? 203 CYS A CB  1 
ATOM 1516 S SG  . CYS A 1 335 ? 3.485   -5.720  -19.395 1.00 44.03 ? 203 CYS A SG  1 
# 
